data_1ZXV
#
_entry.id   1ZXV
#
_cell.length_a   95.960
_cell.length_b   136.650
_cell.length_c   97.900
_cell.angle_alpha   90.00
_cell.angle_beta   98.23
_cell.angle_gamma   90.00
#
_symmetry.space_group_name_H-M   'P 1 21 1'
#
loop_
_entity.id
_entity.type
_entity.pdbx_description
1 polymer 'lethal factor'
2 non-polymer 'ZINC ION'
3 non-polymer '(E)-3-(5((5-(4-CHLOROPHENYL)FURAN-2-YL)METHYLENE)-4-OXO-2-THIOXOTHIAZOLIDIN-3-YL)PROPANOIC ACID'
#
_entity_poly.entity_id   1
_entity_poly.type   'polypeptide(L)'
_entity_poly.pdbx_seq_one_letter_code
;AGGHGDVGMHVKEKEKNKDENKRKDEERNKTQEEHLKEIMKHIVKIEVKGEEAVKKEAAEKLLEKVPSDVLEMYKAIGGK
IYIVDGDITKHISLEALSEDKKKIKDIYGKDALLHEHYVYAKEGYEPVLVIQSSEDYVENTEKALNVYYEIGKILSRDIL
SKINQPYQKFLDVLNTIKNASDSDGQDLLFTNQLKEHPTDFSVEFLEQNSNEVQEVFAKAFAYYIEPQHRDVLQLYAPEA
FNYMDKFNEQEINLSLEELKDQRMLSRYEKWEKIKQHYQHWSDSLSEEGRGLLKKLQIPIEPKKDDIIHSLSQEEKELLK
RIQIDSSDFLSTEEKEFLKKLQIDIRDSLSEEEKELLNRIQVDSSNPLSEKEKEFLKKLKLDIQPYDINQRLQDTGGLID
SPSINLDVRKQYKRDIQNIDALLHQSIGSTLYNKIYLYENMNINNLTATLGADLVDSTDNTKINRGIFNEFKKNFKYSIS
SNYMIVDINERPALDNERLKWRIQLSPDTRAGYLENGKLILQRNIGLEIKDVQIIKQSEKEYIRIDAKVVPKSKIDTKIQ
EAQLNINQEWNKALGLPKYTKLITFNVHNRYASNIVESAYLILNEWKNNIQSDLIKKVTNYLVDGNGRFVFTDITLPNIA
EQYTHQDEIYEQVHSKGLYVPESRSILLHGPSKGVELRNDSEGFIHEFGHAVDDYAGYLLDKNQSDLVTNSKKFIDIFKE
EGSNLTSYGRTNEAEFFAEAFRLMHSTDHAERLKVQKNAPKTFQFINDQIKFIINS
;
_entity_poly.pdbx_strand_id   A,B
#
# COMPACT_ATOMS: atom_id res chain seq x y z
N GLU A 27 -23.86 -30.29 -18.30
CA GLU A 27 -24.10 -30.87 -16.94
C GLU A 27 -23.21 -32.08 -16.68
N ARG A 28 -21.96 -32.04 -17.14
CA ARG A 28 -21.03 -33.14 -16.87
C ARG A 28 -20.82 -33.15 -15.36
N ASN A 29 -21.94 -33.24 -14.64
CA ASN A 29 -21.98 -33.24 -13.18
C ASN A 29 -21.73 -34.60 -12.58
N LYS A 30 -21.82 -35.66 -13.40
CA LYS A 30 -21.55 -36.96 -12.84
C LYS A 30 -20.19 -36.83 -12.17
N THR A 31 -19.30 -36.02 -12.77
CA THR A 31 -17.96 -35.80 -12.22
C THR A 31 -18.07 -35.06 -10.88
N GLN A 32 -19.14 -34.28 -10.73
CA GLN A 32 -19.40 -33.53 -9.48
C GLN A 32 -19.74 -34.53 -8.39
N GLU A 33 -20.38 -35.64 -8.78
CA GLU A 33 -20.73 -36.71 -7.84
C GLU A 33 -19.44 -37.51 -7.62
N GLU A 34 -18.71 -37.78 -8.70
CA GLU A 34 -17.45 -38.52 -8.63
C GLU A 34 -16.43 -37.67 -7.87
N HIS A 35 -16.50 -36.35 -8.07
CA HIS A 35 -15.57 -35.46 -7.38
C HIS A 35 -16.02 -35.36 -5.94
N LEU A 36 -17.35 -35.37 -5.73
CA LEU A 36 -17.90 -35.33 -4.39
C LEU A 36 -17.52 -36.68 -3.79
N LYS A 37 -17.35 -37.67 -4.66
CA LYS A 37 -16.96 -39.02 -4.24
C LYS A 37 -15.49 -39.01 -3.83
N GLU A 38 -14.63 -38.44 -4.67
CA GLU A 38 -13.21 -38.40 -4.37
C GLU A 38 -12.92 -37.51 -3.17
N ILE A 39 -13.70 -36.44 -3.03
CA ILE A 39 -13.52 -35.51 -1.91
C ILE A 39 -13.84 -36.24 -0.62
N MET A 40 -14.95 -36.98 -0.61
CA MET A 40 -15.36 -37.75 0.55
C MET A 40 -14.21 -38.69 0.91
N LYS A 41 -13.66 -39.31 -0.13
CA LYS A 41 -12.56 -40.25 -0.01
C LYS A 41 -11.48 -39.83 0.99
N HIS A 42 -11.02 -38.58 0.87
CA HIS A 42 -9.98 -38.06 1.75
C HIS A 42 -10.46 -37.65 3.14
N ILE A 43 -11.42 -36.75 3.19
CA ILE A 43 -11.91 -36.23 4.46
C ILE A 43 -12.82 -37.15 5.27
N VAL A 44 -13.67 -37.92 4.59
CA VAL A 44 -14.58 -38.82 5.29
C VAL A 44 -13.92 -40.11 5.77
N LYS A 45 -13.86 -40.26 7.09
CA LYS A 45 -13.25 -41.43 7.72
C LYS A 45 -14.30 -42.19 8.55
N ILE A 46 -14.74 -43.35 8.05
CA ILE A 46 -15.75 -44.15 8.75
C ILE A 46 -15.10 -45.04 9.80
N GLU A 47 -15.70 -45.09 10.99
CA GLU A 47 -15.15 -45.91 12.06
C GLU A 47 -16.28 -46.42 12.97
N VAL A 48 -16.97 -47.46 12.52
CA VAL A 48 -18.07 -48.05 13.28
C VAL A 48 -17.94 -49.55 13.52
N LYS A 49 -18.92 -50.09 14.25
CA LYS A 49 -19.02 -51.50 14.62
C LYS A 49 -18.46 -52.42 13.53
N GLY A 50 -19.32 -52.82 12.61
CA GLY A 50 -18.93 -53.69 11.52
C GLY A 50 -19.87 -53.46 10.36
N GLU A 51 -20.99 -52.82 10.65
CA GLU A 51 -22.01 -52.51 9.65
C GLU A 51 -21.51 -51.47 8.67
N GLU A 52 -20.20 -51.40 8.49
CA GLU A 52 -19.60 -50.45 7.56
C GLU A 52 -20.08 -50.70 6.15
N ALA A 53 -21.21 -50.10 5.82
CA ALA A 53 -21.84 -50.21 4.50
C ALA A 53 -23.20 -49.53 4.64
N VAL A 54 -23.94 -49.93 5.67
CA VAL A 54 -25.25 -49.35 5.95
C VAL A 54 -25.01 -47.99 6.61
N LYS A 55 -23.89 -47.88 7.33
CA LYS A 55 -23.49 -46.65 8.01
C LYS A 55 -22.74 -45.75 7.05
N LYS A 56 -21.70 -46.31 6.42
CA LYS A 56 -20.88 -45.58 5.46
C LYS A 56 -21.71 -44.93 4.36
N GLU A 57 -22.68 -45.66 3.82
CA GLU A 57 -23.51 -45.12 2.76
C GLU A 57 -24.64 -44.26 3.34
N ALA A 58 -24.75 -44.25 4.67
CA ALA A 58 -25.77 -43.45 5.34
C ALA A 58 -25.28 -42.00 5.45
N ALA A 59 -23.99 -41.86 5.75
CA ALA A 59 -23.36 -40.56 5.87
C ALA A 59 -23.19 -39.98 4.47
N GLU A 60 -23.15 -40.84 3.47
CA GLU A 60 -23.00 -40.39 2.09
C GLU A 60 -24.27 -39.63 1.72
N LYS A 61 -25.40 -40.15 2.17
CA LYS A 61 -26.68 -39.52 1.89
C LYS A 61 -26.87 -38.26 2.69
N LEU A 62 -26.29 -38.24 3.89
CA LEU A 62 -26.38 -37.07 4.76
C LEU A 62 -25.56 -35.89 4.26
N LEU A 63 -24.34 -36.17 3.83
CA LEU A 63 -23.43 -35.13 3.34
C LEU A 63 -23.67 -34.73 1.89
N GLU A 64 -24.46 -35.51 1.16
CA GLU A 64 -24.72 -35.21 -0.24
C GLU A 64 -25.53 -33.92 -0.35
N LYS A 65 -26.33 -33.66 0.67
CA LYS A 65 -27.17 -32.47 0.72
C LYS A 65 -26.35 -31.18 0.79
N VAL A 66 -25.10 -31.31 1.18
CA VAL A 66 -24.20 -30.18 1.32
C VAL A 66 -23.53 -29.83 -0.01
N PRO A 67 -23.32 -28.53 -0.28
CA PRO A 67 -22.67 -28.14 -1.53
C PRO A 67 -21.25 -28.70 -1.55
N SER A 68 -20.92 -29.45 -2.60
CA SER A 68 -19.61 -30.06 -2.74
C SER A 68 -18.44 -29.15 -2.36
N ASP A 69 -18.51 -27.92 -2.85
CA ASP A 69 -17.47 -26.94 -2.61
C ASP A 69 -17.22 -26.57 -1.15
N VAL A 70 -18.14 -26.90 -0.25
CA VAL A 70 -17.86 -26.57 1.15
C VAL A 70 -17.04 -27.72 1.73
N LEU A 71 -17.24 -28.92 1.19
CA LEU A 71 -16.50 -30.09 1.64
C LEU A 71 -15.06 -29.92 1.21
N GLU A 72 -14.84 -29.39 0.02
CA GLU A 72 -13.46 -29.19 -0.43
C GLU A 72 -12.79 -28.03 0.32
N MET A 73 -13.57 -27.05 0.74
CA MET A 73 -13.00 -25.93 1.48
C MET A 73 -12.56 -26.51 2.83
N TYR A 74 -13.39 -27.37 3.42
CA TYR A 74 -13.06 -27.97 4.71
C TYR A 74 -11.78 -28.77 4.61
N LYS A 75 -11.57 -29.41 3.46
CA LYS A 75 -10.37 -30.21 3.25
C LYS A 75 -9.19 -29.28 3.16
N ALA A 76 -9.40 -28.16 2.47
CA ALA A 76 -8.37 -27.15 2.26
C ALA A 76 -7.78 -26.68 3.58
N ILE A 77 -8.63 -26.47 4.58
CA ILE A 77 -8.16 -26.02 5.88
C ILE A 77 -7.75 -27.19 6.78
N GLY A 78 -7.49 -28.34 6.15
CA GLY A 78 -7.06 -29.52 6.88
C GLY A 78 -8.07 -30.25 7.74
N GLY A 79 -9.35 -29.92 7.58
CA GLY A 79 -10.39 -30.58 8.37
C GLY A 79 -10.72 -31.99 7.93
N LYS A 80 -11.33 -32.75 8.84
CA LYS A 80 -11.71 -34.14 8.57
C LYS A 80 -13.06 -34.50 9.20
N ILE A 81 -13.73 -35.47 8.59
CA ILE A 81 -15.03 -35.90 9.09
C ILE A 81 -14.98 -37.35 9.57
N TYR A 82 -15.46 -37.58 10.78
CA TYR A 82 -15.50 -38.91 11.35
C TYR A 82 -16.93 -39.33 11.69
N ILE A 83 -17.34 -40.50 11.19
CA ILE A 83 -18.66 -41.05 11.48
C ILE A 83 -18.41 -42.17 12.49
N VAL A 84 -18.74 -41.90 13.76
CA VAL A 84 -18.50 -42.88 14.82
C VAL A 84 -19.76 -43.33 15.55
N ASP A 85 -19.58 -44.32 16.41
CA ASP A 85 -20.65 -44.88 17.22
C ASP A 85 -20.49 -44.48 18.68
N GLY A 86 -21.62 -44.44 19.39
CA GLY A 86 -21.62 -44.10 20.80
C GLY A 86 -21.23 -42.68 21.16
N ASP A 87 -20.99 -42.47 22.45
CA ASP A 87 -20.62 -41.17 23.00
C ASP A 87 -19.40 -40.55 22.29
N ILE A 88 -19.70 -39.75 21.26
CA ILE A 88 -18.69 -39.06 20.44
C ILE A 88 -17.49 -38.47 21.19
N THR A 89 -17.71 -37.97 22.40
CA THR A 89 -16.62 -37.38 23.18
C THR A 89 -15.56 -38.42 23.49
N LYS A 90 -15.87 -39.67 23.14
CA LYS A 90 -14.95 -40.78 23.38
C LYS A 90 -13.85 -40.81 22.31
N HIS A 91 -14.21 -40.49 21.06
CA HIS A 91 -13.27 -40.49 19.95
C HIS A 91 -11.96 -39.74 20.23
N ILE A 92 -10.88 -40.25 19.63
CA ILE A 92 -9.54 -39.70 19.77
C ILE A 92 -9.46 -38.17 19.64
N SER A 93 -9.89 -37.67 18.48
CA SER A 93 -9.86 -36.24 18.17
C SER A 93 -10.58 -35.30 19.13
N LEU A 94 -11.49 -35.82 19.96
CA LEU A 94 -12.22 -34.96 20.88
C LEU A 94 -11.88 -35.17 22.36
N GLU A 95 -10.84 -35.93 22.64
CA GLU A 95 -10.46 -36.16 24.02
C GLU A 95 -9.74 -34.95 24.57
N ALA A 96 -8.95 -34.32 23.70
CA ALA A 96 -8.20 -33.13 24.09
C ALA A 96 -9.16 -31.97 24.27
N LEU A 97 -10.43 -32.29 24.53
CA LEU A 97 -11.42 -31.24 24.70
C LEU A 97 -11.54 -30.73 26.11
N SER A 98 -11.22 -29.45 26.28
CA SER A 98 -11.38 -28.81 27.58
C SER A 98 -12.78 -29.29 27.89
N GLU A 99 -13.01 -29.86 29.06
CA GLU A 99 -14.34 -30.39 29.29
C GLU A 99 -15.49 -29.39 29.14
N ASP A 100 -15.29 -28.12 29.49
CA ASP A 100 -16.41 -27.20 29.36
C ASP A 100 -16.97 -27.15 27.93
N LYS A 101 -16.13 -27.39 26.94
CA LYS A 101 -16.58 -27.39 25.54
C LYS A 101 -17.43 -28.62 25.28
N LYS A 102 -17.68 -29.40 26.32
CA LYS A 102 -18.47 -30.63 26.21
C LYS A 102 -19.98 -30.36 26.34
N LYS A 103 -20.35 -29.09 26.44
CA LYS A 103 -21.76 -28.72 26.55
C LYS A 103 -22.08 -27.67 25.48
N ILE A 104 -22.71 -28.12 24.41
CA ILE A 104 -23.04 -27.24 23.29
C ILE A 104 -24.47 -26.73 23.34
N LYS A 105 -24.94 -26.27 22.20
CA LYS A 105 -26.29 -25.78 22.02
C LYS A 105 -26.74 -26.24 20.64
N ASP A 106 -27.99 -26.66 20.54
CA ASP A 106 -28.52 -27.11 19.27
C ASP A 106 -29.01 -25.93 18.45
N ILE A 107 -29.51 -26.22 17.26
CA ILE A 107 -30.00 -25.19 16.35
C ILE A 107 -30.98 -24.27 17.08
N TYR A 108 -31.77 -24.83 17.99
CA TYR A 108 -32.78 -24.05 18.71
C TYR A 108 -32.30 -23.32 19.96
N GLY A 109 -31.03 -23.50 20.31
CA GLY A 109 -30.47 -22.81 21.46
C GLY A 109 -30.63 -23.50 22.80
N LYS A 110 -31.10 -24.75 22.79
CA LYS A 110 -31.26 -25.49 24.03
C LYS A 110 -29.98 -26.24 24.34
N ASP A 111 -29.45 -26.03 25.54
CA ASP A 111 -28.20 -26.66 25.97
C ASP A 111 -28.27 -28.18 25.92
N ALA A 112 -27.13 -28.79 25.63
CA ALA A 112 -27.04 -30.25 25.55
C ALA A 112 -25.67 -30.70 26.04
N LEU A 113 -25.44 -32.00 25.98
CA LEU A 113 -24.17 -32.55 26.43
C LEU A 113 -23.54 -33.40 25.34
N LEU A 114 -22.31 -33.02 24.96
CA LEU A 114 -21.61 -33.74 23.92
C LEU A 114 -21.66 -35.24 24.09
N HIS A 115 -21.52 -35.73 25.33
CA HIS A 115 -21.55 -37.16 25.57
C HIS A 115 -22.98 -37.70 25.43
N GLU A 116 -23.89 -36.83 24.99
CA GLU A 116 -25.29 -37.17 24.78
C GLU A 116 -25.71 -36.82 23.35
N HIS A 117 -25.04 -35.84 22.75
CA HIS A 117 -25.36 -35.37 21.40
C HIS A 117 -24.85 -36.29 20.28
N TYR A 118 -25.19 -35.94 19.04
CA TYR A 118 -24.77 -36.75 17.88
C TYR A 118 -23.79 -36.04 16.94
N VAL A 119 -23.51 -34.76 17.17
CA VAL A 119 -22.56 -34.00 16.32
C VAL A 119 -21.78 -32.94 17.06
N TYR A 120 -20.59 -32.68 16.55
CA TYR A 120 -19.71 -31.66 17.11
C TYR A 120 -18.66 -31.29 16.08
N ALA A 121 -18.35 -30.02 15.98
CA ALA A 121 -17.32 -29.59 15.04
C ALA A 121 -16.21 -28.96 15.86
N LYS A 122 -15.11 -29.69 16.03
CA LYS A 122 -14.01 -29.14 16.80
C LYS A 122 -13.37 -28.04 16.00
N GLU A 123 -13.32 -26.85 16.60
CA GLU A 123 -12.71 -25.69 15.98
C GLU A 123 -11.19 -25.77 16.20
N GLY A 124 -10.42 -24.89 15.57
CA GLY A 124 -8.99 -24.93 15.76
C GLY A 124 -8.19 -25.11 14.47
N TYR A 125 -6.87 -25.13 14.58
CA TYR A 125 -6.02 -25.27 13.40
C TYR A 125 -5.92 -26.68 12.84
N GLU A 126 -6.74 -27.57 13.41
CA GLU A 126 -6.83 -28.96 12.95
C GLU A 126 -8.28 -29.30 13.23
N PRO A 127 -9.20 -28.65 12.49
CA PRO A 127 -10.64 -28.83 12.63
C PRO A 127 -11.10 -30.27 12.42
N VAL A 128 -12.16 -30.63 13.13
CA VAL A 128 -12.73 -31.97 13.06
C VAL A 128 -14.25 -31.96 13.21
N LEU A 129 -14.89 -32.81 12.43
CA LEU A 129 -16.34 -32.93 12.49
C LEU A 129 -16.64 -34.38 12.91
N VAL A 130 -17.35 -34.54 14.01
CA VAL A 130 -17.69 -35.88 14.47
C VAL A 130 -19.19 -36.06 14.45
N ILE A 131 -19.61 -37.10 13.74
CA ILE A 131 -21.03 -37.41 13.59
C ILE A 131 -21.33 -38.84 14.07
N GLN A 132 -22.25 -38.96 15.03
CA GLN A 132 -22.66 -40.25 15.55
C GLN A 132 -23.49 -40.95 14.46
N SER A 133 -23.02 -42.11 13.99
CA SER A 133 -23.70 -42.84 12.93
C SER A 133 -25.20 -43.03 13.14
N SER A 134 -25.91 -43.28 12.05
CA SER A 134 -27.35 -43.48 12.05
C SER A 134 -27.80 -43.68 10.60
N GLU A 135 -29.11 -43.76 10.38
CA GLU A 135 -29.67 -43.94 9.05
C GLU A 135 -30.99 -43.18 8.98
N ASP A 136 -31.52 -42.84 10.15
CA ASP A 136 -32.79 -42.12 10.25
C ASP A 136 -32.61 -40.61 10.08
N TYR A 137 -31.50 -40.23 9.47
CA TYR A 137 -31.25 -38.82 9.21
C TYR A 137 -32.32 -38.45 8.20
N VAL A 138 -32.77 -39.46 7.47
CA VAL A 138 -33.82 -39.29 6.47
C VAL A 138 -35.10 -38.91 7.18
N GLU A 139 -35.51 -39.74 8.13
CA GLU A 139 -36.72 -39.50 8.89
C GLU A 139 -36.62 -38.33 9.89
N ASN A 140 -35.67 -38.45 10.82
CA ASN A 140 -35.45 -37.45 11.86
C ASN A 140 -34.82 -36.17 11.33
N THR A 141 -35.67 -35.35 10.74
CA THR A 141 -35.26 -34.09 10.17
C THR A 141 -34.56 -33.19 11.20
N GLU A 142 -34.98 -33.24 12.45
CA GLU A 142 -34.37 -32.42 13.48
C GLU A 142 -32.87 -32.67 13.60
N LYS A 143 -32.46 -33.93 13.58
CA LYS A 143 -31.05 -34.23 13.72
C LYS A 143 -30.25 -33.76 12.51
N ALA A 144 -30.64 -34.17 11.31
CA ALA A 144 -29.93 -33.74 10.10
C ALA A 144 -29.78 -32.22 10.16
N LEU A 145 -30.90 -31.57 10.48
CA LEU A 145 -30.92 -30.13 10.61
C LEU A 145 -29.76 -29.73 11.51
N ASN A 146 -29.72 -30.28 12.71
CA ASN A 146 -28.66 -29.96 13.64
C ASN A 146 -27.26 -30.21 13.08
N VAL A 147 -27.11 -31.27 12.31
CA VAL A 147 -25.81 -31.59 11.74
C VAL A 147 -25.42 -30.49 10.76
N TYR A 148 -26.38 -30.11 9.93
CA TYR A 148 -26.16 -29.07 8.91
C TYR A 148 -25.82 -27.76 9.56
N TYR A 149 -26.37 -27.55 10.74
CA TYR A 149 -26.11 -26.33 11.48
C TYR A 149 -24.68 -26.32 11.95
N GLU A 150 -24.17 -27.48 12.33
CA GLU A 150 -22.81 -27.56 12.81
C GLU A 150 -21.89 -27.41 11.60
N ILE A 151 -22.37 -27.85 10.44
CA ILE A 151 -21.56 -27.73 9.25
C ILE A 151 -21.64 -26.28 8.85
N GLY A 152 -22.83 -25.70 8.96
CA GLY A 152 -22.98 -24.30 8.63
C GLY A 152 -22.01 -23.52 9.50
N LYS A 153 -21.84 -24.01 10.72
CA LYS A 153 -20.95 -23.36 11.67
C LYS A 153 -19.51 -23.50 11.20
N ILE A 154 -19.18 -24.66 10.64
CA ILE A 154 -17.83 -24.86 10.15
C ILE A 154 -17.57 -23.86 9.03
N LEU A 155 -18.57 -23.70 8.16
CA LEU A 155 -18.47 -22.81 7.01
C LEU A 155 -18.25 -21.36 7.40
N SER A 156 -19.04 -20.85 8.33
CA SER A 156 -18.91 -19.45 8.73
C SER A 156 -17.83 -19.16 9.78
N ARG A 157 -17.44 -20.17 10.53
CA ARG A 157 -16.44 -19.97 11.58
C ARG A 157 -15.06 -20.50 11.26
N ASP A 158 -15.01 -21.56 10.45
CA ASP A 158 -13.72 -22.19 10.10
C ASP A 158 -13.26 -21.87 8.70
N ILE A 159 -14.20 -21.73 7.78
CA ILE A 159 -13.89 -21.46 6.37
C ILE A 159 -13.90 -19.98 6.01
N LEU A 160 -15.09 -19.40 5.96
CA LEU A 160 -15.22 -17.99 5.59
C LEU A 160 -14.37 -17.01 6.40
N SER A 161 -14.14 -17.29 7.68
CA SER A 161 -13.35 -16.36 8.48
C SER A 161 -11.93 -16.19 7.93
N LYS A 162 -11.43 -17.24 7.28
CA LYS A 162 -10.09 -17.21 6.72
C LYS A 162 -9.99 -16.31 5.47
N ILE A 163 -11.12 -15.80 5.00
CA ILE A 163 -11.15 -14.92 3.85
C ILE A 163 -12.07 -13.77 4.18
N ASN A 164 -12.08 -13.41 5.46
CA ASN A 164 -12.89 -12.30 5.99
C ASN A 164 -14.37 -12.25 5.66
N GLN A 165 -15.06 -13.38 5.71
CA GLN A 165 -16.50 -13.40 5.47
C GLN A 165 -17.18 -14.20 6.59
N PRO A 166 -18.49 -13.97 6.81
CA PRO A 166 -19.40 -13.06 6.11
C PRO A 166 -19.01 -11.63 6.36
N TYR A 167 -19.53 -10.73 5.53
CA TYR A 167 -19.23 -9.32 5.70
C TYR A 167 -20.45 -8.46 5.40
N GLN A 168 -20.22 -7.31 4.78
CA GLN A 168 -21.28 -6.37 4.47
C GLN A 168 -22.48 -6.97 3.76
N LYS A 169 -22.23 -7.75 2.72
CA LYS A 169 -23.34 -8.35 1.99
C LYS A 169 -24.26 -9.08 2.97
N PHE A 170 -23.70 -10.02 3.73
CA PHE A 170 -24.50 -10.77 4.70
C PHE A 170 -25.12 -9.85 5.77
N LEU A 171 -24.39 -8.79 6.14
CA LEU A 171 -24.90 -7.85 7.14
C LEU A 171 -26.20 -7.23 6.64
N ASP A 172 -26.26 -6.99 5.34
CA ASP A 172 -27.43 -6.40 4.73
C ASP A 172 -28.64 -7.33 4.86
N VAL A 173 -28.40 -8.62 4.74
CA VAL A 173 -29.47 -9.58 4.88
C VAL A 173 -29.99 -9.49 6.30
N LEU A 174 -29.07 -9.50 7.26
CA LEU A 174 -29.43 -9.43 8.67
C LEU A 174 -30.26 -8.19 9.02
N ASN A 175 -29.87 -7.04 8.50
CA ASN A 175 -30.62 -5.81 8.78
C ASN A 175 -31.97 -5.85 8.08
N THR A 176 -31.98 -6.33 6.84
CA THR A 176 -33.22 -6.42 6.08
C THR A 176 -34.23 -7.14 6.97
N ILE A 177 -33.74 -8.16 7.68
CA ILE A 177 -34.57 -8.98 8.57
C ILE A 177 -35.02 -8.27 9.84
N LYS A 178 -34.07 -7.70 10.59
CA LYS A 178 -34.43 -7.03 11.84
C LYS A 178 -35.33 -5.83 11.59
N ASN A 179 -35.04 -5.08 10.55
CA ASN A 179 -35.84 -3.91 10.22
C ASN A 179 -36.85 -4.24 9.13
N ALA A 180 -37.64 -5.28 9.36
CA ALA A 180 -38.65 -5.70 8.40
C ALA A 180 -40.03 -5.68 9.05
N SER A 181 -41.07 -5.66 8.22
CA SER A 181 -42.44 -5.65 8.71
C SER A 181 -42.69 -6.78 9.70
N ASP A 182 -42.65 -8.01 9.18
CA ASP A 182 -42.86 -9.20 9.97
C ASP A 182 -41.63 -9.56 10.81
N SER A 183 -41.85 -9.69 12.12
CA SER A 183 -40.77 -10.02 13.05
C SER A 183 -40.47 -11.53 13.09
N ASP A 184 -41.24 -12.31 12.34
CA ASP A 184 -41.07 -13.76 12.30
C ASP A 184 -39.67 -14.16 11.84
N GLY A 185 -39.16 -13.46 10.84
CA GLY A 185 -37.82 -13.75 10.35
C GLY A 185 -36.83 -13.72 11.50
N GLN A 186 -36.86 -12.64 12.28
CA GLN A 186 -35.94 -12.51 13.41
C GLN A 186 -36.13 -13.68 14.35
N ASP A 187 -37.37 -13.89 14.79
CA ASP A 187 -37.74 -14.95 15.71
C ASP A 187 -37.18 -16.31 15.34
N LEU A 188 -37.12 -16.58 14.04
CA LEU A 188 -36.62 -17.84 13.52
C LEU A 188 -35.10 -18.02 13.51
N LEU A 189 -34.38 -16.90 13.31
CA LEU A 189 -32.92 -16.95 13.21
C LEU A 189 -32.10 -16.08 14.17
N PHE A 190 -32.72 -15.09 14.79
CA PHE A 190 -32.00 -14.20 15.70
C PHE A 190 -32.05 -14.62 17.16
N THR A 191 -30.97 -14.33 17.88
CA THR A 191 -30.90 -14.59 19.31
C THR A 191 -31.39 -13.27 19.88
N ASN A 192 -31.82 -13.25 21.14
CA ASN A 192 -32.30 -11.98 21.71
C ASN A 192 -31.22 -10.92 21.71
N GLN A 193 -29.96 -11.36 21.72
CA GLN A 193 -28.83 -10.44 21.69
C GLN A 193 -28.91 -9.56 20.45
N LEU A 194 -29.32 -10.15 19.33
CA LEU A 194 -29.47 -9.43 18.08
C LEU A 194 -30.88 -8.85 18.01
N LYS A 195 -31.82 -9.54 18.65
CA LYS A 195 -33.21 -9.09 18.66
C LYS A 195 -33.29 -7.74 19.35
N GLU A 196 -32.62 -7.63 20.49
CA GLU A 196 -32.63 -6.41 21.28
C GLU A 196 -31.70 -5.30 20.80
N HIS A 197 -30.68 -5.64 20.01
CA HIS A 197 -29.77 -4.61 19.53
C HIS A 197 -30.60 -3.48 18.93
N PRO A 198 -30.35 -2.24 19.37
CA PRO A 198 -31.05 -1.04 18.89
C PRO A 198 -30.93 -0.76 17.39
N THR A 199 -29.82 -0.15 16.99
CA THR A 199 -29.58 0.19 15.58
C THR A 199 -29.30 -1.05 14.73
N ASP A 200 -29.01 -0.83 13.46
CA ASP A 200 -28.69 -1.92 12.55
C ASP A 200 -27.33 -2.48 12.93
N PHE A 201 -26.94 -3.58 12.30
CA PHE A 201 -25.66 -4.19 12.59
C PHE A 201 -24.57 -3.63 11.71
N SER A 202 -23.75 -2.77 12.29
CA SER A 202 -22.66 -2.15 11.56
C SER A 202 -21.52 -3.15 11.38
N VAL A 203 -20.51 -2.73 10.65
CA VAL A 203 -19.35 -3.59 10.41
C VAL A 203 -18.62 -3.78 11.73
N GLU A 204 -18.68 -2.75 12.56
CA GLU A 204 -18.02 -2.77 13.86
C GLU A 204 -18.74 -3.76 14.76
N PHE A 205 -20.06 -3.85 14.61
CA PHE A 205 -20.83 -4.78 15.40
C PHE A 205 -20.44 -6.20 15.00
N LEU A 206 -20.42 -6.46 13.70
CA LEU A 206 -20.07 -7.79 13.21
C LEU A 206 -18.65 -8.16 13.63
N GLU A 207 -17.91 -7.15 14.05
CA GLU A 207 -16.52 -7.33 14.46
C GLU A 207 -16.35 -7.81 15.90
N GLN A 208 -17.16 -7.28 16.80
CA GLN A 208 -17.09 -7.67 18.20
C GLN A 208 -18.18 -8.66 18.61
N ASN A 209 -18.91 -9.15 17.62
CA ASN A 209 -19.98 -10.13 17.85
C ASN A 209 -19.83 -11.19 16.76
N SER A 210 -18.58 -11.45 16.38
CA SER A 210 -18.27 -12.43 15.34
C SER A 210 -19.03 -13.74 15.54
N ASN A 211 -18.87 -14.31 16.73
CA ASN A 211 -19.53 -15.55 17.10
C ASN A 211 -21.02 -15.46 16.80
N GLU A 212 -21.63 -14.33 17.14
CA GLU A 212 -23.05 -14.11 16.91
C GLU A 212 -23.47 -14.20 15.44
N VAL A 213 -22.81 -13.42 14.58
CA VAL A 213 -23.16 -13.43 13.17
C VAL A 213 -22.92 -14.82 12.56
N GLN A 214 -21.79 -15.42 12.90
CA GLN A 214 -21.46 -16.73 12.40
C GLN A 214 -22.57 -17.73 12.73
N GLU A 215 -23.19 -17.51 13.88
CA GLU A 215 -24.26 -18.39 14.34
C GLU A 215 -25.47 -18.26 13.44
N VAL A 216 -25.87 -17.03 13.15
CA VAL A 216 -27.03 -16.81 12.30
C VAL A 216 -26.75 -17.40 10.94
N PHE A 217 -25.54 -17.20 10.45
CA PHE A 217 -25.18 -17.73 9.14
C PHE A 217 -25.45 -19.23 9.14
N ALA A 218 -24.79 -19.95 10.04
CA ALA A 218 -24.95 -21.40 10.15
C ALA A 218 -26.42 -21.78 10.26
N LYS A 219 -27.16 -21.03 11.06
CA LYS A 219 -28.57 -21.31 11.25
C LYS A 219 -29.32 -21.27 9.91
N ALA A 220 -29.12 -20.21 9.14
CA ALA A 220 -29.77 -20.08 7.84
C ALA A 220 -29.22 -21.11 6.84
N PHE A 221 -27.93 -21.41 6.94
CA PHE A 221 -27.34 -22.40 6.04
C PHE A 221 -28.04 -23.73 6.30
N ALA A 222 -28.20 -24.04 7.58
CA ALA A 222 -28.84 -25.26 8.06
C ALA A 222 -30.24 -25.38 7.50
N TYR A 223 -31.10 -24.41 7.81
CA TYR A 223 -32.46 -24.46 7.30
C TYR A 223 -32.51 -24.60 5.77
N TYR A 224 -31.55 -24.00 5.07
CA TYR A 224 -31.55 -24.08 3.63
C TYR A 224 -31.19 -25.46 3.11
N ILE A 225 -30.24 -26.11 3.79
CA ILE A 225 -29.77 -27.41 3.37
C ILE A 225 -30.69 -28.58 3.68
N GLU A 226 -31.31 -28.57 4.86
CA GLU A 226 -32.23 -29.64 5.21
C GLU A 226 -33.53 -29.32 4.47
N PRO A 227 -33.78 -30.04 3.36
CA PRO A 227 -34.96 -29.87 2.51
C PRO A 227 -36.31 -29.69 3.18
N GLN A 228 -36.52 -30.28 4.34
CA GLN A 228 -37.80 -30.12 5.00
C GLN A 228 -37.94 -28.71 5.58
N HIS A 229 -36.86 -28.18 6.13
CA HIS A 229 -36.91 -26.85 6.73
C HIS A 229 -36.75 -25.71 5.74
N ARG A 230 -36.32 -26.04 4.52
CA ARG A 230 -36.12 -25.01 3.51
C ARG A 230 -37.36 -24.15 3.30
N ASP A 231 -38.52 -24.80 3.29
CA ASP A 231 -39.77 -24.08 3.10
C ASP A 231 -40.02 -23.09 4.24
N VAL A 232 -39.79 -23.52 5.48
CA VAL A 232 -39.98 -22.64 6.63
C VAL A 232 -39.06 -21.44 6.53
N LEU A 233 -37.83 -21.67 6.08
CA LEU A 233 -36.85 -20.61 5.94
C LEU A 233 -37.36 -19.62 4.91
N GLN A 234 -37.80 -20.13 3.78
CA GLN A 234 -38.32 -19.29 2.71
C GLN A 234 -39.62 -18.63 3.12
N LEU A 235 -40.33 -19.27 4.05
CA LEU A 235 -41.61 -18.74 4.50
C LEU A 235 -41.49 -17.54 5.42
N TYR A 236 -40.67 -17.65 6.47
CA TYR A 236 -40.55 -16.56 7.43
C TYR A 236 -39.30 -15.70 7.31
N ALA A 237 -38.35 -16.10 6.46
CA ALA A 237 -37.12 -15.33 6.28
C ALA A 237 -36.64 -15.39 4.83
N PRO A 238 -37.45 -14.86 3.90
CA PRO A 238 -37.16 -14.83 2.46
C PRO A 238 -35.77 -14.34 2.08
N GLU A 239 -35.35 -13.22 2.66
CA GLU A 239 -34.05 -12.66 2.35
C GLU A 239 -32.91 -13.59 2.68
N ALA A 240 -33.06 -14.33 3.79
CA ALA A 240 -32.04 -15.27 4.21
C ALA A 240 -32.08 -16.43 3.23
N PHE A 241 -33.28 -16.77 2.78
CA PHE A 241 -33.42 -17.86 1.83
C PHE A 241 -32.76 -17.51 0.50
N ASN A 242 -33.11 -16.35 -0.03
CA ASN A 242 -32.54 -15.92 -1.30
C ASN A 242 -31.03 -15.83 -1.19
N TYR A 243 -30.54 -15.28 -0.09
CA TYR A 243 -29.11 -15.18 0.10
C TYR A 243 -28.46 -16.57 0.02
N MET A 244 -28.82 -17.46 0.94
CA MET A 244 -28.23 -18.82 0.96
C MET A 244 -28.48 -19.56 -0.35
N ASP A 245 -29.55 -19.18 -1.04
CA ASP A 245 -29.85 -19.82 -2.32
C ASP A 245 -28.76 -19.45 -3.32
N LYS A 246 -28.58 -18.15 -3.54
CA LYS A 246 -27.58 -17.66 -4.47
C LYS A 246 -26.17 -18.12 -4.06
N PHE A 247 -25.89 -18.04 -2.77
CA PHE A 247 -24.58 -18.43 -2.25
C PHE A 247 -24.21 -19.90 -2.47
N ASN A 248 -25.17 -20.80 -2.28
CA ASN A 248 -24.88 -22.22 -2.45
C ASN A 248 -24.97 -22.70 -3.88
N GLU A 249 -25.54 -21.88 -4.75
CA GLU A 249 -25.66 -22.24 -6.15
C GLU A 249 -24.49 -21.74 -6.98
N GLN A 250 -24.11 -20.49 -6.76
CA GLN A 250 -23.00 -19.90 -7.51
C GLN A 250 -21.85 -19.34 -6.68
N GLU A 251 -22.11 -18.25 -5.97
CA GLU A 251 -21.11 -17.56 -5.16
C GLU A 251 -20.14 -18.37 -4.29
N ILE A 252 -20.52 -19.59 -3.90
CA ILE A 252 -19.64 -20.41 -3.07
C ILE A 252 -18.35 -20.79 -3.82
N ASN A 253 -18.46 -20.95 -5.13
CA ASN A 253 -17.30 -21.31 -5.92
C ASN A 253 -16.21 -20.24 -5.80
N LEU A 254 -16.64 -18.98 -5.78
CA LEU A 254 -15.71 -17.88 -5.67
C LEU A 254 -15.10 -17.89 -4.27
N SER A 255 -15.90 -18.33 -3.30
CA SER A 255 -15.43 -18.42 -1.91
C SER A 255 -14.30 -19.44 -1.87
N LEU A 256 -14.50 -20.55 -2.57
CA LEU A 256 -13.47 -21.57 -2.63
C LEU A 256 -12.27 -20.96 -3.33
N GLU A 257 -12.50 -20.24 -4.43
CA GLU A 257 -11.41 -19.62 -5.19
C GLU A 257 -10.56 -18.71 -4.32
N GLU A 258 -11.22 -17.79 -3.62
CA GLU A 258 -10.52 -16.85 -2.76
C GLU A 258 -9.76 -17.61 -1.69
N LEU A 259 -10.38 -18.67 -1.19
CA LEU A 259 -9.76 -19.48 -0.16
C LEU A 259 -8.49 -20.15 -0.68
N LYS A 260 -8.49 -20.62 -1.92
CA LYS A 260 -7.31 -21.26 -2.49
C LYS A 260 -6.22 -20.22 -2.73
N ASP A 261 -6.65 -18.97 -2.96
CA ASP A 261 -5.75 -17.86 -3.22
C ASP A 261 -4.83 -17.52 -2.03
N GLN A 262 -5.21 -17.97 -0.84
CA GLN A 262 -4.38 -17.72 0.35
C GLN A 262 -3.39 -18.84 0.56
N ARG A 263 -3.61 -19.97 -0.11
CA ARG A 263 -2.74 -21.13 0.03
C ARG A 263 -1.52 -21.03 -0.83
N MET A 264 -0.36 -21.03 -0.19
CA MET A 264 0.90 -20.93 -0.90
C MET A 264 1.06 -21.88 -2.09
N LEU A 265 1.07 -23.18 -1.79
CA LEU A 265 1.23 -24.17 -2.86
C LEU A 265 0.17 -24.07 -3.92
N SER A 266 -0.99 -23.54 -3.55
CA SER A 266 -2.06 -23.40 -4.50
C SER A 266 -1.71 -22.25 -5.45
N ARG A 267 -1.27 -21.13 -4.88
CA ARG A 267 -0.90 -19.94 -5.65
C ARG A 267 0.24 -20.24 -6.63
N TYR A 268 1.20 -21.03 -6.16
CA TYR A 268 2.37 -21.37 -6.95
C TYR A 268 2.07 -22.42 -8.02
N GLU A 269 1.12 -23.30 -7.73
CA GLU A 269 0.76 -24.32 -8.70
C GLU A 269 0.07 -23.65 -9.87
N LYS A 270 -0.79 -22.68 -9.58
CA LYS A 270 -1.53 -21.97 -10.60
C LYS A 270 -0.57 -21.20 -11.53
N TRP A 271 0.36 -20.49 -10.92
CA TRP A 271 1.37 -19.72 -11.62
C TRP A 271 2.18 -20.63 -12.54
N GLU A 272 2.57 -21.79 -12.03
CA GLU A 272 3.37 -22.72 -12.81
C GLU A 272 2.68 -23.28 -14.05
N LYS A 273 1.40 -23.61 -13.93
CA LYS A 273 0.70 -24.12 -15.08
C LYS A 273 0.60 -23.04 -16.16
N ILE A 274 0.32 -21.80 -15.75
CA ILE A 274 0.21 -20.71 -16.70
C ILE A 274 1.59 -20.43 -17.29
N LYS A 275 2.61 -20.46 -16.45
CA LYS A 275 3.97 -20.19 -16.90
C LYS A 275 4.39 -21.18 -17.97
N GLN A 276 4.05 -22.44 -17.78
CA GLN A 276 4.47 -23.41 -18.76
C GLN A 276 3.57 -23.40 -19.98
N HIS A 277 2.33 -22.95 -19.83
CA HIS A 277 1.48 -22.90 -21.01
C HIS A 277 2.06 -21.89 -21.99
N TYR A 278 2.73 -20.88 -21.46
CA TYR A 278 3.32 -19.85 -22.30
C TYR A 278 4.81 -20.07 -22.46
N GLN A 279 5.33 -21.17 -21.92
CA GLN A 279 6.76 -21.42 -22.01
C GLN A 279 7.33 -21.18 -23.41
N HIS A 280 6.68 -21.73 -24.42
CA HIS A 280 7.17 -21.56 -25.78
C HIS A 280 7.12 -20.09 -26.23
N TRP A 281 6.01 -19.41 -25.93
CA TRP A 281 5.85 -17.99 -26.27
C TRP A 281 7.01 -17.21 -25.67
N SER A 282 7.33 -17.51 -24.42
CA SER A 282 8.42 -16.84 -23.75
C SER A 282 9.76 -17.17 -24.40
N ASP A 283 10.21 -18.42 -24.30
CA ASP A 283 11.48 -18.82 -24.91
C ASP A 283 11.69 -18.25 -26.32
N SER A 284 10.61 -17.82 -26.96
CA SER A 284 10.67 -17.30 -28.31
C SER A 284 10.66 -15.78 -28.41
N LEU A 285 10.35 -15.10 -27.31
CA LEU A 285 10.34 -13.64 -27.33
C LEU A 285 11.71 -13.07 -27.64
N SER A 286 11.75 -12.08 -28.51
CA SER A 286 13.01 -11.46 -28.89
C SER A 286 13.37 -10.35 -27.93
N GLU A 287 14.51 -9.73 -28.17
CA GLU A 287 14.96 -8.62 -27.34
C GLU A 287 13.93 -7.50 -27.53
N GLU A 288 13.60 -7.21 -28.79
CA GLU A 288 12.64 -6.17 -29.13
C GLU A 288 11.34 -6.55 -28.43
N GLY A 289 11.04 -7.85 -28.44
CA GLY A 289 9.84 -8.32 -27.79
C GLY A 289 9.80 -7.85 -26.35
N ARG A 290 10.80 -8.24 -25.58
CA ARG A 290 10.87 -7.84 -24.17
C ARG A 290 10.88 -6.33 -23.99
N GLY A 291 11.61 -5.64 -24.86
CA GLY A 291 11.68 -4.20 -24.76
C GLY A 291 10.31 -3.57 -24.82
N LEU A 292 9.47 -4.07 -25.72
CA LEU A 292 8.14 -3.54 -25.86
C LEU A 292 7.29 -3.73 -24.62
N LEU A 293 7.29 -4.93 -24.06
CA LEU A 293 6.48 -5.19 -22.87
C LEU A 293 6.92 -4.33 -21.71
N LYS A 294 8.21 -4.08 -21.62
CA LYS A 294 8.75 -3.30 -20.53
C LYS A 294 8.40 -1.81 -20.60
N LYS A 295 8.52 -1.19 -21.77
CA LYS A 295 8.20 0.23 -21.86
C LYS A 295 6.71 0.42 -21.76
N LEU A 296 5.99 -0.71 -21.78
CA LEU A 296 4.54 -0.68 -21.68
C LEU A 296 4.17 -0.79 -20.19
N GLN A 297 5.16 -1.08 -19.37
CA GLN A 297 4.96 -1.20 -17.92
C GLN A 297 5.54 0.03 -17.22
N ILE A 298 6.56 0.63 -17.83
CA ILE A 298 7.18 1.81 -17.28
C ILE A 298 7.28 2.89 -18.35
N PRO A 299 6.46 3.93 -18.23
CA PRO A 299 6.49 5.00 -19.23
C PRO A 299 7.81 5.75 -19.21
N ILE A 300 8.19 6.30 -20.35
CA ILE A 300 9.42 7.05 -20.46
C ILE A 300 9.09 8.53 -20.30
N GLU A 301 9.66 9.13 -19.25
CA GLU A 301 9.44 10.53 -18.96
C GLU A 301 10.31 11.37 -19.88
N PRO A 302 9.86 12.57 -20.23
CA PRO A 302 10.64 13.44 -21.12
C PRO A 302 11.90 13.94 -20.42
N LYS A 303 13.01 13.95 -21.15
CA LYS A 303 14.28 14.41 -20.59
C LYS A 303 14.56 15.87 -20.93
N LYS A 304 14.77 16.68 -19.89
CA LYS A 304 15.06 18.10 -20.04
C LYS A 304 15.93 18.35 -21.26
N ASP A 305 17.11 17.73 -21.25
CA ASP A 305 18.08 17.85 -22.34
C ASP A 305 17.52 18.00 -23.74
N ASP A 306 16.45 17.27 -24.04
CA ASP A 306 15.85 17.34 -25.37
C ASP A 306 14.83 18.47 -25.45
N ILE A 307 14.02 18.61 -24.40
CA ILE A 307 13.02 19.66 -24.37
C ILE A 307 13.70 20.97 -24.74
N ILE A 308 14.83 21.27 -24.10
CA ILE A 308 15.56 22.49 -24.37
C ILE A 308 16.00 22.55 -25.83
N HIS A 309 16.75 21.54 -26.27
CA HIS A 309 17.25 21.46 -27.63
C HIS A 309 16.12 21.21 -28.65
N SER A 310 15.11 22.07 -28.62
CA SER A 310 13.98 21.97 -29.52
C SER A 310 13.23 23.31 -29.47
N LEU A 311 13.95 24.33 -29.02
CA LEU A 311 13.39 25.67 -28.90
C LEU A 311 14.40 26.69 -29.44
N SER A 312 14.01 27.48 -30.43
CA SER A 312 14.92 28.50 -30.96
C SER A 312 15.10 29.51 -29.83
N GLN A 313 16.27 30.16 -29.77
CA GLN A 313 16.55 31.12 -28.70
C GLN A 313 15.35 32.00 -28.36
N GLU A 314 14.60 32.40 -29.38
CA GLU A 314 13.44 33.24 -29.14
C GLU A 314 12.56 32.53 -28.12
N GLU A 315 12.27 31.26 -28.41
CA GLU A 315 11.47 30.42 -27.53
C GLU A 315 12.15 30.34 -26.16
N LYS A 316 13.41 29.92 -26.19
CA LYS A 316 14.22 29.75 -24.98
C LYS A 316 14.17 30.91 -23.97
N GLU A 317 14.20 32.15 -24.45
CA GLU A 317 14.18 33.29 -23.53
C GLU A 317 12.79 33.59 -23.03
N LEU A 318 11.80 33.34 -23.88
CA LEU A 318 10.42 33.58 -23.49
C LEU A 318 10.07 32.52 -22.45
N LEU A 319 10.97 31.54 -22.31
CA LEU A 319 10.81 30.49 -21.32
C LEU A 319 11.29 31.10 -20.00
N LYS A 320 12.54 31.54 -20.00
CA LYS A 320 13.14 32.16 -18.81
C LYS A 320 12.39 33.42 -18.38
N ARG A 321 11.65 34.01 -19.30
CA ARG A 321 10.89 35.23 -19.03
C ARG A 321 9.51 34.92 -18.44
N ILE A 322 8.74 34.07 -19.12
CA ILE A 322 7.40 33.69 -18.68
C ILE A 322 7.38 33.08 -17.28
N GLN A 323 6.54 33.62 -16.41
CA GLN A 323 6.41 33.10 -15.05
C GLN A 323 5.51 31.86 -15.10
N ILE A 324 6.11 30.72 -15.42
CA ILE A 324 5.37 29.45 -15.52
C ILE A 324 4.17 29.46 -14.57
N ASP A 325 4.45 29.63 -13.28
CA ASP A 325 3.40 29.68 -12.28
C ASP A 325 2.56 30.92 -12.49
N SER A 326 1.71 30.85 -13.51
CA SER A 326 0.82 31.95 -13.87
C SER A 326 -0.22 31.38 -14.81
N SER A 327 0.13 30.25 -15.43
CA SER A 327 -0.75 29.58 -16.38
C SER A 327 -1.96 28.99 -15.67
N ASP A 328 -2.78 28.29 -16.44
CA ASP A 328 -3.99 27.66 -15.91
C ASP A 328 -4.07 26.20 -16.34
N PHE A 329 -4.05 25.98 -17.65
CA PHE A 329 -4.13 24.64 -18.23
C PHE A 329 -3.02 23.67 -17.81
N LEU A 330 -2.02 24.17 -17.09
CA LEU A 330 -0.92 23.35 -16.62
C LEU A 330 -1.13 22.82 -15.20
N SER A 331 -0.83 21.54 -15.00
CA SER A 331 -0.97 20.92 -13.69
C SER A 331 0.30 21.06 -12.85
N THR A 332 0.29 20.48 -11.66
CA THR A 332 1.44 20.55 -10.75
C THR A 332 2.71 20.04 -11.38
N GLU A 333 2.73 18.74 -11.67
CA GLU A 333 3.90 18.11 -12.27
C GLU A 333 4.31 18.85 -13.53
N GLU A 334 3.33 19.14 -14.38
CA GLU A 334 3.61 19.86 -15.62
C GLU A 334 4.17 21.23 -15.30
N LYS A 335 3.60 21.88 -14.29
CA LYS A 335 4.07 23.19 -13.85
C LYS A 335 5.50 23.05 -13.35
N GLU A 336 5.66 22.15 -12.38
CA GLU A 336 6.96 21.90 -11.78
C GLU A 336 8.02 21.59 -12.83
N PHE A 337 7.81 20.50 -13.57
CA PHE A 337 8.76 20.09 -14.61
C PHE A 337 9.26 21.28 -15.41
N LEU A 338 8.33 22.06 -15.94
CA LEU A 338 8.68 23.24 -16.73
C LEU A 338 9.56 24.18 -15.93
N LYS A 339 9.23 24.36 -14.65
CA LYS A 339 10.00 25.24 -13.79
C LYS A 339 11.49 24.88 -13.77
N LYS A 340 11.78 23.58 -13.81
CA LYS A 340 13.18 23.13 -13.81
C LYS A 340 13.84 23.34 -15.17
N LEU A 341 13.05 23.63 -16.20
CA LEU A 341 13.60 23.86 -17.53
C LEU A 341 14.31 25.21 -17.59
N GLN A 342 13.81 26.16 -16.80
CA GLN A 342 14.41 27.50 -16.73
C GLN A 342 15.65 27.35 -15.85
N ILE A 343 15.40 26.85 -14.65
CA ILE A 343 16.42 26.60 -13.64
C ILE A 343 17.53 25.68 -14.16
N ASP A 344 17.33 25.12 -15.35
CA ASP A 344 18.33 24.25 -15.97
C ASP A 344 19.20 25.02 -16.94
N ILE A 345 18.64 26.04 -17.58
CA ILE A 345 19.39 26.87 -18.53
C ILE A 345 19.90 28.10 -17.81
N LEU A 368 -1.33 37.64 -18.67
CA LEU A 368 -0.85 36.43 -19.34
C LEU A 368 -0.83 36.60 -20.86
N SER A 369 0.36 36.84 -21.40
CA SER A 369 0.54 37.03 -22.84
C SER A 369 -0.14 35.95 -23.67
N GLU A 370 -1.01 36.37 -24.58
CA GLU A 370 -1.72 35.44 -25.43
C GLU A 370 -0.75 34.57 -26.21
N LYS A 371 0.36 35.14 -26.65
CA LYS A 371 1.32 34.36 -27.42
C LYS A 371 2.06 33.35 -26.57
N GLU A 372 2.47 33.74 -25.36
CA GLU A 372 3.18 32.83 -24.49
C GLU A 372 2.29 31.69 -23.98
N LYS A 373 0.98 31.94 -23.90
CA LYS A 373 0.07 30.87 -23.46
C LYS A 373 0.10 29.83 -24.58
N GLU A 374 0.32 30.32 -25.80
CA GLU A 374 0.40 29.49 -26.99
C GLU A 374 1.71 28.71 -26.98
N PHE A 375 2.70 29.24 -26.26
CA PHE A 375 4.00 28.59 -26.18
C PHE A 375 3.90 27.43 -25.21
N LEU A 376 3.14 27.63 -24.12
CA LEU A 376 2.96 26.58 -23.14
C LEU A 376 2.06 25.49 -23.66
N LYS A 377 1.03 25.87 -24.41
CA LYS A 377 0.11 24.89 -24.97
C LYS A 377 0.90 23.83 -25.73
N LYS A 378 1.98 24.28 -26.37
CA LYS A 378 2.83 23.38 -27.13
C LYS A 378 3.62 22.47 -26.20
N LEU A 379 4.30 23.07 -25.23
CA LEU A 379 5.12 22.32 -24.27
C LEU A 379 4.31 21.25 -23.54
N LYS A 380 3.04 21.55 -23.30
CA LYS A 380 2.18 20.61 -22.60
C LYS A 380 2.14 19.30 -23.40
N LEU A 381 2.11 19.41 -24.73
CA LEU A 381 2.10 18.22 -25.58
C LEU A 381 3.43 17.48 -25.54
N ASP A 382 4.52 18.23 -25.56
CA ASP A 382 5.86 17.63 -25.57
C ASP A 382 6.36 17.11 -24.22
N ILE A 383 5.80 17.58 -23.11
CA ILE A 383 6.27 17.11 -21.81
C ILE A 383 5.46 15.94 -21.25
N GLN A 384 4.55 15.41 -22.05
CA GLN A 384 3.74 14.28 -21.62
C GLN A 384 4.58 13.00 -21.72
N PRO A 385 4.50 12.12 -20.70
CA PRO A 385 5.27 10.86 -20.71
C PRO A 385 4.89 9.96 -21.89
N TYR A 386 5.82 9.16 -22.38
CA TYR A 386 5.47 8.25 -23.45
C TYR A 386 4.82 7.10 -22.70
N ASP A 387 3.48 7.04 -22.76
CA ASP A 387 2.72 6.03 -22.06
C ASP A 387 1.74 5.33 -23.01
N ILE A 388 2.18 4.24 -23.61
CA ILE A 388 1.35 3.49 -24.55
C ILE A 388 -0.05 3.21 -24.00
N ASN A 389 -0.13 2.63 -22.80
CA ASN A 389 -1.43 2.33 -22.23
C ASN A 389 -2.28 3.57 -22.01
N GLN A 390 -1.63 4.68 -21.70
CA GLN A 390 -2.35 5.92 -21.47
C GLN A 390 -2.93 6.41 -22.81
N ARG A 391 -2.14 6.25 -23.87
CA ARG A 391 -2.57 6.68 -25.19
C ARG A 391 -3.80 5.90 -25.64
N LEU A 392 -3.83 4.60 -25.35
CA LEU A 392 -4.97 3.79 -25.75
C LEU A 392 -6.20 4.24 -24.98
N GLN A 393 -6.01 4.42 -23.68
CA GLN A 393 -7.12 4.85 -22.84
C GLN A 393 -7.64 6.23 -23.23
N ASP A 394 -6.73 7.19 -23.43
CA ASP A 394 -7.14 8.54 -23.81
C ASP A 394 -7.98 8.55 -25.10
N THR A 395 -7.55 7.77 -26.08
CA THR A 395 -8.22 7.70 -27.36
C THR A 395 -9.26 6.59 -27.48
N GLY A 396 -9.41 5.78 -26.43
CA GLY A 396 -10.37 4.71 -26.52
C GLY A 396 -9.97 3.75 -27.64
N GLY A 397 -8.68 3.71 -27.95
CA GLY A 397 -8.23 2.84 -29.00
C GLY A 397 -8.20 3.49 -30.37
N LEU A 398 -8.76 4.70 -30.50
CA LEU A 398 -8.76 5.40 -31.79
C LEU A 398 -7.37 6.00 -31.98
N ILE A 399 -6.38 5.16 -32.25
CA ILE A 399 -5.01 5.63 -32.36
C ILE A 399 -4.59 6.53 -33.52
N ASP A 400 -5.53 6.85 -34.40
CA ASP A 400 -5.25 7.72 -35.53
C ASP A 400 -5.68 9.12 -35.17
N SER A 401 -6.22 9.25 -33.96
CA SER A 401 -6.68 10.52 -33.45
C SER A 401 -5.56 11.56 -33.49
N PRO A 402 -5.79 12.70 -34.18
CA PRO A 402 -4.85 13.81 -34.35
C PRO A 402 -4.73 14.71 -33.12
N SER A 403 -4.69 14.09 -31.95
CA SER A 403 -4.60 14.81 -30.69
C SER A 403 -3.16 15.02 -30.21
N ILE A 404 -2.20 14.48 -30.94
CA ILE A 404 -0.79 14.66 -30.57
C ILE A 404 0.02 14.76 -31.86
N ASN A 405 1.26 15.23 -31.77
CA ASN A 405 2.08 15.36 -32.98
C ASN A 405 2.16 14.07 -33.79
N LEU A 406 2.21 14.23 -35.10
CA LEU A 406 2.26 13.11 -36.02
C LEU A 406 3.45 12.16 -35.81
N ASP A 407 4.58 12.68 -35.35
CA ASP A 407 5.73 11.81 -35.14
C ASP A 407 5.47 10.79 -34.01
N VAL A 408 4.89 11.24 -32.91
CA VAL A 408 4.62 10.36 -31.77
C VAL A 408 3.38 9.50 -32.00
N ARG A 409 2.46 10.00 -32.81
CA ARG A 409 1.26 9.25 -33.12
C ARG A 409 1.73 7.96 -33.80
N LYS A 410 2.64 8.14 -34.76
CA LYS A 410 3.20 7.04 -35.53
C LYS A 410 4.02 6.08 -34.66
N GLN A 411 4.76 6.61 -33.69
CA GLN A 411 5.54 5.76 -32.81
C GLN A 411 4.61 4.94 -31.90
N TYR A 412 3.48 5.54 -31.51
CA TYR A 412 2.50 4.85 -30.67
C TYR A 412 1.84 3.74 -31.48
N LYS A 413 1.51 4.05 -32.72
CA LYS A 413 0.87 3.08 -33.60
C LYS A 413 1.83 1.94 -33.89
N ARG A 414 3.09 2.26 -34.17
CA ARG A 414 4.06 1.20 -34.44
C ARG A 414 4.19 0.29 -33.22
N ASP A 415 4.39 0.85 -32.03
CA ASP A 415 4.53 0.01 -30.85
C ASP A 415 3.27 -0.78 -30.51
N ILE A 416 2.10 -0.18 -30.73
CA ILE A 416 0.85 -0.85 -30.44
C ILE A 416 0.55 -2.01 -31.38
N GLN A 417 0.73 -1.81 -32.68
CA GLN A 417 0.49 -2.88 -33.61
C GLN A 417 1.47 -3.99 -33.24
N ASN A 418 2.68 -3.62 -32.84
CA ASN A 418 3.64 -4.64 -32.47
C ASN A 418 3.22 -5.38 -31.22
N ILE A 419 2.69 -4.68 -30.22
CA ILE A 419 2.27 -5.39 -29.01
C ILE A 419 1.10 -6.30 -29.35
N ASP A 420 0.19 -5.82 -30.19
CA ASP A 420 -0.95 -6.60 -30.61
C ASP A 420 -0.53 -7.94 -31.25
N ALA A 421 0.61 -7.96 -31.93
CA ALA A 421 1.07 -9.19 -32.58
C ALA A 421 1.78 -10.13 -31.60
N LEU A 422 2.40 -9.54 -30.58
CA LEU A 422 3.09 -10.29 -29.54
C LEU A 422 2.12 -11.07 -28.67
N LEU A 423 0.99 -10.44 -28.36
CA LEU A 423 0.01 -11.08 -27.51
C LEU A 423 -1.00 -11.82 -28.38
N HIS A 424 -0.50 -12.85 -29.06
CA HIS A 424 -1.32 -13.66 -29.95
C HIS A 424 -1.83 -14.96 -29.35
N GLN A 425 -1.15 -15.48 -28.33
CA GLN A 425 -1.55 -16.75 -27.70
C GLN A 425 -2.58 -16.64 -26.60
N SER A 426 -3.72 -17.29 -26.79
CA SER A 426 -4.79 -17.23 -25.81
C SER A 426 -4.53 -18.12 -24.60
N ILE A 427 -5.16 -17.74 -23.50
CA ILE A 427 -5.03 -18.40 -22.21
C ILE A 427 -5.51 -19.84 -22.18
N GLY A 428 -6.54 -20.13 -22.98
CA GLY A 428 -7.12 -21.47 -23.05
C GLY A 428 -6.07 -22.57 -23.09
N SER A 429 -6.17 -23.51 -22.16
CA SER A 429 -5.19 -24.59 -22.07
C SER A 429 -5.82 -25.88 -21.56
N THR A 430 -5.06 -26.97 -21.59
CA THR A 430 -5.57 -28.23 -21.08
C THR A 430 -5.10 -28.41 -19.63
N LEU A 431 -4.25 -27.49 -19.17
CA LEU A 431 -3.72 -27.52 -17.81
C LEU A 431 -4.68 -26.99 -16.77
N TYR A 432 -5.78 -26.40 -17.21
CA TYR A 432 -6.74 -25.83 -16.29
C TYR A 432 -8.01 -25.36 -17.02
N ASN A 433 -9.09 -25.18 -16.26
CA ASN A 433 -10.37 -24.75 -16.82
C ASN A 433 -10.60 -23.26 -16.57
N LYS A 434 -11.63 -22.93 -15.80
CA LYS A 434 -11.90 -21.54 -15.48
C LYS A 434 -10.67 -20.99 -14.79
N ILE A 435 -10.30 -19.77 -15.15
CA ILE A 435 -9.12 -19.13 -14.61
C ILE A 435 -9.43 -17.69 -14.19
N TYR A 436 -9.09 -17.35 -12.95
CA TYR A 436 -9.34 -16.01 -12.46
C TYR A 436 -8.07 -15.19 -12.39
N LEU A 437 -8.17 -13.94 -12.83
CA LEU A 437 -7.01 -13.06 -12.78
C LEU A 437 -7.40 -11.82 -11.97
N TYR A 438 -6.42 -11.16 -11.37
CA TYR A 438 -6.74 -10.02 -10.52
C TYR A 438 -6.11 -8.68 -10.92
N GLU A 439 -6.86 -7.62 -10.60
CA GLU A 439 -6.39 -6.28 -10.88
C GLU A 439 -6.78 -5.27 -9.80
N ASN A 440 -5.79 -4.58 -9.24
CA ASN A 440 -6.02 -3.54 -8.25
C ASN A 440 -6.14 -2.22 -9.02
N MET A 441 -7.24 -1.51 -8.79
CA MET A 441 -7.52 -0.28 -9.50
C MET A 441 -7.88 0.94 -8.66
N ASN A 442 -7.49 2.12 -9.14
CA ASN A 442 -7.81 3.37 -8.46
C ASN A 442 -9.18 3.80 -8.98
N ILE A 443 -10.14 4.03 -8.09
CA ILE A 443 -11.48 4.41 -8.52
C ILE A 443 -11.55 5.70 -9.32
N ASN A 444 -10.63 6.63 -9.07
CA ASN A 444 -10.63 7.90 -9.81
C ASN A 444 -10.59 7.57 -11.31
N ASN A 445 -9.90 6.48 -11.62
CA ASN A 445 -9.79 6.02 -12.99
C ASN A 445 -11.17 5.81 -13.60
N LEU A 446 -12.15 5.42 -12.78
CA LEU A 446 -13.51 5.21 -13.30
C LEU A 446 -14.40 6.44 -13.10
N THR A 447 -14.29 7.06 -11.94
CA THR A 447 -15.09 8.23 -11.66
C THR A 447 -14.46 9.02 -10.54
N ALA A 448 -13.65 10.00 -10.92
CA ALA A 448 -12.97 10.88 -9.99
C ALA A 448 -14.02 11.51 -9.10
N THR A 449 -15.09 11.98 -9.72
CA THR A 449 -16.15 12.61 -8.99
C THR A 449 -16.61 11.75 -7.79
N LEU A 450 -16.90 10.46 -7.97
CA LEU A 450 -17.27 9.65 -6.80
C LEU A 450 -16.00 9.27 -6.03
N GLY A 451 -14.93 9.01 -6.76
CA GLY A 451 -13.68 8.65 -6.13
C GLY A 451 -13.33 9.63 -5.05
N ALA A 452 -13.90 10.82 -5.15
CA ALA A 452 -13.62 11.88 -4.18
C ALA A 452 -14.13 11.61 -2.78
N ASP A 453 -15.19 10.81 -2.65
CA ASP A 453 -15.79 10.51 -1.35
C ASP A 453 -15.86 9.02 -1.06
N LEU A 454 -15.14 8.22 -1.81
CA LEU A 454 -15.19 6.78 -1.60
C LEU A 454 -14.70 6.43 -0.19
N VAL A 455 -13.46 6.79 0.10
CA VAL A 455 -12.91 6.50 1.42
C VAL A 455 -13.59 7.32 2.50
N ASP A 456 -13.85 6.66 3.63
CA ASP A 456 -14.49 7.31 4.76
C ASP A 456 -13.63 8.48 5.21
N SER A 457 -14.24 9.66 5.24
CA SER A 457 -13.59 10.91 5.61
C SER A 457 -12.81 10.85 6.94
N THR A 458 -13.39 10.20 7.94
CA THR A 458 -12.75 10.09 9.24
C THR A 458 -11.88 8.84 9.38
N ASP A 459 -12.44 7.68 9.01
CA ASP A 459 -11.68 6.42 9.09
C ASP A 459 -11.31 5.86 7.70
N ASN A 460 -10.12 6.21 7.25
CA ASN A 460 -9.61 5.80 5.93
C ASN A 460 -9.59 4.30 5.66
N THR A 461 -9.87 3.48 6.67
CA THR A 461 -9.87 2.05 6.44
C THR A 461 -11.24 1.61 5.97
N LYS A 462 -12.21 2.52 6.07
CA LYS A 462 -13.56 2.19 5.67
C LYS A 462 -14.00 2.80 4.34
N ILE A 463 -14.95 2.14 3.70
CA ILE A 463 -15.52 2.59 2.43
C ILE A 463 -16.87 3.22 2.78
N ASN A 464 -17.13 4.39 2.24
CA ASN A 464 -18.39 5.05 2.51
C ASN A 464 -19.55 4.38 1.77
N ARG A 465 -20.46 3.78 2.53
CA ARG A 465 -21.59 3.06 1.94
C ARG A 465 -22.43 3.85 0.94
N GLY A 466 -22.62 5.13 1.20
CA GLY A 466 -23.43 5.95 0.30
C GLY A 466 -22.83 6.03 -1.08
N ILE A 467 -21.55 6.39 -1.16
CA ILE A 467 -20.88 6.49 -2.44
C ILE A 467 -20.76 5.08 -3.05
N PHE A 468 -20.60 4.07 -2.20
CA PHE A 468 -20.50 2.72 -2.71
C PHE A 468 -21.73 2.33 -3.50
N ASN A 469 -22.91 2.58 -2.95
CA ASN A 469 -24.16 2.24 -3.62
C ASN A 469 -24.28 3.02 -4.92
N GLU A 470 -23.90 4.29 -4.89
CA GLU A 470 -23.99 5.08 -6.10
C GLU A 470 -23.02 4.59 -7.17
N PHE A 471 -21.83 4.18 -6.74
CA PHE A 471 -20.85 3.67 -7.67
C PHE A 471 -21.30 2.35 -8.29
N LYS A 472 -22.01 1.55 -7.51
CA LYS A 472 -22.48 0.24 -7.95
C LYS A 472 -23.73 0.28 -8.82
N LYS A 473 -24.51 1.34 -8.64
CA LYS A 473 -25.78 1.56 -9.33
C LYS A 473 -25.92 0.99 -10.75
N ASN A 474 -25.35 1.68 -11.75
CA ASN A 474 -25.49 1.17 -13.11
C ASN A 474 -24.22 0.57 -13.68
N PHE A 475 -23.46 -0.10 -12.82
CA PHE A 475 -22.22 -0.70 -13.28
C PHE A 475 -22.53 -2.15 -13.68
N LYS A 476 -22.78 -2.33 -14.98
CA LYS A 476 -23.11 -3.62 -15.54
C LYS A 476 -22.04 -4.15 -16.52
N TYR A 477 -21.57 -3.29 -17.40
CA TYR A 477 -20.52 -3.71 -18.33
C TYR A 477 -19.39 -2.72 -18.32
N SER A 478 -18.23 -3.17 -18.80
CA SER A 478 -17.00 -2.40 -18.82
C SER A 478 -16.20 -2.80 -20.06
N ILE A 479 -15.34 -1.89 -20.53
CA ILE A 479 -14.49 -2.14 -21.69
C ILE A 479 -13.03 -1.83 -21.41
N SER A 480 -12.13 -2.59 -22.02
CA SER A 480 -10.70 -2.33 -21.86
C SER A 480 -10.09 -2.00 -23.22
N SER A 481 -9.76 -0.74 -23.43
CA SER A 481 -9.15 -0.30 -24.69
C SER A 481 -7.63 -0.32 -24.66
N ASN A 482 -7.05 -0.65 -23.52
CA ASN A 482 -5.60 -0.72 -23.47
C ASN A 482 -5.23 -2.10 -22.96
N TYR A 483 -3.96 -2.28 -22.64
CA TYR A 483 -3.51 -3.56 -22.17
C TYR A 483 -3.56 -3.71 -20.66
N MET A 484 -4.53 -4.51 -20.17
CA MET A 484 -4.70 -4.77 -18.75
C MET A 484 -3.54 -5.61 -18.25
N ILE A 485 -2.96 -5.21 -17.13
CA ILE A 485 -1.86 -5.96 -16.56
C ILE A 485 -2.39 -6.54 -15.25
N VAL A 486 -2.66 -7.83 -15.30
CA VAL A 486 -3.26 -8.48 -14.15
C VAL A 486 -2.35 -9.46 -13.43
N ASP A 487 -2.71 -9.78 -12.19
CA ASP A 487 -1.95 -10.70 -11.37
C ASP A 487 -2.54 -12.10 -11.42
N ILE A 488 -1.68 -13.10 -11.53
CA ILE A 488 -2.10 -14.49 -11.54
C ILE A 488 -2.78 -14.82 -10.21
N ASN A 489 -2.17 -14.41 -9.08
CA ASN A 489 -2.79 -14.62 -7.77
C ASN A 489 -3.01 -13.22 -7.18
N GLU A 490 -4.13 -13.00 -6.52
CA GLU A 490 -4.41 -11.68 -5.96
C GLU A 490 -3.29 -11.17 -5.06
N ARG A 491 -3.01 -9.87 -5.17
CA ARG A 491 -1.97 -9.22 -4.37
C ARG A 491 -2.42 -7.91 -3.71
N PRO A 492 -1.70 -7.47 -2.68
CA PRO A 492 -2.05 -6.23 -1.98
C PRO A 492 -1.99 -5.01 -2.86
N ALA A 493 -2.98 -4.14 -2.71
CA ALA A 493 -3.09 -2.92 -3.49
C ALA A 493 -2.33 -1.73 -2.89
N LEU A 494 -2.23 -0.66 -3.67
CA LEU A 494 -1.57 0.56 -3.26
C LEU A 494 -2.59 1.36 -2.45
N ASP A 495 -2.16 2.40 -1.76
CA ASP A 495 -3.12 3.14 -0.96
C ASP A 495 -4.31 3.70 -1.73
N ASN A 496 -4.08 4.19 -2.95
CA ASN A 496 -5.16 4.76 -3.75
C ASN A 496 -5.97 3.72 -4.53
N GLU A 497 -5.60 2.46 -4.40
CA GLU A 497 -6.33 1.39 -5.10
C GLU A 497 -7.28 0.66 -4.17
N ARG A 498 -8.53 1.10 -4.11
CA ARG A 498 -9.49 0.45 -3.24
C ARG A 498 -10.48 -0.37 -4.05
N LEU A 499 -10.10 -0.67 -5.29
CA LEU A 499 -10.92 -1.49 -6.18
C LEU A 499 -10.14 -2.76 -6.48
N LYS A 500 -10.71 -3.93 -6.16
CA LYS A 500 -10.03 -5.18 -6.42
C LYS A 500 -10.85 -6.06 -7.35
N TRP A 501 -10.45 -6.11 -8.61
CA TRP A 501 -11.15 -6.89 -9.60
C TRP A 501 -10.75 -8.36 -9.59
N ARG A 502 -11.76 -9.21 -9.72
CA ARG A 502 -11.52 -10.65 -9.83
C ARG A 502 -12.16 -10.95 -11.17
N ILE A 503 -11.32 -11.08 -12.19
CA ILE A 503 -11.75 -11.31 -13.56
C ILE A 503 -11.69 -12.76 -14.05
N GLN A 504 -12.80 -13.23 -14.59
CA GLN A 504 -12.81 -14.58 -15.16
C GLN A 504 -12.57 -14.47 -16.67
N LEU A 505 -11.38 -14.91 -17.08
CA LEU A 505 -10.96 -14.86 -18.48
C LEU A 505 -11.71 -15.84 -19.37
N SER A 506 -11.70 -15.56 -20.67
CA SER A 506 -12.31 -16.46 -21.62
C SER A 506 -11.16 -17.34 -22.12
N PRO A 507 -11.43 -18.59 -22.48
CA PRO A 507 -10.26 -19.34 -22.96
C PRO A 507 -9.72 -18.67 -24.22
N ASP A 508 -10.57 -17.86 -24.86
CA ASP A 508 -10.20 -17.12 -26.07
C ASP A 508 -9.30 -15.92 -25.80
N THR A 509 -9.42 -15.30 -24.63
CA THR A 509 -8.61 -14.14 -24.32
C THR A 509 -7.13 -14.37 -24.53
N ARG A 510 -6.53 -13.49 -25.33
CA ARG A 510 -5.11 -13.56 -25.62
C ARG A 510 -4.31 -12.76 -24.57
N ALA A 511 -3.11 -13.23 -24.27
CA ALA A 511 -2.31 -12.57 -23.26
C ALA A 511 -0.84 -12.90 -23.43
N GLY A 512 -0.04 -12.24 -22.60
CA GLY A 512 1.39 -12.47 -22.58
C GLY A 512 1.76 -12.76 -21.14
N TYR A 513 2.71 -13.67 -20.94
CA TYR A 513 3.14 -14.05 -19.61
C TYR A 513 4.35 -13.24 -19.16
N LEU A 514 4.31 -12.75 -17.92
CA LEU A 514 5.43 -11.98 -17.36
C LEU A 514 6.06 -12.80 -16.23
N GLU A 515 7.38 -12.78 -16.16
CA GLU A 515 8.09 -13.56 -15.12
C GLU A 515 7.64 -13.28 -13.70
N ASN A 516 7.26 -12.04 -13.41
CA ASN A 516 6.85 -11.69 -12.05
C ASN A 516 5.46 -12.16 -11.63
N GLY A 517 4.84 -13.06 -12.39
CA GLY A 517 3.54 -13.56 -11.99
C GLY A 517 2.33 -12.79 -12.46
N LYS A 518 2.51 -12.00 -13.50
CA LYS A 518 1.42 -11.21 -14.08
C LYS A 518 1.22 -11.59 -15.54
N LEU A 519 0.11 -11.16 -16.11
CA LEU A 519 -0.19 -11.41 -17.52
C LEU A 519 -0.54 -10.07 -18.17
N ILE A 520 -0.11 -9.85 -19.40
CA ILE A 520 -0.53 -8.63 -20.06
C ILE A 520 -1.60 -9.10 -21.03
N LEU A 521 -2.79 -8.54 -20.93
CA LEU A 521 -3.88 -8.93 -21.80
C LEU A 521 -3.97 -8.07 -23.07
N GLN A 522 -4.55 -8.68 -24.10
CA GLN A 522 -4.78 -8.06 -25.37
C GLN A 522 -5.69 -6.83 -25.10
N ARG A 523 -5.69 -5.85 -25.99
CA ARG A 523 -6.54 -4.68 -25.80
C ARG A 523 -7.90 -5.03 -26.37
N ASN A 524 -8.89 -4.20 -26.11
CA ASN A 524 -10.24 -4.41 -26.62
C ASN A 524 -10.96 -5.61 -26.03
N ILE A 525 -10.95 -5.72 -24.71
CA ILE A 525 -11.60 -6.80 -23.99
C ILE A 525 -12.99 -6.31 -23.62
N GLY A 526 -13.94 -7.24 -23.51
CA GLY A 526 -15.28 -6.87 -23.10
C GLY A 526 -15.45 -7.44 -21.71
N LEU A 527 -16.16 -6.75 -20.82
CA LEU A 527 -16.33 -7.30 -19.48
C LEU A 527 -17.73 -7.11 -18.93
N GLU A 528 -18.36 -8.19 -18.49
CA GLU A 528 -19.68 -8.06 -17.88
C GLU A 528 -19.41 -8.03 -16.38
N ILE A 529 -20.17 -7.20 -15.66
CA ILE A 529 -20.00 -7.14 -14.23
C ILE A 529 -20.98 -8.12 -13.58
N LYS A 530 -20.46 -9.04 -12.78
CA LYS A 530 -21.30 -10.03 -12.13
C LYS A 530 -21.66 -9.74 -10.68
N ASP A 531 -20.84 -8.97 -9.99
CA ASP A 531 -21.11 -8.69 -8.59
C ASP A 531 -20.20 -7.59 -8.04
N VAL A 532 -20.78 -6.65 -7.31
CA VAL A 532 -20.00 -5.55 -6.74
C VAL A 532 -20.34 -5.53 -5.26
N GLN A 533 -19.34 -5.73 -4.41
CA GLN A 533 -19.59 -5.75 -2.97
C GLN A 533 -18.38 -5.30 -2.15
N ILE A 534 -18.65 -4.87 -0.93
CA ILE A 534 -17.61 -4.40 -0.03
C ILE A 534 -16.99 -5.56 0.71
N ILE A 535 -15.67 -5.62 0.74
CA ILE A 535 -15.00 -6.69 1.43
C ILE A 535 -13.89 -6.11 2.29
N LYS A 536 -13.36 -6.91 3.19
CA LYS A 536 -12.28 -6.46 4.05
C LYS A 536 -11.06 -7.33 3.82
N GLN A 537 -9.93 -6.68 3.62
CA GLN A 537 -8.70 -7.40 3.41
C GLN A 537 -7.66 -6.64 4.21
N SER A 538 -6.93 -7.35 5.06
CA SER A 538 -5.89 -6.77 5.89
C SER A 538 -6.29 -5.48 6.60
N GLU A 539 -7.22 -5.57 7.53
CA GLU A 539 -7.66 -4.40 8.29
C GLU A 539 -8.08 -3.27 7.37
N LYS A 540 -8.53 -3.59 6.17
CA LYS A 540 -8.92 -2.52 5.28
C LYS A 540 -10.06 -2.92 4.38
N GLU A 541 -10.95 -1.98 4.11
CA GLU A 541 -12.11 -2.23 3.25
C GLU A 541 -11.84 -1.91 1.78
N TYR A 542 -12.27 -2.82 0.90
CA TYR A 542 -12.15 -2.64 -0.54
C TYR A 542 -13.45 -2.96 -1.24
N ILE A 543 -13.50 -2.57 -2.52
CA ILE A 543 -14.65 -2.88 -3.33
C ILE A 543 -14.26 -4.00 -4.29
N ARG A 544 -14.81 -5.19 -4.04
CA ARG A 544 -14.55 -6.35 -4.87
C ARG A 544 -15.50 -6.25 -6.04
N ILE A 545 -14.95 -6.39 -7.23
CA ILE A 545 -15.76 -6.34 -8.43
C ILE A 545 -15.51 -7.65 -9.14
N ASP A 546 -16.54 -8.48 -9.24
CA ASP A 546 -16.41 -9.76 -9.92
C ASP A 546 -16.89 -9.60 -11.34
N ALA A 547 -15.98 -9.78 -12.29
CA ALA A 547 -16.27 -9.62 -13.71
C ALA A 547 -15.89 -10.79 -14.61
N LYS A 548 -16.66 -10.97 -15.67
CA LYS A 548 -16.43 -12.03 -16.63
C LYS A 548 -16.09 -11.46 -18.02
N VAL A 549 -15.02 -11.96 -18.63
CA VAL A 549 -14.61 -11.51 -19.95
C VAL A 549 -15.53 -12.08 -21.03
N VAL A 550 -15.96 -11.21 -21.93
CA VAL A 550 -16.82 -11.59 -23.04
C VAL A 550 -16.33 -10.82 -24.26
N PRO A 551 -16.85 -11.15 -25.46
CA PRO A 551 -16.42 -10.45 -26.68
C PRO A 551 -16.77 -8.98 -26.64
N LYS A 552 -15.82 -8.12 -26.97
CA LYS A 552 -16.06 -6.67 -26.96
C LYS A 552 -17.25 -6.28 -27.81
N SER A 553 -17.55 -7.06 -28.82
CA SER A 553 -18.69 -6.75 -29.67
C SER A 553 -20.01 -6.86 -28.91
N LYS A 554 -20.10 -7.81 -27.98
CA LYS A 554 -21.32 -7.99 -27.23
C LYS A 554 -21.64 -6.72 -26.44
N ILE A 555 -20.60 -6.12 -25.84
CA ILE A 555 -20.78 -4.89 -25.10
C ILE A 555 -21.07 -3.72 -26.02
N ASP A 556 -20.38 -3.66 -27.17
CA ASP A 556 -20.61 -2.59 -28.12
C ASP A 556 -22.06 -2.63 -28.59
N THR A 557 -22.57 -3.82 -28.88
CA THR A 557 -23.96 -3.93 -29.32
C THR A 557 -24.89 -3.36 -28.25
N LYS A 558 -24.55 -3.55 -26.97
CA LYS A 558 -25.39 -3.01 -25.91
C LYS A 558 -25.36 -1.49 -25.94
N ILE A 559 -24.16 -0.92 -26.09
CA ILE A 559 -24.02 0.53 -26.16
C ILE A 559 -24.75 1.06 -27.39
N GLN A 560 -24.50 0.41 -28.53
CA GLN A 560 -25.08 0.79 -29.80
C GLN A 560 -26.60 0.74 -29.79
N GLU A 561 -27.17 -0.21 -29.05
CA GLU A 561 -28.63 -0.30 -28.97
C GLU A 561 -29.13 0.77 -28.02
N ALA A 562 -28.32 1.07 -27.01
CA ALA A 562 -28.67 2.09 -26.03
C ALA A 562 -28.78 3.42 -26.75
N GLN A 563 -27.81 3.70 -27.61
CA GLN A 563 -27.81 4.95 -28.35
C GLN A 563 -29.12 5.04 -29.13
N LEU A 564 -29.51 3.94 -29.77
CA LEU A 564 -30.75 3.90 -30.53
C LEU A 564 -31.97 4.20 -29.67
N ASN A 565 -32.00 3.58 -28.51
CA ASN A 565 -33.11 3.77 -27.60
C ASN A 565 -33.22 5.23 -27.15
N ILE A 566 -32.14 5.77 -26.59
CA ILE A 566 -32.14 7.13 -26.08
C ILE A 566 -32.50 8.21 -27.11
N ASN A 567 -32.16 7.99 -28.38
CA ASN A 567 -32.50 8.95 -29.41
C ASN A 567 -33.96 8.82 -29.79
N GLN A 568 -34.46 7.58 -29.80
CA GLN A 568 -35.85 7.33 -30.12
C GLN A 568 -36.69 8.04 -29.06
N GLU A 569 -36.25 7.91 -27.81
CA GLU A 569 -36.97 8.52 -26.70
C GLU A 569 -36.95 10.05 -26.70
N TRP A 570 -35.76 10.65 -26.83
CA TRP A 570 -35.67 12.10 -26.81
C TRP A 570 -36.04 12.82 -28.10
N ASN A 571 -36.04 12.10 -29.23
CA ASN A 571 -36.43 12.74 -30.47
C ASN A 571 -37.94 12.97 -30.36
N LYS A 572 -38.61 12.06 -29.66
CA LYS A 572 -40.05 12.15 -29.47
C LYS A 572 -40.37 13.24 -28.46
N ALA A 573 -39.59 13.32 -27.39
CA ALA A 573 -39.84 14.32 -26.36
C ALA A 573 -39.63 15.73 -26.90
N LEU A 574 -38.64 15.89 -27.78
CA LEU A 574 -38.31 17.19 -28.35
C LEU A 574 -38.98 17.54 -29.67
N GLY A 575 -39.63 16.57 -30.31
CA GLY A 575 -40.29 16.85 -31.58
C GLY A 575 -39.31 16.92 -32.74
N LEU A 576 -38.29 16.07 -32.70
CA LEU A 576 -37.29 16.03 -33.76
C LEU A 576 -37.66 14.90 -34.70
N PRO A 577 -37.19 14.97 -35.96
CA PRO A 577 -37.51 13.90 -36.90
C PRO A 577 -37.12 12.56 -36.28
N LYS A 578 -37.94 11.54 -36.54
CA LYS A 578 -37.76 10.20 -36.02
C LYS A 578 -36.32 9.66 -35.95
N TYR A 579 -35.58 9.82 -37.03
CA TYR A 579 -34.23 9.31 -37.10
C TYR A 579 -33.09 10.30 -36.98
N THR A 580 -33.20 11.33 -36.14
CA THR A 580 -32.06 12.24 -36.07
C THR A 580 -31.04 11.68 -35.10
N LYS A 581 -29.76 11.76 -35.48
CA LYS A 581 -28.69 11.28 -34.61
C LYS A 581 -28.28 12.50 -33.78
N LEU A 582 -28.92 12.66 -32.63
CA LEU A 582 -28.63 13.79 -31.73
C LEU A 582 -27.65 13.36 -30.64
N ILE A 583 -28.04 12.36 -29.87
CA ILE A 583 -27.23 11.84 -28.78
C ILE A 583 -26.26 10.78 -29.24
N THR A 584 -25.02 10.86 -28.77
CA THR A 584 -24.04 9.87 -29.17
C THR A 584 -23.14 9.41 -28.04
N PHE A 585 -22.97 8.09 -27.94
CA PHE A 585 -22.14 7.48 -26.91
C PHE A 585 -20.81 7.11 -27.54
N ASN A 586 -19.75 7.71 -27.06
CA ASN A 586 -18.41 7.42 -27.55
C ASN A 586 -17.73 6.76 -26.35
N VAL A 587 -18.19 5.53 -26.05
CA VAL A 587 -17.71 4.77 -24.89
C VAL A 587 -16.71 3.68 -25.18
N HIS A 588 -15.57 3.72 -24.49
CA HIS A 588 -14.52 2.72 -24.72
C HIS A 588 -13.79 2.26 -23.47
N ASN A 589 -14.14 2.79 -22.31
CA ASN A 589 -13.39 2.42 -21.12
C ASN A 589 -14.10 1.67 -20.01
N ARG A 590 -13.31 1.33 -18.98
CA ARG A 590 -13.74 0.52 -17.85
C ARG A 590 -14.98 0.83 -17.03
N TYR A 591 -15.62 1.98 -17.23
CA TYR A 591 -16.84 2.29 -16.46
C TYR A 591 -17.94 2.52 -17.50
N ALA A 592 -17.76 1.86 -18.64
CA ALA A 592 -18.64 1.95 -19.80
C ALA A 592 -20.12 2.11 -19.60
N SER A 593 -20.77 1.14 -18.95
CA SER A 593 -22.20 1.23 -18.77
C SER A 593 -22.62 2.49 -18.00
N ASN A 594 -21.76 2.97 -17.12
CA ASN A 594 -22.13 4.15 -16.35
C ASN A 594 -22.27 5.36 -17.23
N ILE A 595 -21.40 5.47 -18.22
CA ILE A 595 -21.49 6.59 -19.14
C ILE A 595 -22.87 6.54 -19.79
N VAL A 596 -23.24 5.36 -20.28
CA VAL A 596 -24.53 5.17 -20.93
C VAL A 596 -25.72 5.53 -20.05
N GLU A 597 -25.84 4.86 -18.90
CA GLU A 597 -26.96 5.07 -18.01
C GLU A 597 -27.01 6.47 -17.37
N SER A 598 -25.87 7.15 -17.27
CA SER A 598 -25.90 8.47 -16.67
C SER A 598 -26.47 9.49 -17.67
N ALA A 599 -26.31 9.20 -18.96
CA ALA A 599 -26.85 10.11 -19.98
C ALA A 599 -28.35 10.31 -19.78
N TYR A 600 -29.10 9.21 -19.64
CA TYR A 600 -30.54 9.31 -19.43
C TYR A 600 -30.84 10.25 -18.25
N LEU A 601 -30.17 10.01 -17.13
CA LEU A 601 -30.33 10.79 -15.92
C LEU A 601 -29.97 12.25 -16.11
N ILE A 602 -28.89 12.49 -16.84
CA ILE A 602 -28.44 13.85 -17.10
C ILE A 602 -29.49 14.62 -17.93
N LEU A 603 -29.96 14.01 -19.02
CA LEU A 603 -30.94 14.66 -19.87
C LEU A 603 -32.29 14.83 -19.19
N ASN A 604 -32.62 13.95 -18.24
CA ASN A 604 -33.89 14.08 -17.52
C ASN A 604 -33.81 15.30 -16.62
N GLU A 605 -32.66 15.49 -15.99
CA GLU A 605 -32.43 16.63 -15.11
C GLU A 605 -32.46 17.88 -15.98
N TRP A 606 -31.83 17.79 -17.14
CA TRP A 606 -31.75 18.87 -18.10
C TRP A 606 -33.13 19.36 -18.53
N LYS A 607 -34.06 18.44 -18.72
CA LYS A 607 -35.40 18.77 -19.14
C LYS A 607 -36.33 19.22 -18.02
N ASN A 608 -36.02 18.83 -16.79
CA ASN A 608 -36.85 19.19 -15.65
C ASN A 608 -36.42 20.48 -14.97
N ASN A 609 -35.41 21.14 -15.50
CA ASN A 609 -34.93 22.37 -14.91
C ASN A 609 -34.86 23.51 -15.91
N ILE A 610 -35.32 23.25 -17.12
CA ILE A 610 -35.29 24.27 -18.15
C ILE A 610 -36.59 24.32 -18.93
N GLN A 611 -36.93 25.51 -19.39
CA GLN A 611 -38.15 25.71 -20.16
C GLN A 611 -38.12 24.87 -21.41
N SER A 612 -39.10 23.98 -21.49
CA SER A 612 -39.27 23.06 -22.60
C SER A 612 -39.10 23.72 -23.96
N ASP A 613 -39.67 24.90 -24.14
CA ASP A 613 -39.57 25.62 -25.41
C ASP A 613 -38.19 26.24 -25.63
N LEU A 614 -37.41 26.40 -24.56
CA LEU A 614 -36.06 26.93 -24.71
C LEU A 614 -35.19 25.80 -25.24
N ILE A 615 -35.42 24.61 -24.69
CA ILE A 615 -34.72 23.41 -25.10
C ILE A 615 -34.95 23.18 -26.58
N LYS A 616 -36.22 23.06 -26.95
CA LYS A 616 -36.61 22.81 -28.32
C LYS A 616 -35.99 23.77 -29.33
N LYS A 617 -36.19 25.07 -29.14
CA LYS A 617 -35.64 26.04 -30.07
C LYS A 617 -34.14 25.87 -30.21
N VAL A 618 -33.44 25.80 -29.09
CA VAL A 618 -31.99 25.65 -29.10
C VAL A 618 -31.52 24.32 -29.68
N THR A 619 -32.07 23.21 -29.24
CA THR A 619 -31.61 21.94 -29.77
C THR A 619 -31.96 21.76 -31.26
N ASN A 620 -33.01 22.42 -31.74
CA ASN A 620 -33.38 22.32 -33.15
C ASN A 620 -32.27 23.03 -33.94
N TYR A 621 -31.80 24.12 -33.34
CA TYR A 621 -30.74 24.92 -33.90
C TYR A 621 -29.46 24.10 -33.99
N LEU A 622 -29.17 23.39 -32.90
CA LEU A 622 -27.97 22.55 -32.84
C LEU A 622 -28.07 21.46 -33.90
N VAL A 623 -29.21 20.79 -33.92
CA VAL A 623 -29.46 19.71 -34.86
C VAL A 623 -29.30 20.20 -36.28
N ASP A 624 -29.81 21.40 -36.54
CA ASP A 624 -29.74 21.98 -37.89
C ASP A 624 -28.30 22.06 -38.39
N GLY A 625 -27.37 22.19 -37.44
CA GLY A 625 -25.96 22.27 -37.81
C GLY A 625 -25.23 20.96 -37.57
N ASN A 626 -25.99 19.86 -37.51
CA ASN A 626 -25.43 18.54 -37.26
C ASN A 626 -24.77 18.43 -35.91
N GLY A 627 -25.29 19.16 -34.94
CA GLY A 627 -24.72 19.13 -33.60
C GLY A 627 -24.91 17.77 -32.97
N ARG A 628 -24.23 17.56 -31.85
CA ARG A 628 -24.32 16.31 -31.13
C ARG A 628 -24.18 16.49 -29.63
N PHE A 629 -24.87 15.63 -28.89
CA PHE A 629 -24.77 15.59 -27.44
C PHE A 629 -23.90 14.36 -27.23
N VAL A 630 -22.60 14.57 -27.13
CA VAL A 630 -21.66 13.47 -26.97
C VAL A 630 -21.28 13.14 -25.53
N PHE A 631 -21.61 11.92 -25.11
CA PHE A 631 -21.26 11.45 -23.78
C PHE A 631 -20.13 10.43 -24.00
N THR A 632 -18.93 10.74 -23.53
CA THR A 632 -17.79 9.87 -23.73
C THR A 632 -16.98 9.59 -22.47
N ASP A 633 -16.01 8.70 -22.60
CA ASP A 633 -15.11 8.37 -21.51
C ASP A 633 -13.69 8.44 -22.06
N ILE A 634 -13.52 9.03 -23.25
CA ILE A 634 -12.17 9.21 -23.79
C ILE A 634 -11.98 10.71 -23.61
N THR A 635 -10.74 11.16 -23.48
CA THR A 635 -10.52 12.59 -23.28
C THR A 635 -11.03 13.39 -24.48
N LEU A 636 -11.59 14.56 -24.19
CA LEU A 636 -12.16 15.43 -25.21
C LEU A 636 -11.33 15.69 -26.48
N PRO A 637 -10.00 15.88 -26.34
CA PRO A 637 -9.18 16.14 -27.53
C PRO A 637 -9.31 15.06 -28.62
N ASN A 638 -9.90 13.92 -28.27
CA ASN A 638 -10.06 12.83 -29.21
C ASN A 638 -11.49 12.66 -29.74
N ILE A 639 -12.36 13.59 -29.36
CA ILE A 639 -13.72 13.59 -29.89
C ILE A 639 -13.48 14.52 -31.07
N ALA A 640 -13.93 14.14 -32.26
CA ALA A 640 -13.70 14.97 -33.44
C ALA A 640 -14.60 16.18 -33.49
N GLU A 641 -15.78 16.07 -32.86
CA GLU A 641 -16.69 17.18 -32.82
C GLU A 641 -15.89 18.41 -32.40
N GLN A 642 -14.75 18.17 -31.76
CA GLN A 642 -13.85 19.23 -31.35
C GLN A 642 -12.59 19.27 -32.22
N TYR A 643 -11.96 18.12 -32.45
CA TYR A 643 -10.71 18.14 -33.20
C TYR A 643 -10.76 18.41 -34.69
N THR A 644 -11.88 18.14 -35.34
CA THR A 644 -11.96 18.39 -36.77
C THR A 644 -12.23 19.86 -37.06
N HIS A 645 -12.27 20.67 -36.01
CA HIS A 645 -12.50 22.10 -36.13
C HIS A 645 -11.39 22.88 -35.44
N GLN A 646 -10.23 22.25 -35.30
CA GLN A 646 -9.14 22.95 -34.67
C GLN A 646 -8.24 23.42 -35.79
N ASP A 647 -7.43 24.44 -35.49
CA ASP A 647 -6.48 24.94 -36.47
C ASP A 647 -5.18 24.21 -36.13
N GLU A 648 -4.76 24.34 -34.88
CA GLU A 648 -3.55 23.69 -34.42
C GLU A 648 -3.96 22.59 -33.44
N ILE A 649 -3.08 21.62 -33.25
CA ILE A 649 -3.35 20.52 -32.33
C ILE A 649 -3.35 21.03 -30.89
N TYR A 650 -2.32 21.81 -30.54
CA TYR A 650 -2.18 22.35 -29.20
C TYR A 650 -3.37 23.19 -28.75
N GLU A 651 -4.19 23.62 -29.71
CA GLU A 651 -5.37 24.41 -29.41
C GLU A 651 -6.50 23.52 -28.88
N GLN A 652 -6.14 22.32 -28.47
CA GLN A 652 -7.11 21.37 -27.95
C GLN A 652 -7.52 21.67 -26.51
N VAL A 653 -8.71 21.21 -26.14
CA VAL A 653 -9.20 21.40 -24.79
C VAL A 653 -9.74 20.10 -24.22
N HIS A 654 -9.35 19.81 -22.97
CA HIS A 654 -9.86 18.64 -22.30
C HIS A 654 -10.35 19.06 -20.94
N SER A 655 -11.54 18.61 -20.58
CA SER A 655 -12.12 18.96 -19.31
C SER A 655 -13.39 18.18 -19.10
N LYS A 656 -14.20 18.58 -18.12
CA LYS A 656 -15.45 17.88 -17.85
C LYS A 656 -16.41 18.00 -19.02
N GLY A 657 -16.59 19.23 -19.47
CA GLY A 657 -17.51 19.46 -20.56
C GLY A 657 -16.91 20.49 -21.50
N LEU A 658 -17.51 20.64 -22.68
CA LEU A 658 -17.03 21.58 -23.65
C LEU A 658 -18.08 21.76 -24.71
N TYR A 659 -18.27 23.01 -25.12
CA TYR A 659 -19.22 23.29 -26.18
C TYR A 659 -18.41 23.75 -27.39
N VAL A 660 -18.71 23.19 -28.55
CA VAL A 660 -18.00 23.52 -29.77
C VAL A 660 -18.97 24.18 -30.74
N PRO A 661 -18.83 25.49 -30.96
CA PRO A 661 -19.72 26.22 -31.88
C PRO A 661 -19.69 25.68 -33.31
N GLU A 662 -18.51 25.48 -33.86
CA GLU A 662 -18.38 24.98 -35.23
C GLU A 662 -19.19 23.71 -35.47
N SER A 663 -19.16 22.78 -34.52
CA SER A 663 -19.91 21.54 -34.66
C SER A 663 -21.23 21.61 -33.90
N ARG A 664 -21.43 22.71 -33.19
CA ARG A 664 -22.65 22.90 -32.40
C ARG A 664 -22.90 21.68 -31.53
N SER A 665 -21.85 21.18 -30.90
CA SER A 665 -22.01 20.00 -30.07
C SER A 665 -21.62 20.21 -28.63
N ILE A 666 -22.25 19.46 -27.74
CA ILE A 666 -21.91 19.52 -26.33
C ILE A 666 -21.17 18.22 -26.04
N LEU A 667 -19.96 18.33 -25.51
CA LEU A 667 -19.17 17.14 -25.18
C LEU A 667 -19.09 17.03 -23.66
N LEU A 668 -19.37 15.85 -23.11
CA LEU A 668 -19.30 15.65 -21.68
C LEU A 668 -18.43 14.43 -21.35
N HIS A 669 -17.33 14.67 -20.64
CA HIS A 669 -16.42 13.60 -20.25
C HIS A 669 -16.92 12.96 -18.97
N GLY A 670 -17.07 11.65 -18.97
CA GLY A 670 -17.58 10.97 -17.78
C GLY A 670 -16.66 10.86 -16.58
N PRO A 671 -15.52 10.16 -16.72
CA PRO A 671 -14.56 9.95 -15.63
C PRO A 671 -14.08 11.11 -14.77
N SER A 672 -13.91 12.31 -15.32
CA SER A 672 -13.38 13.39 -14.47
C SER A 672 -14.36 14.11 -13.55
N LYS A 673 -13.78 14.87 -12.63
CA LYS A 673 -14.56 15.67 -11.68
C LYS A 673 -14.55 17.10 -12.18
N GLY A 674 -15.69 17.56 -12.68
CA GLY A 674 -15.77 18.92 -13.18
C GLY A 674 -15.32 19.93 -12.13
N VAL A 675 -14.48 20.87 -12.54
CA VAL A 675 -13.96 21.92 -11.66
C VAL A 675 -15.03 22.34 -10.66
N GLU A 676 -15.12 21.56 -9.60
CA GLU A 676 -16.10 21.76 -8.56
C GLU A 676 -17.47 22.13 -9.13
N LEU A 677 -18.00 21.14 -9.84
CA LEU A 677 -19.32 21.19 -10.43
C LEU A 677 -19.89 19.94 -9.82
N ARG A 678 -20.77 20.13 -8.84
CA ARG A 678 -21.37 19.02 -8.11
C ARG A 678 -21.44 17.68 -8.83
N ASN A 679 -22.02 17.65 -10.03
CA ASN A 679 -22.15 16.41 -10.80
C ASN A 679 -22.26 16.60 -12.31
N ASP A 680 -22.46 15.50 -13.03
CA ASP A 680 -22.57 15.55 -14.48
C ASP A 680 -23.69 16.44 -14.95
N SER A 681 -24.81 16.42 -14.26
CA SER A 681 -25.93 17.27 -14.66
C SER A 681 -25.52 18.74 -14.70
N GLU A 682 -25.02 19.25 -13.58
CA GLU A 682 -24.59 20.65 -13.54
C GLU A 682 -23.67 20.97 -14.73
N GLY A 683 -22.72 20.06 -14.99
CA GLY A 683 -21.78 20.25 -16.08
C GLY A 683 -22.43 20.31 -17.46
N PHE A 684 -23.38 19.41 -17.70
CA PHE A 684 -24.06 19.40 -18.97
C PHE A 684 -24.86 20.67 -19.11
N ILE A 685 -25.59 21.06 -18.07
CA ILE A 685 -26.40 22.26 -18.16
C ILE A 685 -25.52 23.48 -18.37
N HIS A 686 -24.33 23.47 -17.77
CA HIS A 686 -23.42 24.58 -17.94
C HIS A 686 -23.10 24.71 -19.43
N GLU A 687 -22.81 23.58 -20.07
CA GLU A 687 -22.48 23.58 -21.49
C GLU A 687 -23.63 24.04 -22.33
N PHE A 688 -24.85 23.81 -21.83
CA PHE A 688 -26.03 24.22 -22.56
C PHE A 688 -26.10 25.74 -22.50
N GLY A 689 -25.46 26.31 -21.49
CA GLY A 689 -25.43 27.76 -21.37
C GLY A 689 -24.78 28.29 -22.62
N HIS A 690 -23.60 27.77 -22.94
CA HIS A 690 -22.87 28.19 -24.12
C HIS A 690 -23.73 27.98 -25.34
N ALA A 691 -24.49 26.88 -25.36
CA ALA A 691 -25.36 26.59 -26.48
C ALA A 691 -26.33 27.76 -26.65
N VAL A 692 -26.90 28.23 -25.56
CA VAL A 692 -27.84 29.35 -25.60
C VAL A 692 -27.12 30.63 -25.99
N ASP A 693 -26.00 30.91 -25.35
CA ASP A 693 -25.21 32.08 -25.67
C ASP A 693 -25.00 32.13 -27.18
N ASP A 694 -25.03 30.95 -27.82
CA ASP A 694 -24.83 30.82 -29.26
C ASP A 694 -26.07 31.12 -30.08
N TYR A 695 -27.20 30.51 -29.72
CA TYR A 695 -28.44 30.68 -30.45
C TYR A 695 -29.05 32.05 -30.24
N ALA A 696 -28.79 32.64 -29.08
CA ALA A 696 -29.31 33.97 -28.81
C ALA A 696 -28.51 34.94 -29.67
N GLY A 697 -27.19 34.96 -29.46
CA GLY A 697 -26.34 35.84 -30.23
C GLY A 697 -26.48 35.66 -31.73
N TYR A 698 -27.08 34.55 -32.14
CA TYR A 698 -27.28 34.26 -33.55
C TYR A 698 -28.56 34.95 -34.01
N LEU A 699 -29.52 35.03 -33.10
CA LEU A 699 -30.78 35.69 -33.38
C LEU A 699 -30.56 37.19 -33.20
N LEU A 700 -29.31 37.56 -32.96
CA LEU A 700 -28.88 38.95 -32.79
C LEU A 700 -28.55 39.43 -34.21
N ASP A 701 -27.28 39.68 -34.54
CA ASP A 701 -27.02 40.03 -35.93
C ASP A 701 -27.39 38.72 -36.61
N LYS A 702 -28.63 38.65 -37.08
CA LYS A 702 -29.17 37.45 -37.72
C LYS A 702 -28.25 36.88 -38.78
N ASN A 703 -27.69 37.77 -39.58
CA ASN A 703 -26.83 37.43 -40.70
C ASN A 703 -25.41 37.02 -40.33
N GLN A 704 -25.19 36.70 -39.05
CA GLN A 704 -23.86 36.29 -38.62
C GLN A 704 -23.85 35.17 -37.59
N SER A 705 -22.67 34.91 -37.05
CA SER A 705 -22.51 33.86 -36.06
C SER A 705 -21.72 34.39 -34.87
N ASP A 706 -22.30 35.33 -34.12
CA ASP A 706 -21.62 35.88 -32.97
C ASP A 706 -22.36 35.59 -31.66
N LEU A 707 -21.61 35.54 -30.56
CA LEU A 707 -22.19 35.26 -29.25
C LEU A 707 -22.84 36.49 -28.62
N VAL A 708 -23.99 36.28 -28.00
CA VAL A 708 -24.72 37.34 -27.33
C VAL A 708 -23.99 37.76 -26.06
N THR A 709 -22.93 37.03 -25.74
CA THR A 709 -22.13 37.32 -24.56
C THR A 709 -21.02 38.31 -24.91
N ASN A 710 -20.97 38.68 -26.19
CA ASN A 710 -19.98 39.62 -26.70
C ASN A 710 -20.53 41.03 -26.69
N SER A 711 -21.85 41.14 -26.64
CA SER A 711 -22.53 42.43 -26.62
C SER A 711 -21.97 43.31 -25.51
N LYS A 712 -21.78 44.58 -25.83
CA LYS A 712 -21.27 45.53 -24.86
C LYS A 712 -22.19 45.48 -23.65
N LYS A 713 -23.49 45.35 -23.91
CA LYS A 713 -24.48 45.30 -22.85
C LYS A 713 -24.12 44.28 -21.79
N PHE A 714 -23.80 43.06 -22.21
CA PHE A 714 -23.44 42.02 -21.26
C PHE A 714 -22.02 42.17 -20.72
N ILE A 715 -21.09 42.55 -21.57
CA ILE A 715 -19.71 42.72 -21.14
C ILE A 715 -19.64 43.63 -19.91
N ASP A 716 -20.49 44.65 -19.91
CA ASP A 716 -20.53 45.58 -18.80
C ASP A 716 -21.21 44.95 -17.59
N ILE A 717 -22.25 44.15 -17.85
CA ILE A 717 -22.96 43.47 -16.76
C ILE A 717 -21.94 42.58 -16.06
N PHE A 718 -21.04 42.02 -16.86
CA PHE A 718 -19.98 41.15 -16.34
C PHE A 718 -18.91 41.98 -15.65
N LYS A 719 -18.69 43.18 -16.17
CA LYS A 719 -17.70 44.10 -15.61
C LYS A 719 -18.03 44.40 -14.16
N GLU A 720 -19.31 44.33 -13.82
CA GLU A 720 -19.77 44.62 -12.46
C GLU A 720 -20.17 43.43 -11.59
N GLU A 721 -20.88 42.48 -12.18
CA GLU A 721 -21.32 41.32 -11.42
C GLU A 721 -20.46 40.08 -11.67
N GLY A 722 -19.54 40.20 -12.62
CA GLY A 722 -18.68 39.08 -12.97
C GLY A 722 -17.86 38.41 -11.88
N SER A 723 -18.07 38.79 -10.63
CA SER A 723 -17.31 38.19 -9.55
C SER A 723 -18.21 37.72 -8.41
N ASN A 724 -19.49 38.02 -8.54
CA ASN A 724 -20.47 37.66 -7.51
C ASN A 724 -20.89 36.20 -7.46
N LEU A 725 -20.72 35.47 -8.57
CA LEU A 725 -21.12 34.08 -8.61
C LEU A 725 -20.01 33.10 -8.26
N THR A 726 -19.41 32.47 -9.25
CA THR A 726 -18.34 31.53 -8.98
C THR A 726 -17.02 32.01 -9.52
N SER A 727 -15.95 31.39 -9.06
CA SER A 727 -14.62 31.73 -9.49
C SER A 727 -14.50 31.32 -10.94
N TYR A 728 -14.99 30.12 -11.22
CA TYR A 728 -14.96 29.61 -12.57
C TYR A 728 -15.78 30.54 -13.45
N GLY A 729 -16.88 31.03 -12.92
CA GLY A 729 -17.74 31.93 -13.66
C GLY A 729 -17.04 33.26 -13.89
N ARG A 730 -16.09 33.55 -13.01
CA ARG A 730 -15.32 34.79 -13.08
C ARG A 730 -14.34 34.76 -14.27
N THR A 731 -14.03 33.56 -14.74
CA THR A 731 -13.10 33.37 -15.86
C THR A 731 -13.27 34.36 -17.01
N ASN A 732 -14.49 34.49 -17.51
CA ASN A 732 -14.77 35.41 -18.61
C ASN A 732 -16.26 35.50 -18.91
N GLU A 733 -16.59 36.29 -19.93
CA GLU A 733 -17.98 36.52 -20.33
C GLU A 733 -18.81 35.25 -20.45
N ALA A 734 -18.55 34.49 -21.51
CA ALA A 734 -19.29 33.25 -21.78
C ALA A 734 -19.32 32.29 -20.60
N GLU A 735 -18.23 32.22 -19.86
CA GLU A 735 -18.17 31.34 -18.71
C GLU A 735 -19.10 31.86 -17.62
N PHE A 736 -19.04 33.16 -17.37
CA PHE A 736 -19.89 33.78 -16.36
C PHE A 736 -21.34 33.51 -16.74
N PHE A 737 -21.66 33.73 -18.02
CA PHE A 737 -22.99 33.50 -18.53
C PHE A 737 -23.43 32.05 -18.30
N ALA A 738 -22.56 31.11 -18.64
CA ALA A 738 -22.86 29.68 -18.48
C ALA A 738 -23.05 29.28 -17.02
N GLU A 739 -22.20 29.82 -16.14
CA GLU A 739 -22.29 29.52 -14.72
C GLU A 739 -23.59 30.10 -14.16
N ALA A 740 -23.86 31.33 -14.54
CA ALA A 740 -25.08 32.00 -14.08
C ALA A 740 -26.26 31.20 -14.59
N PHE A 741 -26.27 30.95 -15.89
CA PHE A 741 -27.35 30.19 -16.50
C PHE A 741 -27.57 28.90 -15.71
N ARG A 742 -26.47 28.19 -15.47
CA ARG A 742 -26.51 26.92 -14.73
C ARG A 742 -27.13 27.02 -13.33
N LEU A 743 -26.65 27.96 -12.53
CA LEU A 743 -27.18 28.11 -11.18
C LEU A 743 -28.66 28.44 -11.23
N MET A 744 -29.03 29.28 -12.18
CA MET A 744 -30.43 29.67 -12.34
C MET A 744 -31.32 28.47 -12.56
N HIS A 745 -30.79 27.45 -13.22
CA HIS A 745 -31.58 26.24 -13.49
C HIS A 745 -31.14 25.05 -12.65
N SER A 746 -30.57 25.33 -11.48
CA SER A 746 -30.10 24.31 -10.56
C SER A 746 -31.27 23.63 -9.87
N THR A 747 -31.05 22.43 -9.36
CA THR A 747 -32.11 21.70 -8.66
C THR A 747 -32.23 22.29 -7.27
N ASP A 748 -31.12 22.83 -6.78
CA ASP A 748 -31.08 23.46 -5.47
C ASP A 748 -31.64 24.87 -5.66
N HIS A 749 -32.88 25.08 -5.24
CA HIS A 749 -33.50 26.38 -5.38
C HIS A 749 -32.76 27.49 -4.67
N ALA A 750 -31.96 27.11 -3.67
CA ALA A 750 -31.17 28.10 -2.94
C ALA A 750 -30.16 28.67 -3.92
N GLU A 751 -29.66 27.81 -4.80
CA GLU A 751 -28.68 28.21 -5.81
C GLU A 751 -29.27 29.34 -6.62
N ARG A 752 -30.40 29.06 -7.25
CA ARG A 752 -31.09 30.04 -8.07
C ARG A 752 -31.13 31.39 -7.36
N LEU A 753 -31.52 31.36 -6.09
CA LEU A 753 -31.62 32.58 -5.31
C LEU A 753 -30.31 33.37 -5.25
N LYS A 754 -29.19 32.67 -5.09
CA LYS A 754 -27.89 33.34 -5.02
C LYS A 754 -27.66 34.28 -6.20
N VAL A 755 -27.99 33.83 -7.39
CA VAL A 755 -27.81 34.64 -8.57
C VAL A 755 -28.77 35.82 -8.51
N GLN A 756 -30.02 35.53 -8.18
CA GLN A 756 -31.06 36.53 -8.08
C GLN A 756 -30.68 37.68 -7.14
N LYS A 757 -29.92 37.38 -6.10
CA LYS A 757 -29.53 38.43 -5.15
C LYS A 757 -28.05 38.77 -5.13
N ASN A 758 -27.30 38.28 -6.10
CA ASN A 758 -25.88 38.58 -6.18
C ASN A 758 -25.47 38.90 -7.61
N ALA A 759 -26.41 38.72 -8.53
CA ALA A 759 -26.19 39.01 -9.94
C ALA A 759 -27.55 39.39 -10.52
N PRO A 760 -28.25 40.33 -9.86
CA PRO A 760 -29.57 40.78 -10.29
C PRO A 760 -29.68 41.23 -11.74
N LYS A 761 -28.74 42.04 -12.21
CA LYS A 761 -28.80 42.49 -13.59
C LYS A 761 -28.54 41.33 -14.56
N THR A 762 -27.68 40.40 -14.15
CA THR A 762 -27.36 39.24 -14.97
C THR A 762 -28.57 38.33 -15.04
N PHE A 763 -29.20 38.12 -13.89
CA PHE A 763 -30.40 37.29 -13.79
C PHE A 763 -31.48 37.77 -14.75
N GLN A 764 -31.72 39.07 -14.71
CA GLN A 764 -32.72 39.68 -15.57
C GLN A 764 -32.26 39.58 -17.03
N PHE A 765 -30.95 39.57 -17.25
CA PHE A 765 -30.41 39.46 -18.61
C PHE A 765 -30.69 38.08 -19.20
N ILE A 766 -30.18 37.04 -18.53
CA ILE A 766 -30.39 35.67 -18.99
C ILE A 766 -31.87 35.47 -19.31
N ASN A 767 -32.74 35.94 -18.43
CA ASN A 767 -34.18 35.80 -18.65
C ASN A 767 -34.64 36.51 -19.91
N ASP A 768 -34.06 37.67 -20.21
CA ASP A 768 -34.43 38.39 -21.42
C ASP A 768 -34.11 37.49 -22.61
N GLN A 769 -32.92 36.91 -22.58
CA GLN A 769 -32.48 36.01 -23.64
C GLN A 769 -33.41 34.82 -23.81
N ILE A 770 -33.94 34.32 -22.69
CA ILE A 770 -34.84 33.18 -22.73
C ILE A 770 -36.12 33.51 -23.53
N LYS A 771 -36.85 34.53 -23.09
CA LYS A 771 -38.08 34.96 -23.75
C LYS A 771 -37.79 35.33 -25.19
N PHE A 772 -36.64 35.94 -25.41
CA PHE A 772 -36.22 36.33 -26.75
C PHE A 772 -36.31 35.06 -27.59
N ILE A 773 -35.40 34.14 -27.34
CA ILE A 773 -35.32 32.86 -28.04
C ILE A 773 -36.66 32.13 -28.14
N ILE A 774 -37.42 32.10 -27.06
CA ILE A 774 -38.71 31.42 -27.07
C ILE A 774 -39.69 32.01 -28.06
N ASN A 775 -39.78 33.34 -28.11
CA ASN A 775 -40.69 34.02 -29.03
C ASN A 775 -40.10 34.20 -30.42
N SER A 776 -38.81 33.89 -30.56
CA SER A 776 -38.13 34.02 -31.85
C SER A 776 -37.62 32.68 -32.36
N GLU B 27 21.51 -25.03 24.43
CA GLU B 27 21.74 -26.08 23.40
C GLU B 27 20.53 -27.02 23.25
N ARG B 28 20.19 -27.36 22.01
CA ARG B 28 19.04 -28.23 21.74
C ARG B 28 19.39 -29.51 20.96
N ASN B 29 20.70 -29.83 20.85
CA ASN B 29 21.19 -31.02 20.13
C ASN B 29 20.39 -32.32 20.35
N LYS B 30 19.62 -32.37 21.43
CA LYS B 30 18.80 -33.54 21.77
C LYS B 30 17.61 -33.73 20.82
N THR B 31 16.54 -32.97 21.04
CA THR B 31 15.35 -33.08 20.17
C THR B 31 15.71 -32.48 18.81
N GLN B 32 16.77 -31.69 18.78
CA GLN B 32 17.22 -31.06 17.54
C GLN B 32 17.52 -32.12 16.49
N GLU B 33 18.80 -32.50 16.41
CA GLU B 33 19.29 -33.49 15.46
C GLU B 33 18.45 -34.75 15.26
N GLU B 34 18.14 -35.45 16.35
CA GLU B 34 17.38 -36.68 16.19
C GLU B 34 15.90 -36.58 15.78
N HIS B 35 15.19 -35.53 16.17
CA HIS B 35 13.79 -35.43 15.73
C HIS B 35 13.80 -35.27 14.21
N LEU B 36 14.95 -34.87 13.67
CA LEU B 36 15.18 -34.69 12.24
C LEU B 36 14.81 -36.01 11.56
N LYS B 37 14.61 -37.05 12.38
CA LYS B 37 14.24 -38.38 11.92
C LYS B 37 12.75 -38.43 11.59
N GLU B 38 11.99 -37.45 12.08
CA GLU B 38 10.56 -37.36 11.79
C GLU B 38 10.44 -36.73 10.41
N ILE B 39 11.27 -35.72 10.17
CA ILE B 39 11.29 -35.04 8.89
C ILE B 39 11.63 -36.13 7.87
N MET B 40 12.61 -36.96 8.22
CA MET B 40 13.03 -38.06 7.36
C MET B 40 12.03 -39.20 7.36
N LYS B 41 11.39 -39.45 8.50
CA LYS B 41 10.41 -40.51 8.62
C LYS B 41 9.13 -40.10 7.89
N HIS B 42 9.17 -38.94 7.24
CA HIS B 42 8.01 -38.46 6.51
C HIS B 42 8.30 -38.06 5.07
N ILE B 43 9.56 -37.77 4.76
CA ILE B 43 9.93 -37.37 3.41
C ILE B 43 10.96 -38.30 2.77
N VAL B 44 11.60 -39.14 3.58
CA VAL B 44 12.62 -40.05 3.07
C VAL B 44 12.08 -41.46 2.87
N LYS B 45 11.78 -41.82 1.63
CA LYS B 45 11.26 -43.15 1.32
C LYS B 45 12.37 -44.07 0.81
N ILE B 46 12.60 -45.15 1.56
CA ILE B 46 13.62 -46.15 1.23
C ILE B 46 13.03 -47.26 0.36
N GLU B 47 13.11 -47.11 -0.97
CA GLU B 47 12.57 -48.12 -1.86
C GLU B 47 13.65 -48.91 -2.62
N VAL B 48 14.47 -49.62 -1.85
CA VAL B 48 15.55 -50.45 -2.38
C VAL B 48 15.34 -51.92 -2.02
N LYS B 49 16.20 -52.79 -2.52
CA LYS B 49 16.10 -54.22 -2.24
C LYS B 49 17.26 -54.78 -1.42
N GLY B 50 18.49 -54.59 -1.94
CA GLY B 50 19.69 -55.09 -1.27
C GLY B 50 19.91 -54.71 0.18
N GLU B 51 19.07 -55.24 1.07
CA GLU B 51 19.16 -54.97 2.51
C GLU B 51 18.96 -53.51 2.88
N GLU B 52 17.72 -53.17 3.22
CA GLU B 52 17.35 -51.82 3.62
C GLU B 52 17.89 -51.55 5.02
N ALA B 53 19.12 -51.99 5.26
CA ALA B 53 19.77 -51.80 6.54
C ALA B 53 20.85 -50.75 6.37
N VAL B 54 22.03 -51.20 5.93
CA VAL B 54 23.14 -50.29 5.72
C VAL B 54 22.75 -49.25 4.67
N LYS B 55 21.95 -49.68 3.70
CA LYS B 55 21.50 -48.79 2.62
C LYS B 55 20.68 -47.63 3.16
N LYS B 56 19.89 -47.88 4.18
CA LYS B 56 19.05 -46.86 4.78
C LYS B 56 19.89 -45.91 5.64
N GLU B 57 20.54 -46.45 6.67
CA GLU B 57 21.36 -45.61 7.54
C GLU B 57 22.47 -44.95 6.72
N ALA B 58 22.73 -45.48 5.53
CA ALA B 58 23.76 -44.91 4.66
C ALA B 58 23.30 -43.51 4.27
N ALA B 59 22.07 -43.42 3.78
CA ALA B 59 21.47 -42.17 3.38
C ALA B 59 21.36 -41.29 4.61
N GLU B 60 21.06 -41.90 5.75
CA GLU B 60 20.94 -41.20 7.01
C GLU B 60 22.10 -40.22 7.18
N LYS B 61 23.32 -40.74 7.16
CA LYS B 61 24.51 -39.91 7.32
C LYS B 61 24.74 -39.03 6.09
N LEU B 62 24.12 -39.40 4.97
CA LEU B 62 24.26 -38.62 3.74
C LEU B 62 23.49 -37.31 3.88
N LEU B 63 22.22 -37.44 4.20
CA LEU B 63 21.34 -36.29 4.37
C LEU B 63 21.52 -35.67 5.74
N GLU B 64 22.52 -36.14 6.47
CA GLU B 64 22.78 -35.64 7.81
C GLU B 64 23.60 -34.36 7.79
N LYS B 65 24.38 -34.17 6.73
CA LYS B 65 25.23 -32.99 6.59
C LYS B 65 24.43 -31.78 6.13
N VAL B 66 23.21 -32.03 5.66
CA VAL B 66 22.36 -30.96 5.18
C VAL B 66 21.59 -30.38 6.37
N PRO B 67 21.59 -29.05 6.52
CA PRO B 67 20.89 -28.39 7.63
C PRO B 67 19.47 -28.88 7.73
N SER B 68 19.09 -29.28 8.94
CA SER B 68 17.76 -29.80 9.19
C SER B 68 16.68 -28.90 8.58
N ASP B 69 16.80 -27.58 8.79
CA ASP B 69 15.82 -26.64 8.26
C ASP B 69 15.57 -26.79 6.77
N VAL B 70 16.61 -27.18 6.01
CA VAL B 70 16.44 -27.37 4.59
C VAL B 70 15.43 -28.48 4.30
N LEU B 71 15.54 -29.57 5.05
CA LEU B 71 14.64 -30.68 4.86
C LEU B 71 13.24 -30.32 5.31
N GLU B 72 13.11 -29.58 6.40
CA GLU B 72 11.78 -29.20 6.83
C GLU B 72 11.16 -28.28 5.78
N MET B 73 11.96 -27.39 5.22
CA MET B 73 11.46 -26.51 4.20
C MET B 73 11.02 -27.30 2.97
N TYR B 74 11.73 -28.39 2.67
CA TYR B 74 11.37 -29.21 1.52
C TYR B 74 10.04 -29.88 1.78
N LYS B 75 9.83 -30.33 3.02
CA LYS B 75 8.57 -30.96 3.38
C LYS B 75 7.44 -29.94 3.20
N ALA B 76 7.65 -28.71 3.71
CA ALA B 76 6.64 -27.67 3.62
C ALA B 76 6.18 -27.41 2.18
N ILE B 77 7.12 -27.59 1.24
CA ILE B 77 6.84 -27.39 -0.17
C ILE B 77 6.25 -28.66 -0.77
N GLY B 78 6.05 -29.66 0.09
CA GLY B 78 5.49 -30.91 -0.33
C GLY B 78 6.46 -31.67 -1.20
N GLY B 79 7.56 -32.13 -0.60
CA GLY B 79 8.55 -32.85 -1.37
C GLY B 79 8.94 -34.15 -0.72
N LYS B 80 9.27 -35.15 -1.54
CA LYS B 80 9.67 -36.47 -1.04
C LYS B 80 11.06 -36.83 -1.57
N ILE B 81 11.85 -37.47 -0.71
CA ILE B 81 13.19 -37.91 -1.08
C ILE B 81 13.14 -39.43 -1.21
N TYR B 82 13.52 -39.92 -2.38
CA TYR B 82 13.50 -41.36 -2.66
C TYR B 82 14.87 -42.03 -2.78
N ILE B 83 15.18 -42.88 -1.80
CA ILE B 83 16.44 -43.62 -1.76
C ILE B 83 16.20 -44.98 -2.43
N VAL B 84 16.55 -45.09 -3.71
CA VAL B 84 16.33 -46.33 -4.46
C VAL B 84 17.54 -46.78 -5.27
N ASP B 85 17.67 -48.09 -5.49
CA ASP B 85 18.79 -48.62 -6.27
C ASP B 85 18.36 -48.98 -7.70
N GLY B 86 19.31 -48.89 -8.63
CA GLY B 86 19.02 -49.20 -10.03
C GLY B 86 18.84 -47.93 -10.86
N ASP B 87 18.36 -48.09 -12.09
CA ASP B 87 18.14 -46.94 -12.98
C ASP B 87 17.10 -46.01 -12.36
N ILE B 88 17.58 -44.99 -11.64
CA ILE B 88 16.70 -44.03 -11.00
C ILE B 88 15.62 -43.51 -11.95
N THR B 89 16.00 -43.30 -13.21
CA THR B 89 15.08 -42.80 -14.22
C THR B 89 13.87 -43.73 -14.33
N LYS B 90 14.07 -44.97 -13.93
CA LYS B 90 13.01 -45.96 -13.98
C LYS B 90 12.08 -45.88 -12.77
N HIS B 91 12.58 -45.36 -11.66
CA HIS B 91 11.76 -45.22 -10.47
C HIS B 91 10.44 -44.51 -10.79
N ILE B 92 9.38 -44.88 -10.07
CA ILE B 92 8.04 -44.32 -10.24
C ILE B 92 8.11 -42.82 -10.53
N SER B 93 8.35 -42.08 -9.46
CA SER B 93 8.46 -40.63 -9.45
C SER B 93 8.98 -39.93 -10.71
N LEU B 94 10.01 -40.48 -11.31
CA LEU B 94 10.64 -39.82 -12.47
C LEU B 94 10.36 -40.22 -13.91
N GLU B 95 9.64 -41.30 -14.21
CA GLU B 95 9.50 -41.58 -15.64
C GLU B 95 8.44 -40.81 -16.38
N ALA B 96 8.46 -39.50 -16.21
CA ALA B 96 7.56 -38.61 -16.92
C ALA B 96 8.54 -37.69 -17.63
N LEU B 97 9.80 -37.80 -17.20
CA LEU B 97 10.91 -37.00 -17.72
C LEU B 97 11.09 -37.08 -19.22
N SER B 98 10.90 -35.94 -19.89
CA SER B 98 11.06 -35.84 -21.33
C SER B 98 12.53 -36.09 -21.66
N GLU B 99 12.82 -36.43 -22.90
CA GLU B 99 14.21 -36.69 -23.29
C GLU B 99 15.12 -35.52 -22.87
N ASP B 100 14.57 -34.30 -22.88
CA ASP B 100 15.33 -33.12 -22.49
C ASP B 100 15.91 -33.27 -21.09
N LYS B 101 15.01 -33.43 -20.12
CA LYS B 101 15.40 -33.60 -18.72
C LYS B 101 16.32 -34.81 -18.53
N LYS B 102 16.45 -35.64 -19.56
CA LYS B 102 17.29 -36.84 -19.51
C LYS B 102 18.75 -36.51 -19.85
N LYS B 103 19.00 -35.26 -20.22
CA LYS B 103 20.33 -34.77 -20.58
C LYS B 103 20.71 -33.77 -19.48
N ILE B 104 21.43 -34.25 -18.45
CA ILE B 104 21.84 -33.39 -17.33
C ILE B 104 23.35 -33.22 -17.20
N LYS B 105 23.77 -32.26 -16.36
CA LYS B 105 25.19 -32.00 -16.11
C LYS B 105 25.51 -32.07 -14.62
N ASP B 106 26.71 -32.53 -14.28
CA ASP B 106 27.10 -32.67 -12.89
C ASP B 106 27.71 -31.39 -12.32
N ILE B 107 28.01 -31.45 -11.03
CA ILE B 107 28.58 -30.31 -10.32
C ILE B 107 29.75 -29.68 -11.06
N TYR B 108 30.41 -30.46 -11.92
CA TYR B 108 31.56 -29.94 -12.65
C TYR B 108 31.23 -29.46 -14.07
N GLY B 109 29.95 -29.52 -14.43
CA GLY B 109 29.54 -29.07 -15.76
C GLY B 109 29.58 -30.13 -16.83
N LYS B 110 30.12 -31.31 -16.49
CA LYS B 110 30.23 -32.42 -17.43
C LYS B 110 28.84 -32.97 -17.79
N ASP B 111 28.67 -33.43 -19.01
CA ASP B 111 27.39 -33.98 -19.44
C ASP B 111 27.20 -35.41 -18.95
N ALA B 112 25.94 -35.84 -18.87
CA ALA B 112 25.64 -37.20 -18.43
C ALA B 112 24.20 -37.62 -18.71
N LEU B 113 23.87 -38.84 -18.31
CA LEU B 113 22.53 -39.39 -18.52
C LEU B 113 21.95 -39.86 -17.20
N LEU B 114 20.85 -39.25 -16.77
CA LEU B 114 20.20 -39.66 -15.53
C LEU B 114 20.01 -41.17 -15.62
N HIS B 115 19.79 -41.61 -16.85
CA HIS B 115 19.60 -43.01 -17.20
C HIS B 115 20.53 -43.89 -16.37
N GLU B 116 21.76 -43.40 -16.18
CA GLU B 116 22.76 -44.14 -15.41
C GLU B 116 23.41 -43.34 -14.28
N HIS B 117 22.88 -42.15 -13.99
CA HIS B 117 23.45 -41.34 -12.90
C HIS B 117 22.89 -41.78 -11.55
N TYR B 118 23.37 -41.15 -10.48
CA TYR B 118 22.92 -41.52 -9.13
C TYR B 118 21.98 -40.57 -8.40
N VAL B 119 21.73 -39.39 -8.94
CA VAL B 119 20.83 -38.48 -8.27
C VAL B 119 20.18 -37.43 -9.15
N TYR B 120 18.90 -37.18 -8.90
CA TYR B 120 18.16 -36.18 -9.65
C TYR B 120 17.07 -35.60 -8.77
N ALA B 121 16.82 -34.31 -8.97
CA ALA B 121 15.79 -33.59 -8.23
C ALA B 121 14.83 -33.01 -9.26
N LYS B 122 13.58 -33.47 -9.22
CA LYS B 122 12.61 -32.95 -10.18
C LYS B 122 12.00 -31.64 -9.70
N GLU B 123 11.94 -30.67 -10.60
CA GLU B 123 11.33 -29.38 -10.31
C GLU B 123 9.82 -29.65 -10.35
N GLY B 124 8.97 -28.62 -10.41
CA GLY B 124 7.53 -28.88 -10.48
C GLY B 124 6.74 -28.61 -9.22
N TYR B 125 5.42 -28.83 -9.26
CA TYR B 125 4.58 -28.57 -8.09
C TYR B 125 4.64 -29.72 -7.13
N GLU B 126 5.05 -30.87 -7.66
CA GLU B 126 5.10 -32.07 -6.84
C GLU B 126 6.55 -32.58 -6.88
N PRO B 127 7.48 -31.80 -6.26
CA PRO B 127 8.93 -32.05 -6.16
C PRO B 127 9.36 -33.36 -5.52
N VAL B 128 10.54 -33.83 -5.92
CA VAL B 128 11.10 -35.07 -5.42
C VAL B 128 12.62 -35.12 -5.57
N LEU B 129 13.27 -35.87 -4.71
CA LEU B 129 14.72 -36.02 -4.77
C LEU B 129 14.95 -37.52 -4.86
N VAL B 130 15.57 -37.98 -5.96
CA VAL B 130 15.83 -39.39 -6.13
C VAL B 130 17.33 -39.72 -6.05
N ILE B 131 17.69 -40.52 -5.05
CA ILE B 131 19.08 -40.90 -4.82
C ILE B 131 19.26 -42.41 -5.00
N GLN B 132 20.18 -42.79 -5.89
CA GLN B 132 20.48 -44.20 -6.16
C GLN B 132 21.32 -44.81 -5.02
N SER B 133 20.64 -45.41 -4.05
CA SER B 133 21.29 -46.02 -2.87
C SER B 133 22.68 -46.58 -3.13
N SER B 134 23.56 -46.37 -2.16
CA SER B 134 24.95 -46.84 -2.24
C SER B 134 25.65 -46.49 -0.93
N GLU B 135 26.95 -46.74 -0.88
CA GLU B 135 27.77 -46.44 0.30
C GLU B 135 29.03 -45.71 -0.16
N ASP B 136 29.08 -45.37 -1.45
CA ASP B 136 30.22 -44.67 -2.03
C ASP B 136 30.26 -43.27 -1.43
N TYR B 137 29.11 -42.80 -0.98
CA TYR B 137 28.94 -41.47 -0.38
C TYR B 137 29.99 -41.22 0.69
N VAL B 138 30.36 -42.28 1.41
CA VAL B 138 31.35 -42.18 2.47
C VAL B 138 32.71 -41.82 1.88
N GLU B 139 33.24 -42.72 1.05
CA GLU B 139 34.54 -42.56 0.40
C GLU B 139 34.51 -41.57 -0.78
N ASN B 140 33.71 -41.91 -1.78
CA ASN B 140 33.54 -41.12 -2.99
C ASN B 140 33.03 -39.71 -2.67
N THR B 141 33.94 -38.82 -2.32
CA THR B 141 33.58 -37.44 -1.97
C THR B 141 32.88 -36.72 -3.11
N GLU B 142 33.10 -37.18 -4.34
CA GLU B 142 32.47 -36.55 -5.50
C GLU B 142 31.03 -37.00 -5.73
N LYS B 143 30.71 -38.21 -5.31
CA LYS B 143 29.36 -38.72 -5.47
C LYS B 143 28.50 -37.84 -4.56
N ALA B 144 29.01 -37.61 -3.35
CA ALA B 144 28.31 -36.79 -2.36
C ALA B 144 28.20 -35.32 -2.78
N LEU B 145 29.33 -34.74 -3.15
CA LEU B 145 29.36 -33.35 -3.59
C LEU B 145 28.20 -33.16 -4.55
N ASN B 146 28.10 -34.05 -5.53
CA ASN B 146 27.05 -33.98 -6.52
C ASN B 146 25.65 -34.03 -5.96
N VAL B 147 25.42 -34.93 -5.02
CA VAL B 147 24.10 -35.07 -4.41
C VAL B 147 23.72 -33.75 -3.75
N TYR B 148 24.61 -33.26 -2.89
CA TYR B 148 24.40 -32.01 -2.17
C TYR B 148 24.07 -30.89 -3.15
N TYR B 149 24.81 -30.86 -4.25
CA TYR B 149 24.62 -29.87 -5.28
C TYR B 149 23.17 -29.94 -5.78
N GLU B 150 22.62 -31.13 -5.81
CA GLU B 150 21.26 -31.29 -6.28
C GLU B 150 20.31 -30.71 -5.25
N ILE B 151 20.65 -30.89 -3.98
CA ILE B 151 19.84 -30.35 -2.88
C ILE B 151 19.93 -28.82 -2.96
N GLY B 152 21.11 -28.32 -3.31
CA GLY B 152 21.30 -26.88 -3.46
C GLY B 152 20.39 -26.34 -4.54
N LYS B 153 20.24 -27.08 -5.64
CA LYS B 153 19.37 -26.64 -6.71
C LYS B 153 17.93 -26.66 -6.21
N ILE B 154 17.66 -27.47 -5.19
CA ILE B 154 16.33 -27.53 -4.63
C ILE B 154 16.14 -26.28 -3.77
N LEU B 155 16.98 -26.16 -2.76
CA LEU B 155 16.96 -25.04 -1.84
C LEU B 155 16.84 -23.72 -2.62
N SER B 156 17.72 -23.58 -3.60
CA SER B 156 17.78 -22.40 -4.44
C SER B 156 16.63 -22.15 -5.42
N ARG B 157 16.30 -23.17 -6.20
CA ARG B 157 15.25 -23.07 -7.22
C ARG B 157 13.84 -23.45 -6.79
N ASP B 158 13.71 -24.39 -5.86
CA ASP B 158 12.41 -24.86 -5.41
C ASP B 158 11.95 -24.29 -4.07
N ILE B 159 12.88 -24.13 -3.12
CA ILE B 159 12.53 -23.60 -1.82
C ILE B 159 12.59 -22.07 -1.76
N LEU B 160 13.81 -21.53 -1.83
CA LEU B 160 14.03 -20.08 -1.76
C LEU B 160 13.19 -19.16 -2.66
N SER B 161 12.91 -19.60 -3.88
CA SER B 161 12.12 -18.79 -4.79
C SER B 161 10.70 -18.54 -4.29
N LYS B 162 10.17 -19.44 -3.47
CA LYS B 162 8.82 -19.24 -2.95
C LYS B 162 8.79 -17.99 -2.07
N ILE B 163 9.96 -17.51 -1.66
CA ILE B 163 10.04 -16.30 -0.85
C ILE B 163 10.93 -15.26 -1.53
N ASN B 164 10.90 -15.24 -2.87
CA ASN B 164 11.66 -14.28 -3.66
C ASN B 164 13.16 -14.27 -3.41
N GLN B 165 13.73 -15.45 -3.22
CA GLN B 165 15.17 -15.54 -2.98
C GLN B 165 15.80 -16.60 -3.89
N PRO B 166 17.12 -16.55 -4.04
CA PRO B 166 17.99 -15.56 -3.41
C PRO B 166 17.71 -14.23 -4.06
N TYR B 167 18.20 -13.15 -3.46
CA TYR B 167 17.95 -11.83 -4.00
C TYR B 167 19.18 -10.93 -3.90
N GLN B 168 18.95 -9.64 -3.66
CA GLN B 168 20.03 -8.67 -3.56
C GLN B 168 21.26 -9.10 -2.74
N LYS B 169 21.01 -9.64 -1.55
CA LYS B 169 22.11 -10.08 -0.71
C LYS B 169 23.05 -11.01 -1.48
N PHE B 170 22.49 -12.09 -2.02
CA PHE B 170 23.30 -13.05 -2.76
C PHE B 170 23.99 -12.42 -3.96
N LEU B 171 23.28 -11.54 -4.65
CA LEU B 171 23.86 -10.87 -5.81
C LEU B 171 25.10 -10.09 -5.37
N ASP B 172 25.08 -9.55 -4.16
CA ASP B 172 26.23 -8.81 -3.71
C ASP B 172 27.40 -9.73 -3.60
N VAL B 173 27.16 -10.95 -3.13
CA VAL B 173 28.23 -11.95 -3.02
C VAL B 173 28.79 -12.21 -4.42
N LEU B 174 27.90 -12.45 -5.38
CA LEU B 174 28.31 -12.71 -6.75
C LEU B 174 29.11 -11.55 -7.34
N ASN B 175 28.72 -10.33 -7.04
CA ASN B 175 29.45 -9.19 -7.57
C ASN B 175 30.79 -9.05 -6.85
N THR B 176 30.83 -9.43 -5.58
CA THR B 176 32.07 -9.33 -4.82
C THR B 176 33.13 -10.23 -5.47
N ILE B 177 32.70 -11.39 -5.93
CA ILE B 177 33.62 -12.32 -6.57
C ILE B 177 33.89 -11.83 -7.99
N LYS B 178 32.83 -11.67 -8.77
CA LYS B 178 32.98 -11.21 -10.13
C LYS B 178 33.97 -10.04 -10.20
N ASN B 179 33.99 -9.20 -9.17
CA ASN B 179 34.89 -8.05 -9.17
C ASN B 179 36.12 -8.26 -8.32
N ALA B 180 36.27 -9.46 -7.77
CA ALA B 180 37.43 -9.75 -6.94
C ALA B 180 38.71 -9.68 -7.75
N SER B 181 39.80 -9.33 -7.09
CA SER B 181 41.10 -9.23 -7.76
C SER B 181 41.48 -10.62 -8.26
N ASP B 182 41.51 -11.59 -7.36
CA ASP B 182 41.84 -12.98 -7.69
C ASP B 182 40.61 -13.63 -8.36
N SER B 183 40.70 -13.89 -9.66
CA SER B 183 39.57 -14.49 -10.38
C SER B 183 39.38 -15.98 -10.08
N ASP B 184 40.20 -16.52 -9.19
CA ASP B 184 40.10 -17.92 -8.83
C ASP B 184 38.69 -18.29 -8.37
N GLY B 185 38.06 -17.40 -7.61
CA GLY B 185 36.72 -17.66 -7.13
C GLY B 185 35.71 -17.71 -8.25
N GLN B 186 35.94 -16.89 -9.26
CA GLN B 186 35.07 -16.81 -10.42
C GLN B 186 35.11 -18.15 -11.16
N ASP B 187 36.32 -18.63 -11.42
CA ASP B 187 36.54 -19.88 -12.12
C ASP B 187 36.04 -21.11 -11.38
N LEU B 188 36.01 -21.05 -10.06
CA LEU B 188 35.54 -22.18 -9.26
C LEU B 188 34.02 -22.32 -9.26
N LEU B 189 33.30 -21.19 -9.26
CA LEU B 189 31.85 -21.21 -9.18
C LEU B 189 31.02 -20.71 -10.36
N PHE B 190 31.49 -19.66 -11.03
CA PHE B 190 30.74 -19.10 -12.17
C PHE B 190 30.77 -19.93 -13.44
N THR B 191 29.69 -19.88 -14.19
CA THR B 191 29.61 -20.58 -15.45
C THR B 191 30.26 -19.59 -16.40
N ASN B 192 30.26 -19.90 -17.70
CA ASN B 192 30.88 -19.01 -18.67
C ASN B 192 30.07 -17.75 -18.91
N GLN B 193 28.75 -17.89 -19.04
CA GLN B 193 27.91 -16.73 -19.27
C GLN B 193 28.12 -15.68 -18.18
N LEU B 194 28.26 -16.13 -16.93
CA LEU B 194 28.46 -15.23 -15.80
C LEU B 194 29.77 -14.48 -15.86
N LYS B 195 30.84 -15.15 -16.31
CA LYS B 195 32.14 -14.51 -16.41
C LYS B 195 32.15 -13.47 -17.51
N GLU B 196 31.44 -13.76 -18.59
CA GLU B 196 31.38 -12.86 -19.74
C GLU B 196 30.29 -11.80 -19.65
N HIS B 197 29.87 -11.48 -18.44
CA HIS B 197 28.88 -10.42 -18.25
C HIS B 197 29.74 -9.21 -17.90
N PRO B 198 29.55 -8.08 -18.60
CA PRO B 198 30.33 -6.86 -18.36
C PRO B 198 30.03 -6.07 -17.09
N THR B 199 28.75 -5.96 -16.75
CA THR B 199 28.35 -5.20 -15.58
C THR B 199 28.14 -6.07 -14.35
N ASP B 200 27.92 -5.41 -13.20
CA ASP B 200 27.65 -6.13 -11.97
C ASP B 200 26.28 -6.75 -12.18
N PHE B 201 25.97 -7.80 -11.44
CA PHE B 201 24.68 -8.43 -11.62
C PHE B 201 23.61 -7.58 -10.96
N SER B 202 22.56 -7.31 -11.71
CA SER B 202 21.45 -6.50 -11.21
C SER B 202 20.27 -7.36 -10.84
N VAL B 203 19.40 -6.80 -10.03
CA VAL B 203 18.22 -7.52 -9.62
C VAL B 203 17.35 -7.79 -10.86
N GLU B 204 17.64 -7.07 -11.94
CA GLU B 204 16.91 -7.25 -13.20
C GLU B 204 17.50 -8.43 -13.97
N PHE B 205 18.79 -8.65 -13.77
CA PHE B 205 19.51 -9.76 -14.39
C PHE B 205 18.91 -11.01 -13.75
N LEU B 206 18.64 -10.91 -12.46
CA LEU B 206 18.07 -11.99 -11.68
C LEU B 206 16.74 -12.46 -12.27
N GLU B 207 16.03 -11.55 -12.93
CA GLU B 207 14.74 -11.86 -13.54
C GLU B 207 14.84 -12.80 -14.76
N GLN B 208 15.76 -12.48 -15.66
CA GLN B 208 15.95 -13.30 -16.86
C GLN B 208 16.74 -14.57 -16.53
N ASN B 209 17.96 -14.39 -16.04
CA ASN B 209 18.83 -15.50 -15.69
C ASN B 209 18.63 -16.07 -14.30
N SER B 210 17.39 -16.40 -13.99
CA SER B 210 17.04 -16.96 -12.69
C SER B 210 17.79 -18.27 -12.46
N ASN B 211 17.87 -19.11 -13.48
CA ASN B 211 18.55 -20.38 -13.33
C ASN B 211 20.04 -20.23 -13.04
N GLU B 212 20.71 -19.35 -13.78
CA GLU B 212 22.15 -19.15 -13.58
C GLU B 212 22.50 -18.75 -12.13
N VAL B 213 21.76 -17.83 -11.56
CA VAL B 213 22.02 -17.41 -10.20
C VAL B 213 21.80 -18.60 -9.28
N GLN B 214 20.73 -19.34 -9.56
CA GLN B 214 20.40 -20.52 -8.77
C GLN B 214 21.53 -21.54 -8.80
N GLU B 215 22.15 -21.71 -9.96
CA GLU B 215 23.26 -22.65 -10.11
C GLU B 215 24.41 -22.26 -9.23
N VAL B 216 24.89 -21.02 -9.37
CA VAL B 216 26.01 -20.54 -8.57
C VAL B 216 25.74 -20.83 -7.11
N PHE B 217 24.51 -20.58 -6.69
CA PHE B 217 24.10 -20.80 -5.31
C PHE B 217 24.24 -22.27 -4.94
N ALA B 218 23.72 -23.15 -5.80
CA ALA B 218 23.76 -24.60 -5.57
C ALA B 218 25.21 -25.12 -5.51
N LYS B 219 26.05 -24.72 -6.47
CA LYS B 219 27.44 -25.17 -6.46
C LYS B 219 28.10 -24.76 -5.15
N ALA B 220 27.92 -23.49 -4.77
CA ALA B 220 28.51 -22.94 -3.55
C ALA B 220 28.00 -23.65 -2.31
N PHE B 221 26.70 -23.87 -2.26
CA PHE B 221 26.08 -24.56 -1.14
C PHE B 221 26.73 -25.95 -1.02
N ALA B 222 26.83 -26.63 -2.15
CA ALA B 222 27.42 -27.96 -2.22
C ALA B 222 28.84 -27.93 -1.65
N TYR B 223 29.68 -27.09 -2.25
CA TYR B 223 31.04 -26.99 -1.77
C TYR B 223 31.09 -26.77 -0.26
N TYR B 224 30.12 -26.04 0.28
CA TYR B 224 30.11 -25.80 1.72
C TYR B 224 29.65 -26.99 2.56
N ILE B 225 28.58 -27.66 2.13
CA ILE B 225 28.06 -28.80 2.86
C ILE B 225 29.05 -29.96 2.92
N GLU B 226 29.69 -30.25 1.79
CA GLU B 226 30.67 -31.33 1.70
C GLU B 226 31.93 -30.91 2.45
N PRO B 227 32.21 -31.56 3.60
CA PRO B 227 33.38 -31.26 4.42
C PRO B 227 34.70 -31.08 3.68
N GLN B 228 35.15 -32.13 3.00
CA GLN B 228 36.42 -32.11 2.28
C GLN B 228 36.56 -31.03 1.20
N HIS B 229 35.45 -30.67 0.56
CA HIS B 229 35.47 -29.64 -0.48
C HIS B 229 35.34 -28.21 0.08
N ARG B 230 34.75 -28.10 1.26
CA ARG B 230 34.56 -26.81 1.90
C ARG B 230 35.83 -25.99 1.93
N ASP B 231 36.95 -26.64 2.23
CA ASP B 231 38.25 -25.97 2.28
C ASP B 231 38.52 -25.30 0.94
N VAL B 232 38.08 -25.93 -0.13
CA VAL B 232 38.28 -25.36 -1.44
C VAL B 232 37.52 -24.04 -1.55
N LEU B 233 36.30 -23.99 -1.01
CA LEU B 233 35.50 -22.76 -1.06
C LEU B 233 36.20 -21.66 -0.30
N GLN B 234 36.41 -21.86 0.99
CA GLN B 234 37.06 -20.86 1.83
C GLN B 234 38.40 -20.40 1.28
N LEU B 235 39.03 -21.24 0.46
CA LEU B 235 40.34 -20.95 -0.09
C LEU B 235 40.35 -20.17 -1.41
N TYR B 236 39.29 -20.25 -2.20
CA TYR B 236 39.26 -19.55 -3.46
C TYR B 236 37.99 -18.75 -3.67
N ALA B 237 36.99 -19.01 -2.84
CA ALA B 237 35.71 -18.30 -2.92
C ALA B 237 35.25 -17.94 -1.51
N PRO B 238 36.12 -17.24 -0.76
CA PRO B 238 35.81 -16.83 0.62
C PRO B 238 34.44 -16.21 0.79
N GLU B 239 34.16 -15.13 0.04
CA GLU B 239 32.87 -14.47 0.16
C GLU B 239 31.73 -15.46 0.04
N ALA B 240 31.84 -16.38 -0.93
CA ALA B 240 30.83 -17.40 -1.15
C ALA B 240 30.82 -18.29 0.08
N PHE B 241 32.01 -18.54 0.62
CA PHE B 241 32.14 -19.38 1.79
C PHE B 241 31.53 -18.75 3.04
N ASN B 242 31.77 -17.46 3.24
CA ASN B 242 31.22 -16.72 4.39
C ASN B 242 29.71 -16.65 4.28
N TYR B 243 29.22 -16.36 3.08
CA TYR B 243 27.79 -16.28 2.87
C TYR B 243 27.15 -17.60 3.27
N MET B 244 27.68 -18.70 2.73
CA MET B 244 27.14 -20.03 3.02
C MET B 244 27.33 -20.47 4.46
N ASP B 245 28.38 -19.98 5.12
CA ASP B 245 28.62 -20.36 6.49
C ASP B 245 27.55 -19.74 7.40
N LYS B 246 27.41 -18.42 7.33
CA LYS B 246 26.42 -17.73 8.14
C LYS B 246 25.01 -18.15 7.74
N PHE B 247 24.83 -18.52 6.48
CA PHE B 247 23.52 -18.94 5.99
C PHE B 247 23.09 -20.28 6.58
N ASN B 248 23.94 -21.29 6.45
CA ASN B 248 23.63 -22.62 6.96
C ASN B 248 23.67 -22.73 8.47
N GLU B 249 24.44 -21.85 9.10
CA GLU B 249 24.58 -21.90 10.56
C GLU B 249 23.63 -20.97 11.29
N GLN B 250 23.07 -20.00 10.58
CA GLN B 250 22.16 -19.05 11.21
C GLN B 250 20.92 -18.77 10.39
N GLU B 251 21.04 -17.80 9.49
CA GLU B 251 19.95 -17.37 8.63
C GLU B 251 18.97 -18.43 8.11
N ILE B 252 19.47 -19.63 7.85
CA ILE B 252 18.62 -20.69 7.32
C ILE B 252 17.23 -20.75 7.97
N ASN B 253 17.18 -20.69 9.29
CA ASN B 253 15.87 -20.80 9.93
C ASN B 253 14.94 -19.60 9.77
N LEU B 254 15.49 -18.45 9.36
CA LEU B 254 14.64 -17.30 9.13
C LEU B 254 13.98 -17.60 7.80
N SER B 255 14.70 -18.33 6.95
CA SER B 255 14.21 -18.72 5.63
C SER B 255 13.00 -19.61 5.85
N LEU B 256 13.15 -20.56 6.76
CA LEU B 256 12.09 -21.48 7.11
C LEU B 256 10.94 -20.67 7.69
N GLU B 257 11.25 -19.85 8.68
CA GLU B 257 10.23 -19.00 9.31
C GLU B 257 9.47 -18.22 8.25
N GLU B 258 10.19 -17.67 7.30
CA GLU B 258 9.56 -16.88 6.24
C GLU B 258 8.71 -17.72 5.32
N LEU B 259 9.16 -18.93 5.03
CA LEU B 259 8.40 -19.82 4.19
C LEU B 259 7.09 -20.14 4.93
N LYS B 260 7.18 -20.42 6.23
CA LYS B 260 5.99 -20.73 7.02
C LYS B 260 5.00 -19.59 6.94
N ASP B 261 5.54 -18.37 6.92
CA ASP B 261 4.74 -17.16 6.86
C ASP B 261 3.94 -16.97 5.56
N GLN B 262 4.22 -17.79 4.55
CA GLN B 262 3.48 -17.71 3.28
C GLN B 262 2.30 -18.69 3.35
N ARG B 263 2.30 -19.57 4.36
CA ARG B 263 1.27 -20.59 4.48
C ARG B 263 0.06 -20.27 5.36
N MET B 264 -1.11 -20.26 4.75
CA MET B 264 -2.34 -19.99 5.47
C MET B 264 -2.45 -20.76 6.79
N LEU B 265 -2.52 -22.10 6.72
CA LEU B 265 -2.63 -22.91 7.94
C LEU B 265 -1.51 -22.64 8.96
N SER B 266 -0.29 -22.40 8.48
CA SER B 266 0.82 -22.10 9.39
C SER B 266 0.56 -20.77 10.08
N ARG B 267 0.12 -19.77 9.32
CA ARG B 267 -0.19 -18.45 9.86
C ARG B 267 -1.28 -18.60 10.90
N TYR B 268 -2.32 -19.34 10.55
CA TYR B 268 -3.46 -19.57 11.43
C TYR B 268 -3.03 -20.26 12.73
N GLU B 269 -2.22 -21.31 12.60
CA GLU B 269 -1.78 -22.06 13.77
C GLU B 269 -1.00 -21.20 14.77
N LYS B 270 0.00 -20.49 14.28
CA LYS B 270 0.83 -19.63 15.12
C LYS B 270 -0.05 -18.64 15.90
N TRP B 271 -0.99 -18.04 15.20
CA TRP B 271 -1.92 -17.09 15.79
C TRP B 271 -2.66 -17.82 16.90
N GLU B 272 -3.14 -19.01 16.57
CA GLU B 272 -3.89 -19.83 17.51
C GLU B 272 -3.14 -20.11 18.81
N LYS B 273 -1.86 -20.47 18.71
CA LYS B 273 -1.10 -20.76 19.91
C LYS B 273 -0.84 -19.52 20.76
N ILE B 274 -0.41 -18.43 20.13
CA ILE B 274 -0.16 -17.18 20.84
C ILE B 274 -1.42 -16.79 21.62
N LYS B 275 -2.56 -16.89 20.95
CA LYS B 275 -3.84 -16.54 21.56
C LYS B 275 -4.20 -17.40 22.77
N GLN B 276 -3.95 -18.71 22.67
CA GLN B 276 -4.26 -19.62 23.74
C GLN B 276 -3.43 -19.32 24.98
N HIS B 277 -2.16 -19.03 24.74
CA HIS B 277 -1.23 -18.71 25.80
C HIS B 277 -1.61 -17.44 26.58
N TYR B 278 -2.35 -16.54 25.95
CA TYR B 278 -2.76 -15.31 26.62
C TYR B 278 -4.24 -15.36 26.94
N GLN B 279 -4.85 -16.52 26.72
CA GLN B 279 -6.27 -16.66 26.96
C GLN B 279 -6.65 -16.21 28.37
N HIS B 280 -5.97 -16.74 29.39
CA HIS B 280 -6.28 -16.36 30.75
C HIS B 280 -6.08 -14.84 30.94
N TRP B 281 -4.93 -14.33 30.48
CA TRP B 281 -4.65 -12.90 30.59
C TRP B 281 -5.79 -12.10 29.97
N SER B 282 -6.23 -12.52 28.78
CA SER B 282 -7.30 -11.83 28.09
C SER B 282 -8.60 -11.90 28.85
N ASP B 283 -8.83 -13.03 29.53
CA ASP B 283 -10.06 -13.21 30.27
C ASP B 283 -10.07 -12.42 31.56
N SER B 284 -8.88 -12.15 32.09
CA SER B 284 -8.78 -11.38 33.32
C SER B 284 -8.92 -9.87 33.08
N LEU B 285 -8.90 -9.43 31.82
CA LEU B 285 -8.98 -8.00 31.54
C LEU B 285 -10.25 -7.33 31.99
N SER B 286 -10.09 -6.27 32.78
CA SER B 286 -11.22 -5.50 33.27
C SER B 286 -11.70 -4.61 32.14
N GLU B 287 -12.73 -3.81 32.38
CA GLU B 287 -13.25 -2.93 31.36
C GLU B 287 -12.25 -1.81 31.11
N GLU B 288 -11.63 -1.34 32.20
CA GLU B 288 -10.64 -0.27 32.09
C GLU B 288 -9.46 -0.82 31.33
N GLY B 289 -9.08 -2.05 31.66
CA GLY B 289 -7.96 -2.69 31.00
C GLY B 289 -8.11 -2.59 29.50
N ARG B 290 -9.19 -3.16 28.99
CA ARG B 290 -9.45 -3.12 27.57
C ARG B 290 -9.53 -1.67 27.11
N GLY B 291 -10.14 -0.83 27.94
CA GLY B 291 -10.26 0.57 27.60
C GLY B 291 -8.90 1.18 27.34
N LEU B 292 -7.97 0.93 28.25
CA LEU B 292 -6.61 1.44 28.13
C LEU B 292 -5.96 1.01 26.82
N LEU B 293 -5.84 -0.31 26.61
CA LEU B 293 -5.25 -0.83 25.40
C LEU B 293 -5.89 -0.22 24.15
N LYS B 294 -7.17 0.09 24.24
CA LYS B 294 -7.85 0.68 23.11
C LYS B 294 -7.35 2.08 22.82
N LYS B 295 -7.35 2.97 23.81
CA LYS B 295 -6.89 4.34 23.55
C LYS B 295 -5.43 4.32 23.16
N LEU B 296 -4.70 3.34 23.66
CA LEU B 296 -3.28 3.21 23.34
C LEU B 296 -3.12 3.04 21.82
N GLN B 297 -4.10 2.39 21.21
CA GLN B 297 -4.10 2.15 19.78
C GLN B 297 -4.84 3.22 19.00
N ILE B 298 -5.73 3.94 19.68
CA ILE B 298 -6.52 4.97 19.04
C ILE B 298 -6.43 6.30 19.79
N PRO B 299 -5.48 7.15 19.38
CA PRO B 299 -5.32 8.45 20.02
C PRO B 299 -6.62 9.24 20.04
N ILE B 300 -6.87 9.97 21.13
CA ILE B 300 -8.08 10.75 21.22
C ILE B 300 -7.85 12.08 20.54
N GLU B 301 -8.63 12.36 19.50
CA GLU B 301 -8.51 13.64 18.81
C GLU B 301 -9.13 14.70 19.71
N PRO B 302 -8.58 15.93 19.69
CA PRO B 302 -9.09 17.03 20.51
C PRO B 302 -10.52 17.35 20.12
N LYS B 303 -11.35 17.70 21.09
CA LYS B 303 -12.73 18.02 20.77
C LYS B 303 -13.01 19.52 20.70
N LYS B 304 -13.58 19.90 19.56
CA LYS B 304 -14.00 21.25 19.23
C LYS B 304 -14.58 22.05 20.41
N ASP B 305 -15.72 21.61 20.92
CA ASP B 305 -16.37 22.29 22.03
C ASP B 305 -15.47 22.45 23.25
N ASP B 306 -14.76 21.39 23.62
CA ASP B 306 -13.88 21.46 24.78
C ASP B 306 -12.86 22.58 24.63
N ILE B 307 -12.26 22.69 23.45
CA ILE B 307 -11.27 23.73 23.18
C ILE B 307 -11.88 25.13 23.33
N ILE B 308 -13.08 25.32 22.79
CA ILE B 308 -13.71 26.62 22.87
C ILE B 308 -14.14 26.98 24.30
N HIS B 309 -14.93 26.13 24.92
CA HIS B 309 -15.39 26.41 26.27
C HIS B 309 -14.25 26.59 27.26
N SER B 310 -13.04 26.17 26.87
CA SER B 310 -11.88 26.32 27.75
C SER B 310 -11.15 27.63 27.49
N LEU B 311 -11.77 28.50 26.70
CA LEU B 311 -11.16 29.79 26.37
C LEU B 311 -11.71 30.94 27.20
N SER B 312 -10.87 31.94 27.39
CA SER B 312 -11.26 33.13 28.13
C SER B 312 -12.01 34.00 27.13
N GLN B 313 -12.78 34.96 27.61
CA GLN B 313 -13.52 35.82 26.70
C GLN B 313 -12.50 36.53 25.83
N GLU B 314 -11.40 36.96 26.44
CA GLU B 314 -10.38 37.65 25.69
C GLU B 314 -9.89 36.72 24.59
N GLU B 315 -9.63 35.47 24.93
CA GLU B 315 -9.14 34.50 23.96
C GLU B 315 -10.12 34.27 22.81
N LYS B 316 -11.42 34.18 23.10
CA LYS B 316 -12.42 33.95 22.06
C LYS B 316 -12.44 35.14 21.11
N GLU B 317 -12.10 36.31 21.63
CA GLU B 317 -12.08 37.50 20.80
C GLU B 317 -10.89 37.38 19.86
N LEU B 318 -9.75 37.02 20.42
CA LEU B 318 -8.53 36.87 19.67
C LEU B 318 -8.73 35.83 18.57
N LEU B 319 -9.48 34.79 18.87
CA LEU B 319 -9.73 33.74 17.90
C LEU B 319 -10.54 34.22 16.71
N LYS B 320 -11.66 34.88 16.99
CA LYS B 320 -12.54 35.39 15.94
C LYS B 320 -11.83 36.13 14.82
N ARG B 321 -10.89 36.99 15.17
CA ARG B 321 -10.19 37.81 14.18
C ARG B 321 -8.74 37.43 13.88
N ILE B 322 -8.27 36.32 14.45
CA ILE B 322 -6.89 35.90 14.25
C ILE B 322 -6.68 35.30 12.85
N GLN B 323 -5.58 35.68 12.20
CA GLN B 323 -5.26 35.17 10.88
C GLN B 323 -4.38 33.93 11.03
N ILE B 324 -5.03 32.79 11.27
CA ILE B 324 -4.34 31.53 11.47
C ILE B 324 -3.30 31.27 10.37
N ASP B 325 -3.69 31.47 9.12
CA ASP B 325 -2.77 31.27 8.02
C ASP B 325 -1.78 32.43 7.98
N SER B 326 -0.85 32.43 8.92
CA SER B 326 0.17 33.46 9.03
C SER B 326 1.27 33.00 9.97
N SER B 327 0.92 32.07 10.84
CA SER B 327 1.86 31.53 11.81
C SER B 327 2.76 30.52 11.12
N ASP B 328 3.94 30.33 11.69
CA ASP B 328 4.90 29.39 11.14
C ASP B 328 4.77 28.09 11.92
N PHE B 329 4.99 28.19 13.22
CA PHE B 329 4.93 27.05 14.14
C PHE B 329 3.72 26.13 14.01
N LEU B 330 2.71 26.54 13.24
CA LEU B 330 1.53 25.69 13.06
C LEU B 330 1.62 24.86 11.79
N SER B 331 1.35 23.57 11.94
CA SER B 331 1.41 22.66 10.81
C SER B 331 0.05 22.63 10.12
N THR B 332 0.06 22.22 8.85
CA THR B 332 -1.15 22.15 8.05
C THR B 332 -2.29 21.57 8.87
N GLU B 333 -2.10 20.36 9.35
CA GLU B 333 -3.11 19.69 10.17
C GLU B 333 -3.61 20.58 11.30
N GLU B 334 -2.66 21.14 12.04
CA GLU B 334 -3.00 22.00 13.16
C GLU B 334 -3.74 23.24 12.68
N LYS B 335 -3.22 23.89 11.64
CA LYS B 335 -3.86 25.07 11.07
C LYS B 335 -5.27 24.77 10.60
N GLU B 336 -5.43 23.67 9.87
CA GLU B 336 -6.73 23.27 9.35
C GLU B 336 -7.72 23.08 10.50
N PHE B 337 -7.26 22.51 11.61
CA PHE B 337 -8.11 22.27 12.78
C PHE B 337 -8.52 23.59 13.41
N LEU B 338 -7.56 24.51 13.52
CA LEU B 338 -7.82 25.80 14.12
C LEU B 338 -8.82 26.60 13.30
N LYS B 339 -8.61 26.69 11.99
CA LYS B 339 -9.51 27.43 11.12
C LYS B 339 -10.94 26.95 11.30
N LYS B 340 -11.10 25.68 11.66
CA LYS B 340 -12.44 25.13 11.88
C LYS B 340 -12.99 25.75 13.15
N LEU B 341 -12.15 25.83 14.18
CA LEU B 341 -12.55 26.43 15.45
C LEU B 341 -13.05 27.83 15.22
N GLN B 342 -12.33 28.56 14.38
CA GLN B 342 -12.66 29.92 14.01
C GLN B 342 -14.05 29.96 13.39
N ILE B 343 -14.34 28.98 12.56
CA ILE B 343 -15.63 28.87 11.90
C ILE B 343 -16.71 28.60 12.95
N ASP B 344 -16.33 27.88 14.01
CA ASP B 344 -17.27 27.53 15.07
C ASP B 344 -17.74 28.73 15.88
N ILE B 345 -16.79 29.48 16.44
CA ILE B 345 -17.14 30.66 17.22
C ILE B 345 -17.86 31.64 16.31
N ARG B 346 -17.51 31.60 15.02
CA ARG B 346 -18.11 32.48 14.05
C ARG B 346 -19.56 32.15 13.76
N ASP B 347 -20.11 31.12 14.39
CA ASP B 347 -21.51 30.82 14.13
C ASP B 347 -22.41 31.83 14.83
N SER B 348 -21.82 32.97 15.18
CA SER B 348 -22.52 34.08 15.82
C SER B 348 -22.04 35.37 15.15
N ASP B 363 -8.66 46.12 9.16
CA ASP B 363 -7.25 46.26 8.82
C ASP B 363 -6.64 44.87 8.68
N SER B 364 -5.37 44.76 8.30
CA SER B 364 -4.78 43.45 8.15
C SER B 364 -3.28 43.54 8.14
N SER B 365 -2.73 44.02 9.25
CA SER B 365 -1.29 44.14 9.33
C SER B 365 -0.64 42.78 9.46
N ASN B 366 0.02 42.46 8.35
CA ASN B 366 0.76 41.25 8.08
C ASN B 366 1.21 40.35 9.24
N PRO B 367 2.32 40.69 9.91
CA PRO B 367 2.68 39.77 10.99
C PRO B 367 1.65 39.72 12.12
N LEU B 368 1.58 38.56 12.74
CA LEU B 368 0.67 38.36 13.85
C LEU B 368 1.19 39.14 15.04
N SER B 369 0.28 39.72 15.82
CA SER B 369 0.67 40.48 17.00
C SER B 369 1.41 39.52 17.91
N GLU B 370 2.36 40.05 18.69
CA GLU B 370 3.13 39.20 19.60
C GLU B 370 2.21 38.61 20.66
N LYS B 371 0.96 39.06 20.68
CA LYS B 371 -0.03 38.55 21.62
C LYS B 371 -0.70 37.35 20.96
N GLU B 372 -1.01 37.51 19.68
CA GLU B 372 -1.64 36.44 18.91
C GLU B 372 -0.67 35.27 18.78
N LYS B 373 0.62 35.57 18.69
CA LYS B 373 1.63 34.54 18.56
C LYS B 373 1.58 33.63 19.77
N GLU B 374 1.42 34.21 20.96
CA GLU B 374 1.34 33.40 22.16
C GLU B 374 0.07 32.58 22.14
N PHE B 375 -1.06 33.24 21.85
CA PHE B 375 -2.32 32.53 21.80
C PHE B 375 -2.20 31.28 20.94
N LEU B 376 -1.40 31.36 19.88
CA LEU B 376 -1.21 30.21 19.01
C LEU B 376 -0.23 29.20 19.61
N LYS B 377 0.84 29.69 20.19
CA LYS B 377 1.80 28.78 20.79
C LYS B 377 1.09 28.00 21.89
N LYS B 378 0.03 28.60 22.46
CA LYS B 378 -0.74 27.93 23.50
C LYS B 378 -1.71 26.93 22.91
N LEU B 379 -2.52 27.37 21.96
CA LEU B 379 -3.49 26.48 21.34
C LEU B 379 -2.78 25.26 20.78
N LYS B 380 -1.60 25.48 20.20
CA LYS B 380 -0.80 24.41 19.64
C LYS B 380 -0.71 23.24 20.61
N LEU B 381 -0.34 23.51 21.86
CA LEU B 381 -0.22 22.45 22.85
C LEU B 381 -1.55 21.79 23.17
N ASP B 382 -2.61 22.58 23.28
CA ASP B 382 -3.92 22.04 23.64
C ASP B 382 -4.64 21.24 22.54
N ILE B 383 -4.21 21.37 21.29
CA ILE B 383 -4.87 20.66 20.21
C ILE B 383 -4.13 19.40 19.75
N GLN B 384 -3.23 18.91 20.61
CA GLN B 384 -2.48 17.70 20.29
C GLN B 384 -3.30 16.47 20.66
N PRO B 385 -3.23 15.41 19.85
CA PRO B 385 -4.00 14.21 20.17
C PRO B 385 -3.44 13.52 21.42
N TYR B 386 -4.33 12.97 22.25
CA TYR B 386 -3.86 12.25 23.44
C TYR B 386 -3.28 10.95 22.90
N ASP B 387 -1.96 10.88 22.80
CA ASP B 387 -1.30 9.69 22.25
C ASP B 387 -0.24 9.12 23.18
N ILE B 388 -0.61 8.12 23.96
CA ILE B 388 0.32 7.49 24.89
C ILE B 388 1.64 7.15 24.22
N ASN B 389 1.58 6.51 23.06
CA ASN B 389 2.82 6.16 22.40
C ASN B 389 3.63 7.35 21.94
N GLN B 390 2.96 8.37 21.41
CA GLN B 390 3.67 9.54 20.94
C GLN B 390 4.39 10.21 22.11
N ARG B 391 3.75 10.18 23.28
CA ARG B 391 4.32 10.77 24.49
C ARG B 391 5.60 10.04 24.91
N LEU B 392 5.54 8.70 24.90
CA LEU B 392 6.69 7.92 25.30
C LEU B 392 7.83 8.12 24.32
N GLN B 393 7.51 8.14 23.03
CA GLN B 393 8.53 8.31 22.01
C GLN B 393 9.15 9.71 22.06
N ASP B 394 8.30 10.75 22.13
CA ASP B 394 8.77 12.13 22.17
C ASP B 394 9.62 12.44 23.39
N THR B 395 9.42 11.70 24.49
CA THR B 395 10.20 11.93 25.71
C THR B 395 11.21 10.82 25.93
N GLY B 396 11.20 9.82 25.06
CA GLY B 396 12.13 8.71 25.23
C GLY B 396 11.96 8.08 26.58
N GLY B 397 10.74 8.15 27.12
CA GLY B 397 10.48 7.58 28.42
C GLY B 397 10.55 8.49 29.64
N LEU B 398 11.18 9.66 29.52
CA LEU B 398 11.25 10.59 30.64
C LEU B 398 9.91 11.32 30.74
N ILE B 399 8.87 10.59 31.17
CA ILE B 399 7.52 11.14 31.24
C ILE B 399 7.31 12.32 32.16
N ASP B 400 8.16 12.49 33.15
CA ASP B 400 7.98 13.61 34.05
C ASP B 400 8.40 14.88 33.34
N SER B 401 9.03 14.74 32.17
CA SER B 401 9.48 15.89 31.39
C SER B 401 8.36 16.93 31.22
N PRO B 402 8.61 18.15 31.69
CA PRO B 402 7.68 19.30 31.66
C PRO B 402 7.44 19.92 30.30
N SER B 403 7.26 19.09 29.29
CA SER B 403 7.02 19.59 27.95
C SER B 403 5.54 19.82 27.67
N ILE B 404 4.68 19.42 28.61
CA ILE B 404 3.23 19.60 28.45
C ILE B 404 2.57 20.03 29.77
N ASN B 405 1.35 20.57 29.68
CA ASN B 405 0.60 21.01 30.86
C ASN B 405 0.46 19.89 31.93
N LEU B 406 0.81 20.23 33.16
CA LEU B 406 0.79 19.29 34.29
C LEU B 406 -0.34 18.27 34.34
N ASP B 407 -1.57 18.74 34.20
CA ASP B 407 -2.70 17.82 34.27
C ASP B 407 -2.58 16.69 33.25
N VAL B 408 -2.34 17.04 32.00
CA VAL B 408 -2.21 16.03 30.94
C VAL B 408 -0.98 15.14 31.16
N ARG B 409 0.08 15.75 31.69
CA ARG B 409 1.32 15.04 31.97
C ARG B 409 1.03 13.94 32.97
N LYS B 410 -0.01 14.15 33.78
CA LYS B 410 -0.38 13.16 34.77
C LYS B 410 -1.34 12.11 34.21
N GLN B 411 -2.25 12.52 33.32
CA GLN B 411 -3.16 11.55 32.73
C GLN B 411 -2.23 10.47 32.12
N TYR B 412 -1.29 10.92 31.29
CA TYR B 412 -0.32 10.05 30.63
C TYR B 412 0.43 9.14 31.60
N LYS B 413 0.92 9.70 32.70
CA LYS B 413 1.68 8.90 33.65
C LYS B 413 0.88 7.75 34.26
N ARG B 414 -0.37 8.03 34.62
CA ARG B 414 -1.24 7.02 35.22
C ARG B 414 -1.54 5.92 34.21
N ASP B 415 -1.91 6.32 32.99
CA ASP B 415 -2.22 5.38 31.92
C ASP B 415 -1.02 4.50 31.64
N ILE B 416 0.16 5.10 31.62
CA ILE B 416 1.37 4.36 31.35
C ILE B 416 1.65 3.36 32.46
N GLN B 417 1.57 3.79 33.71
CA GLN B 417 1.83 2.87 34.80
C GLN B 417 0.79 1.76 34.83
N ASN B 418 -0.43 2.06 34.40
CA ASN B 418 -1.46 1.03 34.39
C ASN B 418 -1.16 0.02 33.29
N ILE B 419 -0.89 0.51 32.09
CA ILE B 419 -0.57 -0.37 30.97
C ILE B 419 0.64 -1.22 31.30
N ASP B 420 1.62 -0.63 31.98
CA ASP B 420 2.78 -1.42 32.35
C ASP B 420 2.33 -2.58 33.22
N ALA B 421 1.45 -2.32 34.18
CA ALA B 421 0.96 -3.36 35.08
C ALA B 421 0.19 -4.43 34.33
N LEU B 422 -0.45 -4.01 33.24
CA LEU B 422 -1.24 -4.91 32.42
C LEU B 422 -0.42 -5.92 31.62
N LEU B 423 0.76 -5.51 31.19
CA LEU B 423 1.60 -6.36 30.38
C LEU B 423 2.68 -7.08 31.16
N HIS B 424 2.26 -8.02 32.00
CA HIS B 424 3.19 -8.78 32.83
C HIS B 424 3.47 -10.18 32.26
N GLN B 425 2.57 -10.70 31.43
CA GLN B 425 2.74 -12.03 30.86
C GLN B 425 3.80 -12.14 29.77
N SER B 426 4.89 -12.85 30.05
CA SER B 426 5.93 -13.01 29.04
C SER B 426 5.44 -13.96 27.96
N ILE B 427 6.04 -13.85 26.79
CA ILE B 427 5.69 -14.62 25.61
C ILE B 427 6.05 -16.08 25.72
N GLY B 428 7.13 -16.39 26.43
CA GLY B 428 7.59 -17.76 26.59
C GLY B 428 6.44 -18.73 26.80
N SER B 429 6.46 -19.84 26.06
CA SER B 429 5.40 -20.83 26.20
C SER B 429 5.87 -22.20 25.70
N THR B 430 5.15 -23.23 26.14
CA THR B 430 5.46 -24.59 25.75
C THR B 430 4.87 -24.87 24.36
N LEU B 431 3.97 -24.01 23.92
CA LEU B 431 3.33 -24.16 22.63
C LEU B 431 4.25 -23.90 21.45
N TYR B 432 5.33 -23.16 21.68
CA TYR B 432 6.26 -22.82 20.60
C TYR B 432 7.70 -22.56 21.06
N ASN B 433 8.64 -22.69 20.13
CA ASN B 433 10.04 -22.44 20.42
C ASN B 433 10.32 -20.95 20.17
N LYS B 434 11.05 -20.59 19.12
CA LYS B 434 11.33 -19.17 18.88
C LYS B 434 10.15 -18.43 18.27
N ILE B 435 9.90 -17.20 18.73
CA ILE B 435 8.80 -16.41 18.19
C ILE B 435 9.27 -15.15 17.47
N TYR B 436 8.86 -15.01 16.21
CA TYR B 436 9.21 -13.83 15.43
C TYR B 436 7.96 -13.02 15.23
N LEU B 437 8.02 -11.72 15.54
CA LEU B 437 6.87 -10.88 15.33
C LEU B 437 7.27 -9.85 14.30
N TYR B 438 6.29 -9.19 13.68
CA TYR B 438 6.59 -8.27 12.61
C TYR B 438 6.09 -6.84 12.78
N GLU B 439 6.80 -5.92 12.14
CA GLU B 439 6.41 -4.52 12.18
C GLU B 439 6.77 -3.80 10.88
N ASN B 440 5.77 -3.17 10.27
CA ASN B 440 5.93 -2.40 9.04
C ASN B 440 6.23 -0.98 9.47
N MET B 441 7.32 -0.39 8.99
CA MET B 441 7.65 0.95 9.44
C MET B 441 7.98 2.00 8.39
N ASN B 442 7.64 3.24 8.70
CA ASN B 442 7.92 4.36 7.81
C ASN B 442 9.34 4.74 8.15
N ILE B 443 10.21 4.81 7.14
CA ILE B 443 11.61 5.13 7.35
C ILE B 443 11.81 6.55 7.95
N ASN B 444 10.83 7.42 7.80
CA ASN B 444 10.95 8.78 8.32
C ASN B 444 10.95 8.83 9.84
N ASN B 445 10.50 7.74 10.48
CA ASN B 445 10.46 7.69 11.92
C ASN B 445 11.88 7.54 12.42
N LEU B 446 12.75 6.97 11.58
CA LEU B 446 14.14 6.80 11.96
C LEU B 446 14.97 7.93 11.32
N THR B 447 14.67 8.26 10.07
CA THR B 447 15.41 9.32 9.39
C THR B 447 14.72 9.84 8.13
N ALA B 448 14.03 10.94 8.29
CA ALA B 448 13.33 11.58 7.19
C ALA B 448 14.32 12.05 6.12
N THR B 449 15.56 12.32 6.52
CA THR B 449 16.56 12.76 5.58
C THR B 449 16.73 11.72 4.49
N LEU B 450 17.03 10.47 4.87
CA LEU B 450 17.21 9.43 3.86
C LEU B 450 15.88 9.03 3.23
N GLY B 451 14.81 9.07 4.00
CA GLY B 451 13.51 8.68 3.47
C GLY B 451 13.11 9.48 2.27
N ALA B 452 13.67 10.69 2.17
CA ALA B 452 13.38 11.59 1.05
C ALA B 452 13.81 10.98 -0.29
N ASP B 453 14.88 10.19 -0.26
CA ASP B 453 15.41 9.57 -1.48
C ASP B 453 15.52 8.06 -1.43
N LEU B 454 14.75 7.42 -0.55
CA LEU B 454 14.80 5.97 -0.46
C LEU B 454 14.21 5.30 -1.70
N VAL B 455 12.97 5.66 -2.05
CA VAL B 455 12.31 5.07 -3.20
C VAL B 455 12.97 5.50 -4.52
N ASP B 456 12.82 4.66 -5.55
CA ASP B 456 13.37 4.96 -6.87
C ASP B 456 12.27 5.73 -7.59
N SER B 457 12.47 7.04 -7.70
CA SER B 457 11.53 7.94 -8.35
C SER B 457 11.05 7.49 -9.74
N THR B 458 11.86 6.69 -10.40
CA THR B 458 11.52 6.17 -11.73
C THR B 458 10.55 5.00 -11.59
N ASP B 459 10.95 4.02 -10.79
CA ASP B 459 10.17 2.82 -10.55
C ASP B 459 9.97 2.70 -9.06
N ASN B 460 8.78 3.09 -8.59
CA ASN B 460 8.47 3.06 -7.17
C ASN B 460 8.73 1.72 -6.49
N THR B 461 8.54 0.62 -7.20
CA THR B 461 8.77 -0.69 -6.61
C THR B 461 10.22 -0.99 -6.24
N LYS B 462 11.14 -0.10 -6.61
CA LYS B 462 12.55 -0.34 -6.29
C LYS B 462 13.10 0.66 -5.27
N ILE B 463 14.13 0.22 -4.54
CA ILE B 463 14.79 1.00 -3.50
C ILE B 463 16.14 1.49 -4.02
N ASN B 464 16.50 2.74 -3.72
CA ASN B 464 17.78 3.27 -4.15
C ASN B 464 18.90 2.66 -3.33
N ARG B 465 19.72 1.86 -4.00
CA ARG B 465 20.85 1.19 -3.35
C ARG B 465 21.80 2.14 -2.57
N GLY B 466 21.90 3.38 -3.01
CA GLY B 466 22.76 4.32 -2.31
C GLY B 466 22.20 4.71 -0.94
N ILE B 467 20.97 5.20 -0.90
CA ILE B 467 20.36 5.61 0.35
C ILE B 467 20.28 4.39 1.25
N PHE B 468 20.09 3.22 0.63
CA PHE B 468 20.01 1.99 1.40
C PHE B 468 21.30 1.74 2.16
N ASN B 469 22.42 1.86 1.45
CA ASN B 469 23.70 1.61 2.08
C ASN B 469 23.93 2.58 3.22
N GLU B 470 23.56 3.83 3.02
CA GLU B 470 23.75 4.80 4.07
C GLU B 470 22.86 4.52 5.29
N PHE B 471 21.66 4.02 5.04
CA PHE B 471 20.73 3.71 6.12
C PHE B 471 21.25 2.56 6.98
N LYS B 472 21.93 1.64 6.32
CA LYS B 472 22.49 0.45 6.96
C LYS B 472 23.81 0.67 7.65
N LYS B 473 24.61 1.60 7.13
CA LYS B 473 25.94 1.91 7.65
C LYS B 473 26.21 1.78 9.15
N ASN B 474 25.47 2.48 9.98
CA ASN B 474 25.77 2.38 11.41
C ASN B 474 24.59 1.93 12.20
N PHE B 475 23.78 1.03 11.66
CA PHE B 475 22.60 0.57 12.35
C PHE B 475 22.87 -0.77 13.00
N LYS B 476 23.36 -0.72 14.25
CA LYS B 476 23.69 -1.91 15.02
C LYS B 476 22.65 -2.21 16.10
N TYR B 477 22.20 -1.19 16.81
CA TYR B 477 21.23 -1.38 17.87
C TYR B 477 20.10 -0.36 17.87
N SER B 478 18.95 -0.80 18.36
CA SER B 478 17.72 -0.02 18.39
C SER B 478 17.09 -0.05 19.77
N ILE B 479 16.30 0.97 20.09
CA ILE B 479 15.64 1.07 21.40
C ILE B 479 14.16 1.38 21.25
N SER B 480 13.32 0.77 22.07
CA SER B 480 11.89 1.08 22.00
C SER B 480 11.41 1.64 23.35
N SER B 481 11.10 2.93 23.36
CA SER B 481 10.64 3.58 24.57
C SER B 481 9.14 3.45 24.75
N ASN B 482 8.41 3.30 23.66
CA ASN B 482 6.97 3.16 23.79
C ASN B 482 6.57 1.71 23.62
N TYR B 483 5.28 1.46 23.49
CA TYR B 483 4.78 0.11 23.32
C TYR B 483 4.67 -0.28 21.84
N MET B 484 5.56 -1.15 21.38
CA MET B 484 5.54 -1.59 20.00
C MET B 484 4.27 -2.42 19.76
N ILE B 485 3.62 -2.19 18.63
CA ILE B 485 2.42 -2.93 18.27
C ILE B 485 2.78 -3.69 17.01
N VAL B 486 3.06 -4.97 17.19
CA VAL B 486 3.49 -5.85 16.13
C VAL B 486 2.48 -6.89 15.66
N ASP B 487 2.74 -7.49 14.49
CA ASP B 487 1.87 -8.51 13.97
C ASP B 487 2.46 -9.90 14.20
N ILE B 488 1.57 -10.87 14.44
CA ILE B 488 1.97 -12.26 14.67
C ILE B 488 2.47 -12.84 13.34
N ASN B 489 1.77 -12.52 12.27
CA ASN B 489 2.14 -12.96 10.92
C ASN B 489 2.36 -11.72 10.06
N GLU B 490 3.43 -11.71 9.28
CA GLU B 490 3.74 -10.56 8.44
C GLU B 490 2.59 -10.12 7.54
N ARG B 491 2.33 -8.83 7.55
CA ARG B 491 1.25 -8.30 6.75
C ARG B 491 1.72 -7.25 5.77
N PRO B 492 0.88 -6.97 4.75
CA PRO B 492 1.21 -5.97 3.72
C PRO B 492 1.29 -4.56 4.31
N ALA B 493 2.24 -3.76 3.85
CA ALA B 493 2.45 -2.39 4.34
C ALA B 493 1.78 -1.30 3.54
N LEU B 494 1.75 -0.08 4.10
CA LEU B 494 1.19 1.09 3.42
C LEU B 494 2.32 1.67 2.57
N ASP B 495 1.97 2.48 1.58
CA ASP B 495 2.98 3.07 0.69
C ASP B 495 4.21 3.66 1.37
N ASN B 496 4.03 4.40 2.45
CA ASN B 496 5.17 4.99 3.16
C ASN B 496 5.90 4.03 4.11
N GLU B 497 5.51 2.77 4.10
CA GLU B 497 6.17 1.80 4.95
C GLU B 497 7.04 0.89 4.10
N ARG B 498 8.32 1.22 4.02
CA ARG B 498 9.26 0.44 3.22
C ARG B 498 10.25 -0.33 4.07
N LEU B 499 10.03 -0.28 5.37
CA LEU B 499 10.85 -1.02 6.33
C LEU B 499 9.99 -2.17 6.83
N LYS B 500 10.54 -3.38 6.80
CA LYS B 500 9.82 -4.54 7.30
C LYS B 500 10.61 -5.23 8.40
N TRP B 501 10.24 -4.96 9.65
CA TRP B 501 10.96 -5.55 10.77
C TRP B 501 10.51 -6.97 11.08
N ARG B 502 11.49 -7.82 11.35
CA ARG B 502 11.23 -9.19 11.79
C ARG B 502 11.97 -9.24 13.12
N ILE B 503 11.21 -9.28 14.21
CA ILE B 503 11.78 -9.27 15.56
C ILE B 503 11.79 -10.63 16.23
N GLN B 504 12.96 -11.06 16.67
CA GLN B 504 13.06 -12.34 17.40
C GLN B 504 12.89 -11.98 18.89
N LEU B 505 11.79 -12.41 19.50
CA LEU B 505 11.52 -12.09 20.91
C LEU B 505 12.27 -12.92 21.91
N SER B 506 12.30 -12.43 23.14
CA SER B 506 12.93 -13.17 24.23
C SER B 506 11.77 -13.84 24.92
N PRO B 507 11.97 -15.07 25.43
CA PRO B 507 10.86 -15.72 26.10
C PRO B 507 10.44 -14.92 27.33
N ASP B 508 11.37 -14.10 27.84
CA ASP B 508 11.11 -13.25 29.01
C ASP B 508 10.36 -11.97 28.68
N THR B 509 10.33 -11.60 27.39
CA THR B 509 9.67 -10.37 26.95
C THR B 509 8.18 -10.32 27.28
N ARG B 510 7.76 -9.24 27.92
CA ARG B 510 6.35 -9.11 28.26
C ARG B 510 5.53 -8.43 27.18
N ALA B 511 4.33 -8.94 26.97
CA ALA B 511 3.44 -8.44 25.94
C ALA B 511 1.98 -8.72 26.26
N GLY B 512 1.11 -8.22 25.39
CA GLY B 512 -0.32 -8.42 25.53
C GLY B 512 -0.95 -8.81 24.19
N TYR B 513 -1.95 -9.67 24.24
CA TYR B 513 -2.61 -10.12 23.02
C TYR B 513 -3.73 -9.20 22.55
N LEU B 514 -3.84 -9.06 21.23
CA LEU B 514 -4.90 -8.24 20.63
C LEU B 514 -5.67 -9.16 19.69
N GLU B 515 -6.99 -8.94 19.59
CA GLU B 515 -7.84 -9.80 18.76
C GLU B 515 -7.57 -9.81 17.26
N ASN B 516 -7.04 -8.71 16.72
CA ASN B 516 -6.77 -8.64 15.30
C ASN B 516 -5.46 -9.32 14.91
N GLY B 517 -4.95 -10.19 15.78
CA GLY B 517 -3.71 -10.89 15.47
C GLY B 517 -2.47 -10.05 15.68
N LYS B 518 -2.51 -9.20 16.69
CA LYS B 518 -1.39 -8.35 17.01
C LYS B 518 -1.01 -8.52 18.47
N LEU B 519 0.22 -8.14 18.80
CA LEU B 519 0.71 -8.18 20.16
C LEU B 519 1.18 -6.79 20.52
N ILE B 520 0.88 -6.35 21.73
CA ILE B 520 1.34 -5.06 22.18
C ILE B 520 2.50 -5.43 23.10
N LEU B 521 3.70 -4.93 22.82
CA LEU B 521 4.85 -5.26 23.65
C LEU B 521 5.11 -4.25 24.76
N GLN B 522 5.87 -4.70 25.75
CA GLN B 522 6.27 -3.87 26.89
C GLN B 522 7.23 -2.78 26.40
N ARG B 523 7.25 -1.63 27.07
CA ARG B 523 8.14 -0.53 26.71
C ARG B 523 9.55 -0.80 27.23
N ASN B 524 10.48 0.07 26.87
CA ASN B 524 11.87 -0.07 27.31
C ASN B 524 12.50 -1.38 26.86
N ILE B 525 12.35 -1.67 25.56
CA ILE B 525 12.88 -2.86 24.90
C ILE B 525 14.21 -2.54 24.19
N GLY B 526 15.16 -3.47 24.28
CA GLY B 526 16.43 -3.27 23.61
C GLY B 526 16.36 -4.07 22.33
N LEU B 527 16.99 -3.60 21.25
CA LEU B 527 16.95 -4.32 19.99
C LEU B 527 18.28 -4.38 19.28
N GLU B 528 18.87 -5.56 19.21
CA GLU B 528 20.14 -5.73 18.53
C GLU B 528 19.81 -6.01 17.05
N ILE B 529 20.48 -5.31 16.15
CA ILE B 529 20.21 -5.53 14.73
C ILE B 529 21.11 -6.63 14.21
N LYS B 530 20.51 -7.62 13.56
CA LYS B 530 21.27 -8.77 13.06
C LYS B 530 21.57 -8.75 11.56
N ASP B 531 20.74 -8.07 10.80
CA ASP B 531 20.91 -8.03 9.37
C ASP B 531 19.97 -6.98 8.79
N VAL B 532 20.44 -6.32 7.75
CA VAL B 532 19.65 -5.31 7.05
C VAL B 532 19.89 -5.54 5.57
N GLN B 533 18.90 -6.09 4.89
CA GLN B 533 19.04 -6.35 3.46
C GLN B 533 17.84 -5.88 2.67
N ILE B 534 17.96 -5.88 1.35
CA ILE B 534 16.85 -5.48 0.48
C ILE B 534 16.13 -6.72 0.02
N ILE B 535 14.83 -6.78 0.23
CA ILE B 535 14.07 -7.95 -0.18
C ILE B 535 12.93 -7.54 -1.08
N LYS B 536 12.30 -8.53 -1.71
CA LYS B 536 11.17 -8.31 -2.59
C LYS B 536 9.98 -9.02 -1.98
N GLN B 537 8.85 -8.33 -1.89
CA GLN B 537 7.67 -8.94 -1.33
C GLN B 537 6.47 -8.41 -2.12
N SER B 538 5.64 -9.32 -2.63
CA SER B 538 4.50 -8.96 -3.46
C SER B 538 4.97 -8.03 -4.57
N GLU B 539 6.15 -8.32 -5.08
CA GLU B 539 6.77 -7.56 -6.16
C GLU B 539 7.18 -6.11 -5.90
N LYS B 540 7.14 -5.67 -4.65
CA LYS B 540 7.61 -4.34 -4.33
C LYS B 540 8.87 -4.55 -3.49
N GLU B 541 9.84 -3.64 -3.55
CA GLU B 541 11.05 -3.81 -2.75
C GLU B 541 10.91 -3.22 -1.34
N TYR B 542 11.52 -3.87 -0.36
CA TYR B 542 11.46 -3.41 1.03
C TYR B 542 12.79 -3.62 1.69
N ILE B 543 12.98 -2.96 2.82
CA ILE B 543 14.21 -3.15 3.57
C ILE B 543 13.81 -4.05 4.74
N ARG B 544 14.41 -5.23 4.80
CA ARG B 544 14.13 -6.18 5.87
C ARG B 544 15.04 -5.89 7.03
N ILE B 545 14.49 -5.77 8.22
CA ILE B 545 15.37 -5.53 9.35
C ILE B 545 15.24 -6.64 10.37
N ASP B 546 16.27 -7.46 10.52
CA ASP B 546 16.21 -8.53 11.49
C ASP B 546 16.79 -8.08 12.82
N ALA B 547 15.96 -8.17 13.85
CA ALA B 547 16.36 -7.76 15.18
C ALA B 547 16.08 -8.82 16.25
N LYS B 548 17.00 -8.93 17.20
CA LYS B 548 16.85 -9.87 18.32
C LYS B 548 16.55 -8.99 19.52
N VAL B 549 15.52 -9.31 20.27
CA VAL B 549 15.21 -8.52 21.46
C VAL B 549 16.27 -8.81 22.48
N VAL B 550 16.73 -7.77 23.16
CA VAL B 550 17.75 -7.94 24.19
C VAL B 550 17.45 -6.97 25.31
N PRO B 551 18.12 -7.12 26.45
CA PRO B 551 17.81 -6.16 27.51
C PRO B 551 18.30 -4.77 27.11
N LYS B 552 17.43 -3.79 27.31
CA LYS B 552 17.71 -2.42 26.99
C LYS B 552 18.97 -1.96 27.71
N SER B 553 19.09 -2.32 28.99
CA SER B 553 20.24 -1.92 29.79
C SER B 553 21.54 -2.23 29.08
N LYS B 554 21.49 -3.24 28.23
CA LYS B 554 22.68 -3.65 27.48
C LYS B 554 23.03 -2.62 26.42
N ILE B 555 21.98 -2.03 25.83
CA ILE B 555 22.17 -1.04 24.80
C ILE B 555 22.54 0.32 25.36
N ASP B 556 21.99 0.62 26.53
CA ASP B 556 22.28 1.88 27.20
C ASP B 556 23.77 1.98 27.52
N THR B 557 24.36 0.94 28.11
CA THR B 557 25.78 1.07 28.45
C THR B 557 26.63 1.29 27.20
N LYS B 558 26.22 0.76 26.05
CA LYS B 558 26.98 0.96 24.81
C LYS B 558 26.97 2.48 24.56
N ILE B 559 25.76 3.05 24.64
CA ILE B 559 25.62 4.48 24.42
C ILE B 559 26.48 5.27 25.42
N GLN B 560 26.36 4.94 26.70
CA GLN B 560 27.14 5.61 27.72
C GLN B 560 28.62 5.57 27.37
N GLU B 561 29.12 4.40 27.02
CA GLU B 561 30.53 4.25 26.68
C GLU B 561 30.90 5.12 25.46
N ALA B 562 29.97 5.22 24.52
CA ALA B 562 30.19 6.03 23.33
C ALA B 562 30.36 7.50 23.75
N GLN B 563 29.49 7.94 24.66
CA GLN B 563 29.53 9.31 25.15
C GLN B 563 30.88 9.59 25.78
N LEU B 564 31.31 8.71 26.68
CA LEU B 564 32.59 8.90 27.31
C LEU B 564 33.67 8.98 26.24
N ASN B 565 33.59 8.07 25.28
CA ASN B 565 34.58 8.03 24.23
C ASN B 565 34.64 9.26 23.32
N ILE B 566 33.48 9.71 22.83
CA ILE B 566 33.44 10.84 21.93
C ILE B 566 33.91 12.11 22.64
N ASN B 567 33.78 12.17 23.95
CA ASN B 567 34.23 13.34 24.72
C ASN B 567 35.73 13.30 24.94
N GLN B 568 36.29 12.10 25.05
CA GLN B 568 37.71 11.93 25.25
C GLN B 568 38.41 12.35 23.97
N GLU B 569 37.88 11.87 22.86
CA GLU B 569 38.42 12.15 21.54
C GLU B 569 38.42 13.65 21.23
N TRP B 570 37.27 14.29 21.44
CA TRP B 570 37.15 15.71 21.12
C TRP B 570 37.73 16.66 22.15
N ASN B 571 37.85 16.22 23.41
CA ASN B 571 38.47 17.10 24.39
C ASN B 571 39.91 17.25 23.92
N LYS B 572 40.43 16.19 23.31
CA LYS B 572 41.80 16.17 22.82
C LYS B 572 41.98 17.04 21.58
N ALA B 573 41.14 16.79 20.58
CA ALA B 573 41.17 17.51 19.31
C ALA B 573 40.94 19.02 19.47
N LEU B 574 40.11 19.40 20.44
CA LEU B 574 39.82 20.81 20.63
C LEU B 574 40.75 21.43 21.69
N GLY B 575 41.62 20.60 22.26
CA GLY B 575 42.54 21.08 23.26
C GLY B 575 41.83 21.55 24.51
N LEU B 576 40.64 21.03 24.75
CA LEU B 576 39.86 21.38 25.93
C LEU B 576 40.44 20.62 27.12
N PRO B 577 40.17 21.10 28.34
CA PRO B 577 40.71 20.38 29.49
C PRO B 577 40.21 18.94 29.48
N LYS B 578 41.05 18.03 29.97
CA LYS B 578 40.69 16.61 30.04
C LYS B 578 39.59 16.50 31.13
N TYR B 579 38.55 15.71 30.84
CA TYR B 579 37.42 15.52 31.76
C TYR B 579 36.28 16.48 31.47
N THR B 580 36.43 17.24 30.38
CA THR B 580 35.40 18.18 29.97
C THR B 580 34.20 17.40 29.49
N LYS B 581 33.01 17.89 29.83
CA LYS B 581 31.76 17.27 29.44
C LYS B 581 31.09 18.17 28.43
N LEU B 582 31.44 17.98 27.16
CA LEU B 582 30.88 18.80 26.09
C LEU B 582 29.78 18.13 25.28
N ILE B 583 29.92 16.84 25.01
CA ILE B 583 28.93 16.15 24.21
C ILE B 583 28.02 15.24 25.02
N THR B 584 26.74 15.27 24.69
CA THR B 584 25.75 14.43 25.36
C THR B 584 24.93 13.63 24.36
N PHE B 585 24.71 12.36 24.67
CA PHE B 585 23.92 11.47 23.83
C PHE B 585 22.65 11.28 24.60
N ASN B 586 21.54 11.72 24.05
CA ASN B 586 20.24 11.57 24.71
C ASN B 586 19.40 10.70 23.78
N VAL B 587 19.84 9.45 23.63
CA VAL B 587 19.21 8.48 22.72
C VAL B 587 18.19 7.55 23.36
N HIS B 588 17.02 7.43 22.75
CA HIS B 588 15.96 6.58 23.32
C HIS B 588 15.09 5.82 22.33
N ASN B 589 15.31 6.03 21.04
CA ASN B 589 14.44 5.41 20.05
C ASN B 589 14.99 4.41 19.06
N ARG B 590 14.14 4.03 18.11
CA ARG B 590 14.47 3.00 17.12
C ARG B 590 15.69 3.07 16.20
N TYR B 591 16.47 4.14 16.25
CA TYR B 591 17.69 4.27 15.42
C TYR B 591 18.83 4.72 16.34
N ALA B 592 18.80 4.26 17.60
CA ALA B 592 19.79 4.67 18.59
C ALA B 592 21.19 4.68 18.06
N SER B 593 21.64 3.51 17.58
CA SER B 593 22.99 3.37 17.08
C SER B 593 23.36 4.45 16.07
N ASN B 594 22.47 4.77 15.13
CA ASN B 594 22.84 5.77 14.17
C ASN B 594 22.95 7.18 14.73
N ILE B 595 22.14 7.50 15.74
CA ILE B 595 22.25 8.83 16.30
C ILE B 595 23.67 8.96 16.84
N VAL B 596 24.09 7.96 17.59
CA VAL B 596 25.42 7.92 18.20
C VAL B 596 26.55 8.03 17.19
N GLU B 597 26.65 7.04 16.32
CA GLU B 597 27.70 7.02 15.31
C GLU B 597 27.74 8.25 14.41
N SER B 598 26.58 8.78 14.07
CA SER B 598 26.57 9.95 13.21
C SER B 598 27.19 11.19 13.88
N ALA B 599 27.11 11.30 15.20
CA ALA B 599 27.68 12.46 15.88
C ALA B 599 29.18 12.56 15.63
N TYR B 600 29.83 11.41 15.47
CA TYR B 600 31.26 11.41 15.21
C TYR B 600 31.49 12.01 13.85
N LEU B 601 30.66 11.61 12.89
CA LEU B 601 30.76 12.08 11.52
C LEU B 601 30.44 13.56 11.40
N ILE B 602 29.38 13.99 12.09
CA ILE B 602 28.95 15.39 12.10
C ILE B 602 30.06 16.29 12.63
N LEU B 603 30.60 15.99 13.81
CA LEU B 603 31.65 16.81 14.35
C LEU B 603 32.86 16.81 13.44
N ASN B 604 33.04 15.75 12.65
CA ASN B 604 34.17 15.70 11.70
C ASN B 604 33.97 16.76 10.64
N GLU B 605 32.78 16.75 10.01
CA GLU B 605 32.44 17.74 8.99
C GLU B 605 32.73 19.13 9.55
N TRP B 606 32.21 19.36 10.75
CA TRP B 606 32.36 20.61 11.49
C TRP B 606 33.83 21.04 11.59
N LYS B 607 34.66 20.16 12.13
CA LYS B 607 36.07 20.44 12.29
C LYS B 607 36.79 20.60 10.95
N ASN B 608 36.31 19.89 9.94
CA ASN B 608 36.91 19.93 8.61
C ASN B 608 36.51 21.13 7.78
N ASN B 609 35.42 21.80 8.15
CA ASN B 609 34.94 22.95 7.38
C ASN B 609 34.99 24.31 8.06
N ILE B 610 35.66 24.40 9.20
CA ILE B 610 35.73 25.67 9.88
C ILE B 610 37.09 25.81 10.54
N GLN B 611 37.63 27.02 10.54
CA GLN B 611 38.93 27.29 11.12
C GLN B 611 39.03 26.89 12.58
N SER B 612 40.09 26.17 12.92
CA SER B 612 40.34 25.70 14.28
C SER B 612 40.06 26.72 15.39
N ASP B 613 40.76 27.84 15.33
CA ASP B 613 40.60 28.89 16.35
C ASP B 613 39.16 29.34 16.49
N LEU B 614 38.40 29.29 15.41
CA LEU B 614 37.01 29.71 15.49
C LEU B 614 36.32 28.68 16.39
N ILE B 615 36.60 27.41 16.09
CA ILE B 615 36.07 26.29 16.86
C ILE B 615 36.52 26.40 18.32
N LYS B 616 37.83 26.42 18.53
CA LYS B 616 38.37 26.54 19.89
C LYS B 616 37.74 27.70 20.65
N LYS B 617 37.97 28.92 20.16
CA LYS B 617 37.44 30.10 20.82
C LYS B 617 35.95 29.97 21.15
N VAL B 618 35.14 29.70 20.13
CA VAL B 618 33.70 29.58 20.34
C VAL B 618 33.29 28.49 21.33
N THR B 619 33.78 27.28 21.13
CA THR B 619 33.44 26.16 21.99
C THR B 619 33.80 26.42 23.45
N ASN B 620 34.98 26.99 23.69
CA ASN B 620 35.41 27.32 25.04
C ASN B 620 34.38 28.21 25.69
N TYR B 621 33.92 29.20 24.93
CA TYR B 621 32.90 30.11 25.41
C TYR B 621 31.72 29.27 25.88
N LEU B 622 31.32 28.32 25.03
CA LEU B 622 30.20 27.43 25.33
C LEU B 622 30.51 26.62 26.58
N VAL B 623 31.72 26.07 26.63
CA VAL B 623 32.13 25.28 27.79
C VAL B 623 32.08 26.12 29.06
N ASP B 624 32.61 27.34 29.01
CA ASP B 624 32.60 28.23 30.17
C ASP B 624 31.19 28.49 30.70
N GLY B 625 30.18 28.14 29.90
CA GLY B 625 28.80 28.33 30.33
C GLY B 625 28.20 26.96 30.57
N ASN B 626 29.06 25.98 30.79
CA ASN B 626 28.64 24.62 31.03
C ASN B 626 27.66 24.20 29.94
N GLY B 627 27.96 24.62 28.71
CA GLY B 627 27.12 24.28 27.58
C GLY B 627 27.32 22.85 27.13
N ARG B 628 26.46 22.40 26.24
CA ARG B 628 26.55 21.05 25.72
C ARG B 628 26.17 20.97 24.25
N PHE B 629 26.75 19.98 23.56
CA PHE B 629 26.40 19.68 22.17
C PHE B 629 25.53 18.45 22.42
N VAL B 630 24.22 18.59 22.28
CA VAL B 630 23.33 17.48 22.53
C VAL B 630 22.85 16.79 21.25
N PHE B 631 23.15 15.50 21.12
CA PHE B 631 22.69 14.72 19.99
C PHE B 631 21.61 13.79 20.51
N THR B 632 20.38 13.95 20.01
CA THR B 632 19.27 13.15 20.52
C THR B 632 18.26 12.71 19.48
N ASP B 633 17.37 11.83 19.91
CA ASP B 633 16.30 11.33 19.07
C ASP B 633 14.97 11.50 19.77
N ILE B 634 14.92 12.31 20.83
CA ILE B 634 13.63 12.61 21.47
C ILE B 634 13.43 14.07 21.08
N THR B 635 12.19 14.55 21.03
CA THR B 635 11.96 15.93 20.63
C THR B 635 12.57 16.96 21.57
N LEU B 636 13.15 17.99 20.96
CA LEU B 636 13.81 19.09 21.64
C LEU B 636 13.05 19.70 22.82
N PRO B 637 11.71 19.78 22.72
CA PRO B 637 10.97 20.35 23.84
C PRO B 637 11.22 19.59 25.13
N ASN B 638 11.76 18.37 25.00
CA ASN B 638 12.02 17.52 26.15
C ASN B 638 13.47 17.38 26.59
N ILE B 639 14.32 18.28 26.11
CA ILE B 639 15.72 18.26 26.53
C ILE B 639 15.90 19.40 27.55
N ALA B 640 16.42 19.06 28.73
CA ALA B 640 16.62 20.05 29.80
C ALA B 640 17.32 21.32 29.32
N GLU B 641 18.37 21.15 28.52
CA GLU B 641 19.08 22.30 27.99
C GLU B 641 18.12 23.31 27.36
N GLN B 642 16.91 22.87 27.00
CA GLN B 642 15.96 23.82 26.46
C GLN B 642 14.90 24.18 27.49
N TYR B 643 14.19 23.18 28.00
CA TYR B 643 13.12 23.43 28.96
C TYR B 643 13.45 24.02 30.34
N THR B 644 14.67 23.81 30.85
CA THR B 644 14.97 24.39 32.17
C THR B 644 15.16 25.90 32.04
N HIS B 645 15.18 26.39 30.80
CA HIS B 645 15.36 27.81 30.53
C HIS B 645 14.15 28.51 29.87
N GLN B 646 12.98 27.91 30.00
CA GLN B 646 11.76 28.49 29.42
C GLN B 646 10.91 29.15 30.51
N ASP B 647 10.43 30.36 30.22
CA ASP B 647 9.59 31.06 31.19
C ASP B 647 8.25 30.33 31.21
N GLU B 648 7.84 29.85 30.05
CA GLU B 648 6.59 29.14 29.93
C GLU B 648 6.76 27.87 29.12
N ILE B 649 5.83 26.94 29.30
CA ILE B 649 5.86 25.67 28.59
C ILE B 649 5.66 25.89 27.10
N TYR B 650 4.57 26.57 26.75
CA TYR B 650 4.23 26.84 25.35
C TYR B 650 5.33 27.55 24.56
N GLU B 651 6.38 28.00 25.25
CA GLU B 651 7.49 28.66 24.58
C GLU B 651 8.45 27.67 23.92
N GLN B 652 8.22 26.38 24.17
CA GLN B 652 9.02 25.30 23.60
C GLN B 652 9.19 25.31 22.09
N VAL B 653 10.24 24.67 21.63
CA VAL B 653 10.52 24.60 20.20
C VAL B 653 11.04 23.24 19.81
N HIS B 654 10.58 22.76 18.66
CA HIS B 654 11.05 21.48 18.14
C HIS B 654 11.42 21.65 16.69
N SER B 655 12.61 21.18 16.32
CA SER B 655 13.06 21.27 14.95
C SER B 655 14.36 20.53 14.81
N LYS B 656 14.93 20.57 13.62
CA LYS B 656 16.17 19.89 13.32
C LYS B 656 17.24 20.22 14.33
N GLY B 657 17.35 21.50 14.67
CA GLY B 657 18.36 21.87 15.64
C GLY B 657 17.95 23.10 16.41
N LEU B 658 18.78 23.48 17.37
CA LEU B 658 18.47 24.66 18.16
C LEU B 658 19.67 25.07 18.98
N TYR B 659 19.79 26.38 19.18
CA TYR B 659 20.85 26.94 20.01
C TYR B 659 20.17 27.66 21.14
N VAL B 660 20.57 27.36 22.36
CA VAL B 660 19.96 28.02 23.51
C VAL B 660 21.05 28.83 24.19
N PRO B 661 20.94 30.17 24.11
CA PRO B 661 21.94 31.06 24.73
C PRO B 661 22.07 30.83 26.21
N GLU B 662 20.93 30.81 26.90
CA GLU B 662 20.90 30.62 28.35
C GLU B 662 21.70 29.41 28.78
N SER B 663 21.62 28.34 28.01
CA SER B 663 22.36 27.14 28.32
C SER B 663 23.58 26.97 27.41
N ARG B 664 23.78 27.92 26.50
CA ARG B 664 24.89 27.86 25.55
C ARG B 664 25.05 26.46 24.98
N SER B 665 23.96 25.90 24.47
CA SER B 665 23.99 24.55 23.93
C SER B 665 23.39 24.39 22.56
N ILE B 666 23.98 23.51 21.78
CA ILE B 666 23.49 23.20 20.45
C ILE B 666 22.72 21.88 20.58
N LEU B 667 21.48 21.86 20.12
CA LEU B 667 20.69 20.62 20.17
C LEU B 667 20.47 20.13 18.74
N LEU B 668 20.69 18.84 18.50
CA LEU B 668 20.50 18.30 17.16
C LEU B 668 19.56 17.11 17.16
N HIS B 669 18.38 17.28 16.57
CA HIS B 669 17.40 16.19 16.52
C HIS B 669 17.70 15.32 15.32
N GLY B 670 17.92 14.03 15.57
CA GLY B 670 18.24 13.12 14.49
C GLY B 670 17.18 12.85 13.44
N PRO B 671 16.14 12.11 13.78
CA PRO B 671 15.02 11.72 12.91
C PRO B 671 14.47 12.77 11.93
N SER B 672 14.38 14.01 12.34
CA SER B 672 13.83 15.01 11.42
C SER B 672 14.75 15.48 10.30
N LYS B 673 14.11 16.12 9.33
CA LYS B 673 14.78 16.66 8.15
C LYS B 673 14.73 18.18 8.23
N GLY B 674 15.90 18.81 8.23
CA GLY B 674 15.98 20.26 8.30
C GLY B 674 15.43 20.89 7.05
N VAL B 675 14.74 22.01 7.18
CA VAL B 675 14.15 22.66 6.03
C VAL B 675 15.17 23.07 4.98
N GLU B 676 15.53 22.03 4.24
CA GLU B 676 16.45 22.04 3.13
C GLU B 676 17.88 22.16 3.57
N LEU B 677 18.28 21.05 4.17
CA LEU B 677 19.61 20.78 4.67
C LEU B 677 19.75 19.30 4.33
N ARG B 678 20.64 18.99 3.39
CA ARG B 678 20.85 17.62 2.97
C ARG B 678 21.51 16.74 4.04
N ASN B 679 22.30 17.36 4.90
CA ASN B 679 23.00 16.64 5.96
C ASN B 679 22.60 17.14 7.32
N ASP B 680 22.97 16.38 8.34
CA ASP B 680 22.72 16.78 9.70
C ASP B 680 23.87 17.72 9.99
N SER B 681 24.98 17.55 9.29
CA SER B 681 26.14 18.40 9.47
C SER B 681 25.75 19.84 9.19
N GLU B 682 24.97 20.04 8.13
CA GLU B 682 24.57 21.38 7.78
C GLU B 682 23.70 21.93 8.90
N GLY B 683 22.81 21.10 9.42
CA GLY B 683 21.97 21.54 10.52
C GLY B 683 22.80 21.94 11.74
N PHE B 684 23.87 21.20 12.02
CA PHE B 684 24.73 21.48 13.16
C PHE B 684 25.52 22.77 12.93
N ILE B 685 26.12 22.88 11.75
CA ILE B 685 26.91 24.06 11.43
C ILE B 685 26.03 25.30 11.49
N HIS B 686 24.82 25.19 10.96
CA HIS B 686 23.90 26.30 11.01
C HIS B 686 23.77 26.74 12.47
N GLU B 687 23.54 25.79 13.37
CA GLU B 687 23.39 26.10 14.79
C GLU B 687 24.66 26.73 15.37
N PHE B 688 25.81 26.17 15.02
CA PHE B 688 27.07 26.70 15.49
C PHE B 688 27.09 28.17 15.05
N GLY B 689 26.39 28.46 13.97
CA GLY B 689 26.33 29.82 13.48
C GLY B 689 25.75 30.72 14.56
N HIS B 690 24.63 30.27 15.14
CA HIS B 690 23.98 31.02 16.20
C HIS B 690 24.92 31.18 17.38
N ALA B 691 25.87 30.26 17.51
CA ALA B 691 26.83 30.35 18.61
C ALA B 691 27.91 31.40 18.29
N VAL B 692 28.25 31.53 17.01
CA VAL B 692 29.26 32.51 16.60
C VAL B 692 28.65 33.88 16.86
N ASP B 693 27.39 34.01 16.47
CA ASP B 693 26.63 35.24 16.66
C ASP B 693 26.64 35.64 18.14
N ASP B 694 26.42 34.68 19.04
CA ASP B 694 26.40 34.93 20.48
C ASP B 694 27.77 35.34 21.02
N TYR B 695 28.81 34.63 20.61
CA TYR B 695 30.15 34.94 21.10
C TYR B 695 30.70 36.25 20.57
N ALA B 696 30.43 36.56 19.31
CA ALA B 696 30.91 37.81 18.73
C ALA B 696 30.26 38.99 19.46
N GLY B 697 28.98 38.85 19.77
CA GLY B 697 28.28 39.90 20.46
C GLY B 697 28.78 40.09 21.87
N TYR B 698 29.11 38.98 22.53
CA TYR B 698 29.60 39.05 23.90
C TYR B 698 30.97 39.69 23.91
N LEU B 699 31.77 39.40 22.90
CA LEU B 699 33.11 39.99 22.80
C LEU B 699 33.04 41.50 22.71
N LEU B 700 31.86 42.02 22.37
CA LEU B 700 31.67 43.46 22.29
C LEU B 700 31.59 44.00 23.72
N ASP B 701 30.47 44.63 24.10
CA ASP B 701 30.38 45.14 25.47
C ASP B 701 30.02 43.98 26.40
N LYS B 702 31.01 43.13 26.64
CA LYS B 702 30.89 41.94 27.46
C LYS B 702 29.78 41.85 28.48
N ASN B 703 29.46 42.93 29.22
CA ASN B 703 28.39 42.73 30.19
C ASN B 703 26.96 42.93 29.72
N GLN B 704 26.78 43.24 28.44
CA GLN B 704 25.44 43.28 27.89
C GLN B 704 25.57 42.26 26.77
N SER B 705 25.34 41.00 27.11
CA SER B 705 25.43 39.96 26.10
C SER B 705 24.24 40.11 25.18
N ASP B 706 24.52 40.50 23.96
CA ASP B 706 23.50 40.68 22.96
C ASP B 706 24.04 40.03 21.71
N LEU B 707 23.19 39.85 20.70
CA LEU B 707 23.62 39.22 19.46
C LEU B 707 24.20 40.19 18.47
N VAL B 708 25.32 39.80 17.87
CA VAL B 708 25.98 40.65 16.89
C VAL B 708 25.05 40.91 15.72
N THR B 709 23.89 40.25 15.69
CA THR B 709 22.94 40.48 14.61
C THR B 709 21.91 41.53 15.02
N ASN B 710 21.98 41.96 16.29
CA ASN B 710 21.07 43.00 16.77
C ASN B 710 21.77 44.29 16.37
N SER B 711 23.01 44.13 15.94
CA SER B 711 23.83 45.23 15.49
C SER B 711 23.11 46.02 14.41
N LYS B 712 23.28 47.34 14.44
CA LYS B 712 22.67 48.23 13.48
C LYS B 712 23.29 47.93 12.11
N LYS B 713 24.61 47.76 12.10
CA LYS B 713 25.33 47.46 10.88
C LYS B 713 24.76 46.24 10.16
N PHE B 714 24.38 45.21 10.92
CA PHE B 714 23.84 43.99 10.32
C PHE B 714 22.37 44.14 9.94
N ILE B 715 21.57 44.74 10.81
CA ILE B 715 20.14 44.93 10.54
C ILE B 715 19.91 45.48 9.15
N ASP B 716 20.76 46.43 8.74
CA ASP B 716 20.67 47.04 7.43
C ASP B 716 21.10 46.01 6.39
N ILE B 717 22.27 45.41 6.61
CA ILE B 717 22.77 44.39 5.69
C ILE B 717 21.61 43.44 5.39
N PHE B 718 20.92 43.04 6.46
CA PHE B 718 19.80 42.12 6.34
C PHE B 718 18.74 42.71 5.42
N LYS B 719 18.34 43.93 5.71
CA LYS B 719 17.32 44.59 4.88
C LYS B 719 17.71 44.50 3.41
N GLU B 720 18.99 44.63 3.13
CA GLU B 720 19.48 44.60 1.75
C GLU B 720 19.59 43.20 1.13
N GLU B 721 20.37 42.31 1.73
CA GLU B 721 20.54 40.97 1.16
C GLU B 721 19.65 39.88 1.78
N GLY B 722 18.85 40.28 2.77
CA GLY B 722 17.96 39.37 3.48
C GLY B 722 17.36 38.19 2.75
N SER B 723 17.12 38.33 1.46
CA SER B 723 16.52 37.23 0.71
C SER B 723 17.32 36.76 -0.48
N ASN B 724 18.64 36.91 -0.41
CA ASN B 724 19.53 36.50 -1.50
C ASN B 724 20.10 35.11 -1.28
N LEU B 725 19.68 34.47 -0.19
CA LEU B 725 20.15 33.13 0.14
C LEU B 725 18.97 32.17 0.28
N THR B 726 19.03 31.28 1.26
CA THR B 726 17.93 30.35 1.47
C THR B 726 16.73 31.14 1.95
N SER B 727 15.54 30.65 1.68
CA SER B 727 14.33 31.34 2.11
C SER B 727 14.23 31.25 3.63
N TYR B 728 14.76 30.17 4.20
CA TYR B 728 14.72 30.00 5.62
C TYR B 728 15.49 31.13 6.28
N GLY B 729 16.54 31.58 5.58
CA GLY B 729 17.35 32.66 6.12
C GLY B 729 16.59 33.96 6.13
N ARG B 730 15.66 34.09 5.19
CA ARG B 730 14.85 35.30 5.07
C ARG B 730 13.94 35.50 6.29
N THR B 731 13.93 34.53 7.20
CA THR B 731 13.10 34.58 8.40
C THR B 731 13.42 35.80 9.27
N ASN B 732 14.70 36.12 9.42
CA ASN B 732 15.14 37.25 10.22
C ASN B 732 16.68 37.36 10.24
N GLU B 733 17.19 38.33 10.96
CA GLU B 733 18.63 38.53 11.04
C GLU B 733 19.38 37.30 11.55
N ALA B 734 19.00 36.82 12.73
CA ALA B 734 19.66 35.66 13.33
C ALA B 734 19.71 34.49 12.36
N GLU B 735 18.56 34.15 11.79
CA GLU B 735 18.49 33.03 10.87
C GLU B 735 19.30 33.28 9.59
N PHE B 736 19.29 34.52 9.12
CA PHE B 736 20.02 34.86 7.91
C PHE B 736 21.51 34.64 8.21
N PHE B 737 21.96 35.20 9.32
CA PHE B 737 23.35 35.07 9.72
C PHE B 737 23.74 33.59 9.78
N ALA B 738 22.93 32.78 10.47
CA ALA B 738 23.22 31.37 10.61
C ALA B 738 23.20 30.65 9.27
N GLU B 739 22.25 31.01 8.42
CA GLU B 739 22.15 30.40 7.10
C GLU B 739 23.36 30.76 6.26
N ALA B 740 23.77 32.03 6.34
CA ALA B 740 24.90 32.49 5.57
C ALA B 740 26.17 31.82 6.05
N PHE B 741 26.31 31.76 7.36
CA PHE B 741 27.48 31.13 7.96
C PHE B 741 27.55 29.69 7.47
N ARG B 742 26.42 28.99 7.56
CA ARG B 742 26.33 27.59 7.17
C ARG B 742 26.81 27.37 5.74
N LEU B 743 26.23 28.13 4.82
CA LEU B 743 26.59 28.04 3.42
C LEU B 743 28.04 28.47 3.20
N MET B 744 28.51 29.45 3.94
CA MET B 744 29.89 29.89 3.78
C MET B 744 30.86 28.82 4.22
N HIS B 745 30.35 27.83 4.95
CA HIS B 745 31.18 26.75 5.47
C HIS B 745 30.71 25.40 5.01
N SER B 746 30.01 25.40 3.88
CA SER B 746 29.51 24.18 3.30
C SER B 746 30.67 23.37 2.75
N THR B 747 30.45 22.07 2.56
CA THR B 747 31.48 21.20 2.01
C THR B 747 31.50 21.43 0.51
N ASP B 748 30.33 21.77 -0.03
CA ASP B 748 30.20 22.06 -1.43
C ASP B 748 30.74 23.47 -1.58
N HIS B 749 31.84 23.63 -2.29
CA HIS B 749 32.43 24.94 -2.46
C HIS B 749 31.57 25.90 -3.28
N ALA B 750 30.79 25.37 -4.22
CA ALA B 750 29.92 26.20 -5.05
C ALA B 750 28.99 27.01 -4.18
N GLU B 751 28.47 26.37 -3.14
CA GLU B 751 27.56 27.02 -2.21
C GLU B 751 28.21 28.20 -1.50
N ARG B 752 29.52 28.12 -1.29
CA ARG B 752 30.22 29.21 -0.61
C ARG B 752 30.38 30.36 -1.61
N LEU B 753 30.60 30.01 -2.87
CA LEU B 753 30.77 31.02 -3.89
C LEU B 753 29.46 31.78 -4.07
N LYS B 754 28.35 31.07 -3.93
CA LYS B 754 27.03 31.69 -4.07
C LYS B 754 26.83 32.79 -3.05
N VAL B 755 27.32 32.58 -1.83
CA VAL B 755 27.14 33.60 -0.82
C VAL B 755 27.90 34.86 -1.19
N GLN B 756 29.18 34.69 -1.49
CA GLN B 756 30.04 35.82 -1.85
C GLN B 756 29.52 36.64 -3.02
N LYS B 757 28.97 35.97 -4.03
CA LYS B 757 28.44 36.68 -5.18
C LYS B 757 26.91 36.76 -5.17
N ASN B 758 26.33 37.00 -4.01
CA ASN B 758 24.88 37.10 -3.89
C ASN B 758 24.50 37.78 -2.59
N ALA B 759 25.44 37.80 -1.67
CA ALA B 759 25.24 38.42 -0.37
C ALA B 759 26.56 38.98 0.14
N PRO B 760 27.29 39.72 -0.72
CA PRO B 760 28.58 40.34 -0.40
C PRO B 760 28.65 41.06 0.95
N LYS B 761 27.72 41.97 1.18
CA LYS B 761 27.70 42.70 2.44
C LYS B 761 27.75 41.70 3.60
N THR B 762 26.94 40.66 3.50
CA THR B 762 26.87 39.61 4.53
C THR B 762 28.17 38.81 4.61
N PHE B 763 28.56 38.23 3.48
CA PHE B 763 29.77 37.44 3.39
C PHE B 763 30.94 38.10 4.13
N GLN B 764 31.09 39.39 3.92
CA GLN B 764 32.17 40.11 4.57
C GLN B 764 31.88 40.31 6.06
N PHE B 765 30.66 40.72 6.37
CA PHE B 765 30.29 40.96 7.77
C PHE B 765 30.63 39.75 8.63
N ILE B 766 30.28 38.57 8.14
CA ILE B 766 30.53 37.32 8.81
C ILE B 766 32.04 37.08 8.95
N ASN B 767 32.75 37.08 7.83
CA ASN B 767 34.17 36.87 7.86
C ASN B 767 34.89 37.83 8.81
N ASP B 768 34.29 39.00 9.05
CA ASP B 768 34.88 39.95 9.96
C ASP B 768 34.70 39.45 11.37
N GLN B 769 33.48 39.01 11.68
CA GLN B 769 33.19 38.48 13.00
C GLN B 769 34.16 37.34 13.27
N ILE B 770 34.42 36.53 12.26
CA ILE B 770 35.34 35.42 12.43
C ILE B 770 36.72 35.94 12.80
N LYS B 771 37.26 36.84 12.00
CA LYS B 771 38.57 37.40 12.30
C LYS B 771 38.55 38.05 13.69
N PHE B 772 37.45 38.71 14.03
CA PHE B 772 37.31 39.35 15.33
C PHE B 772 37.61 38.31 16.42
N ILE B 773 36.85 37.22 16.39
CA ILE B 773 37.00 36.14 17.36
C ILE B 773 38.37 35.47 17.31
N ILE B 774 38.83 35.14 16.11
CA ILE B 774 40.12 34.47 15.94
C ILE B 774 41.31 35.33 16.38
N ASN B 775 41.27 36.61 16.05
CA ASN B 775 42.37 37.52 16.39
C ASN B 775 42.30 38.15 17.78
N SER B 776 41.30 37.77 18.57
CA SER B 776 41.18 38.30 19.92
C SER B 776 41.70 37.24 20.90
#